data_1TTT
#
_entry.id   1TTT
#
_cell.length_a   206.835
_cell.length_b   122.354
_cell.length_c   151.552
_cell.angle_alpha   90.00
_cell.angle_beta   126.30
_cell.angle_gamma   90.00
#
_symmetry.space_group_name_H-M   'C 1 2 1'
#
loop_
_entity.id
_entity.type
_entity.pdbx_description
1 polymer 'TRANSFER RIBONUCLEIC ACID (YEAST, PHE)'
2 polymer 'OF ELONGATION FACTOR TU (EF-TU)'
3 non-polymer 'MAGNESIUM ION'
4 non-polymer PHENYLALANINE
5 non-polymer 'PHOSPHOAMINOPHOSPHONIC ACID-GUANYLATE ESTER'
6 water water
#
loop_
_entity_poly.entity_id
_entity_poly.type
_entity_poly.pdbx_seq_one_letter_code
_entity_poly.pdbx_strand_id
1 'polyribonucleotide'
;GCGGAUUUA(2MG)CUCAG(H2U)(H2U)GGGAGAGC(M2G)CCAGA(OMC)U(OMG)AA(YYG)A(PSU)(5MC)UGGA
G(7MG)UC(5MC)UGUG(5MU)(PSU)CG(1MA)UCCACAGAAUUCGCACCA
;
D,E,F
2 'polypeptide(L)'
;AKGEFIRTKPHVNVGTIGHVDHGKTTLTAALTYVAAAENPNVEVKDYGDIDKAPEERARGITINTAHVEYETAKRHYSHV
DCPGHADYIKNMITGAAQMDGAILVVSAADGPMPQTREHILLARQVGVPYIVVFMNKVDMVDDPELLDLVEMEVRDLLNQ
YEFPGDEVPVIRGSALLALEEMHKNPKTKRGENEWVDKIWELLDAIDEYIPTPVRDVDKPFLMPVEDVFTITGRGTVATG
RIERGKVKVGDEVEIVGLAPETRKTVVTGVEMHRKTLQEGIAGDNVGLLLRGVSREEVERGQVLAKPGSITPHTKFEASV
YILKKEEGGRHTGFFTGYRPQFYFRTTDVTGVVRLPQGVEMVMPGDNVTFTVELIKPVALEEGLRFAIREGGRTVGAGVV
TKILE
;
A,B,C
#
loop_
_chem_comp.id
_chem_comp.type
_chem_comp.name
_chem_comp.formula
1MA RNA linking 6-HYDRO-1-METHYLADENOSINE-5'-MONOPHOSPHATE 'C11 H16 N5 O7 P'
2MG RNA linking 2N-METHYLGUANOSINE-5'-MONOPHOSPHATE 'C11 H16 N5 O8 P'
5MC RNA linking 5-METHYLCYTIDINE-5'-MONOPHOSPHATE 'C10 H16 N3 O8 P'
5MU RNA linking '5-METHYLURIDINE 5'-MONOPHOSPHATE' 'C10 H15 N2 O9 P'
7MG RNA linking 7N-METHYL-8-HYDROGUANOSINE-5'-MONOPHOSPHATE 'C11 H18 N5 O8 P'
A RNA linking ADENOSINE-5'-MONOPHOSPHATE 'C10 H14 N5 O7 P'
C RNA linking CYTIDINE-5'-MONOPHOSPHATE 'C9 H14 N3 O8 P'
G RNA linking GUANOSINE-5'-MONOPHOSPHATE 'C10 H14 N5 O8 P'
GNP non-polymer 'PHOSPHOAMINOPHOSPHONIC ACID-GUANYLATE ESTER' 'C10 H17 N6 O13 P3'
H2U RNA linking 5,6-DIHYDROURIDINE-5'-MONOPHOSPHATE 'C9 H15 N2 O9 P'
M2G RNA linking N2-DIMETHYLGUANOSINE-5'-MONOPHOSPHATE 'C12 H18 N5 O8 P'
MG non-polymer 'MAGNESIUM ION' 'Mg 2'
OMC RNA linking O2'-METHYLYCYTIDINE-5'-MONOPHOSPHATE 'C10 H16 N3 O8 P'
OMG RNA linking O2'-METHYLGUANOSINE-5'-MONOPHOSPHATE 'C11 H16 N5 O8 P'
PSU RNA linking PSEUDOURIDINE-5'-MONOPHOSPHATE 'C9 H13 N2 O9 P'
U RNA linking URIDINE-5'-MONOPHOSPHATE 'C9 H13 N2 O9 P'
YYG RNA linking '4-(3-[5-O-PHOSPHONORIBOFURANOSYL]-4,6-DIMETHYL-8-OXO-4,8-DIHYDRO-3H-1,3,4,5,7A-PENTAAZA-S-INDACEN-YLAMINO-BUTYRIC ACID METHYL ESTER' 'C21 H29 N6 O12 P'
#
# COMPACT_ATOMS: atom_id res chain seq x y z
P 2MG A 10 3.82 -23.08 23.94
OP1 2MG A 10 5.08 -23.51 24.63
OP2 2MG A 10 2.97 -21.97 24.48
O5' 2MG A 10 4.18 -22.55 22.48
C5' 2MG A 10 5.41 -21.84 22.22
C4' 2MG A 10 5.82 -22.16 20.81
O4' 2MG A 10 6.61 -23.38 20.78
C3' 2MG A 10 4.65 -22.46 19.88
O3' 2MG A 10 4.06 -21.28 19.35
C2' 2MG A 10 5.34 -23.28 18.79
O2' 2MG A 10 6.16 -22.38 18.08
C1' 2MG A 10 6.29 -24.14 19.62
N9 2MG A 10 5.58 -25.34 20.04
C8 2MG A 10 5.11 -25.61 21.29
N7 2MG A 10 4.47 -26.75 21.37
C5 2MG A 10 4.52 -27.26 20.08
C6 2MG A 10 4.02 -28.49 19.55
O6 2MG A 10 3.38 -29.37 20.12
N1 2MG A 10 4.27 -28.59 18.18
C2 2MG A 10 4.96 -27.67 17.43
N2 2MG A 10 5.11 -27.97 16.14
CM2 2MG A 10 5.82 -27.03 15.30
N3 2MG A 10 5.45 -26.54 17.92
C4 2MG A 10 5.20 -26.40 19.24
P H2U A 16 -17.96 -30.75 24.83
OP1 H2U A 16 -19.09 -31.70 24.63
OP2 H2U A 16 -17.87 -29.50 24.05
O5' H2U A 16 -18.00 -30.36 26.36
C5' H2U A 16 -17.22 -31.10 27.31
C4' H2U A 16 -17.37 -30.41 28.63
O4' H2U A 16 -16.12 -29.75 28.97
C3' H2U A 16 -18.44 -29.33 28.56
O3' H2U A 16 -19.20 -29.20 29.74
C1' H2U A 16 -16.33 -28.36 29.10
C2' H2U A 16 -17.64 -28.06 28.34
O2' H2U A 16 -18.36 -26.99 28.92
N1 H2U A 16 -15.35 -27.48 28.46
C2 H2U A 16 -14.03 -27.39 28.87
O2 H2U A 16 -13.43 -28.46 29.08
N3 H2U A 16 -13.33 -26.34 28.33
C4 H2U A 16 -13.71 -25.72 27.15
O4 H2U A 16 -13.17 -24.66 26.78
C5 H2U A 16 -15.15 -25.91 26.75
C6 H2U A 16 -15.85 -26.19 28.04
P H2U A 17 -18.85 -30.14 30.99
OP1 H2U A 17 -17.53 -29.66 31.49
OP2 H2U A 17 -19.01 -31.56 30.58
O5' H2U A 17 -20.01 -29.83 32.01
C5' H2U A 17 -19.77 -28.93 33.10
C4' H2U A 17 -20.18 -27.56 32.67
O4' H2U A 17 -20.70 -27.64 31.31
C3' H2U A 17 -21.32 -27.01 33.50
O3' H2U A 17 -21.12 -25.61 33.45
C1' H2U A 17 -22.05 -27.23 31.29
C2' H2U A 17 -22.55 -27.44 32.72
O2' H2U A 17 -23.73 -26.69 32.89
N1 H2U A 17 -22.76 -27.87 30.19
C2 H2U A 17 -23.09 -29.20 30.37
O2 H2U A 17 -23.79 -29.54 31.34
N3 H2U A 17 -22.79 -30.13 29.40
C4 H2U A 17 -22.31 -29.71 28.18
O4 H2U A 17 -21.22 -30.18 27.78
C5 H2U A 17 -22.66 -28.32 27.77
C6 H2U A 17 -22.34 -27.37 28.88
P M2G A 26 6.61 -34.67 13.56
OP1 M2G A 26 7.78 -35.14 12.80
OP2 M2G A 26 5.95 -35.60 14.51
O5' M2G A 26 6.96 -33.30 14.32
C5' M2G A 26 7.54 -32.19 13.62
C4' M2G A 26 7.67 -31.07 14.62
O4' M2G A 26 6.36 -30.81 15.15
C3' M2G A 26 8.49 -31.43 15.84
O3' M2G A 26 9.88 -31.37 15.69
C2' M2G A 26 7.96 -30.46 16.87
O2' M2G A 26 8.66 -29.23 16.71
C1' M2G A 26 6.47 -30.49 16.52
N9 M2G A 26 6.03 -31.53 17.45
C8 M2G A 26 5.44 -32.74 17.20
N7 M2G A 26 5.16 -33.40 18.30
C5 M2G A 26 5.69 -32.62 19.31
C6 M2G A 26 5.75 -32.83 20.71
O6 M2G A 26 5.31 -33.79 21.37
N1 M2G A 26 6.39 -31.79 21.37
C2 M2G A 26 6.90 -30.68 20.76
N2 M2G A 26 7.50 -29.77 21.54
N3 M2G A 26 6.87 -30.47 19.46
C4 M2G A 26 6.25 -31.47 18.80
CM1 M2G A 26 7.57 -30.00 22.99
CM2 M2G A 26 8.02 -28.58 20.85
N1 OMC A 32 15.47 -48.77 15.44
C2 OMC A 32 14.93 -47.64 14.84
N3 OMC A 32 15.12 -46.43 15.43
C4 OMC A 32 15.83 -46.35 16.55
C5 OMC A 32 16.40 -47.49 17.18
C6 OMC A 32 16.21 -48.68 16.58
O2 OMC A 32 14.26 -47.76 13.81
N4 OMC A 32 15.99 -45.13 17.09
C1' OMC A 32 15.22 -50.06 14.78
C2' OMC A 32 16.45 -50.41 13.94
O2' OMC A 32 16.06 -51.04 12.73
CM2 OMC A 32 15.46 -52.30 12.94
C3' OMC A 32 17.26 -51.21 14.94
C4' OMC A 32 16.23 -51.91 15.81
O4' OMC A 32 15.10 -50.99 15.85
O3' OMC A 32 17.96 -52.15 14.18
C5' OMC A 32 16.72 -52.18 17.21
O5' OMC A 32 17.52 -51.08 17.68
P OMC A 32 18.40 -51.26 18.99
OP1 OMC A 32 18.77 -52.70 18.90
OP2 OMC A 32 19.48 -50.24 19.27
P OMG A 34 22.41 -50.03 9.74
OP1 OMG A 34 23.02 -50.68 8.56
OP2 OMG A 34 22.40 -50.68 11.08
O5' OMG A 34 23.30 -48.73 9.80
C5' OMG A 34 23.85 -48.35 11.06
C4' OMG A 34 24.58 -47.06 10.84
O4' OMG A 34 25.02 -47.05 9.46
C3' OMG A 34 23.66 -45.87 10.97
O3' OMG A 34 23.49 -45.51 12.31
C2' OMG A 34 24.31 -44.86 10.05
O2' OMG A 34 25.38 -44.26 10.74
CM2 OMG A 34 25.22 -42.87 10.61
C1' OMG A 34 24.80 -45.76 8.91
N9 OMG A 34 23.95 -45.86 7.72
C8 OMG A 34 23.51 -47.01 7.09
N7 OMG A 34 22.81 -46.77 6.02
C5 OMG A 34 22.79 -45.39 5.92
C6 OMG A 34 22.17 -44.53 4.97
O6 OMG A 34 21.48 -44.84 3.98
N1 OMG A 34 22.38 -43.20 5.26
C2 OMG A 34 23.11 -42.73 6.33
N2 OMG A 34 23.22 -41.39 6.43
N3 OMG A 34 23.68 -43.51 7.23
C4 OMG A 34 23.48 -44.81 6.96
P YYG A 37 13.33 -38.90 11.36
OP1 YYG A 37 12.61 -37.71 11.90
OP2 YYG A 37 13.37 -40.18 12.09
O5' YYG A 37 12.51 -39.29 10.07
C5' YYG A 37 11.86 -38.29 9.31
C4' YYG A 37 10.97 -39.02 8.38
O4' YYG A 37 11.77 -39.83 7.49
C3' YYG A 37 10.12 -40.03 9.12
O3' YYG A 37 9.02 -39.30 9.60
C2' YYG A 37 9.78 -41.02 8.02
O2' YYG A 37 8.66 -40.54 7.32
C1' YYG A 37 11.10 -41.04 7.23
N9 YYG A 37 11.68 -42.19 7.89
C8 YYG A 37 12.28 -42.20 9.13
N7 YYG A 37 12.53 -43.39 9.57
C5 YYG A 37 12.03 -44.24 8.58
C6 YYG A 37 12.02 -45.65 8.50
O6 YYG A 37 12.50 -46.48 9.29
N1 YYG A 37 11.44 -46.09 7.31
C2 YYG A 37 10.91 -45.27 6.34
N2 YYG A 37 10.41 -45.87 5.25
N3 YYG A 37 10.87 -43.95 6.44
C3 YYG A 37 10.30 -43.21 5.33
C4 YYG A 37 11.46 -43.50 7.56
C10 YYG A 37 10.34 -48.18 4.40
C11 YYG A 37 10.70 -47.15 5.43
C12 YYG A 37 11.31 -47.35 6.75
C13 YYG A 37 11.61 -48.73 7.36
C14 YYG A 37 13.01 -49.36 7.20
C15 YYG A 37 13.58 -49.79 5.82
C16 YYG A 37 15.02 -49.41 6.22
O17 YYG A 37 15.98 -49.05 5.42
O18 YYG A 37 15.11 -49.46 7.49
C19 YYG A 37 16.25 -49.16 8.30
N20 YYG A 37 13.13 -51.18 5.46
C21 YYG A 37 11.91 -51.69 5.06
O22 YYG A 37 11.05 -52.23 5.84
O23 YYG A 37 11.67 -51.64 3.84
C24 YYG A 37 10.39 -52.19 3.49
N1 PSU A 39 9.98 -46.69 15.28
C2 PSU A 39 9.86 -45.38 14.85
N3 PSU A 39 8.76 -45.12 14.08
C4 PSU A 39 7.79 -46.00 13.70
C5 PSU A 39 7.96 -47.33 14.19
C6 PSU A 39 9.03 -47.63 14.94
O2 PSU A 39 10.69 -44.52 15.09
O4 PSU A 39 6.85 -45.61 13.00
C1' PSU A 39 6.85 -48.24 13.74
C2' PSU A 39 5.69 -48.40 14.73
O2' PSU A 39 5.04 -49.65 14.58
C3' PSU A 39 4.70 -47.39 14.18
C4' PSU A 39 4.87 -47.56 12.68
O3' PSU A 39 3.40 -47.74 14.68
O4' PSU A 39 6.31 -47.77 12.52
C5' PSU A 39 4.44 -46.37 11.86
O5' PSU A 39 4.28 -45.23 12.72
P PSU A 39 4.11 -43.79 12.08
OP1 PSU A 39 2.64 -43.52 11.94
OP2 PSU A 39 5.11 -42.71 12.42
P 5MC A 40 3.02 -47.31 16.18
OP1 5MC A 40 1.73 -47.87 16.66
OP2 5MC A 40 3.30 -45.86 16.40
O5' 5MC A 40 4.15 -48.05 17.02
C5' 5MC A 40 4.06 -49.47 17.19
C4' 5MC A 40 5.03 -49.85 18.27
O4' 5MC A 40 6.38 -49.64 17.80
C3' 5MC A 40 4.96 -49.01 19.54
O3' 5MC A 40 3.98 -49.42 20.47
C2' 5MC A 40 6.33 -49.25 20.13
O2' 5MC A 40 6.19 -50.55 20.64
C1' 5MC A 40 7.21 -49.28 18.88
N1 5MC A 40 7.93 -48.00 18.84
C2 5MC A 40 9.15 -47.90 19.51
O2 5MC A 40 9.60 -48.91 20.06
N3 5MC A 40 9.82 -46.72 19.49
C4 5MC A 40 9.28 -45.66 18.89
N4 5MC A 40 9.96 -44.51 18.92
C5 5MC A 40 8.02 -45.72 18.23
C6 5MC A 40 7.38 -46.90 18.22
CM5 5MC A 40 7.55 -44.67 17.63
P 7MG A 46 4.20 -25.78 31.16
OP1 7MG A 46 4.75 -24.78 32.11
OP2 7MG A 46 3.56 -27.03 31.66
O5' 7MG A 46 3.17 -25.03 30.22
C5' 7MG A 46 2.98 -23.63 30.41
C4' 7MG A 46 1.87 -23.12 29.54
O4' 7MG A 46 1.42 -24.17 28.64
C3' 7MG A 46 0.63 -22.62 30.29
O3' 7MG A 46 -0.02 -21.45 29.83
C2' 7MG A 46 -0.38 -23.73 30.04
O2' 7MG A 46 -1.75 -23.41 30.26
C1' 7MG A 46 0.01 -24.25 28.65
N9 7MG A 46 -0.52 -25.51 29.10
C8 7MG A 46 -0.41 -25.95 30.39
N7 7MG A 46 -1.08 -27.03 30.64
C5 7MG A 46 -1.79 -27.26 29.46
C6 7MG A 46 -2.69 -28.29 29.12
O6 7MG A 46 -3.10 -29.23 29.83
N1 7MG A 46 -3.13 -28.20 27.83
C2 7MG A 46 -2.75 -27.23 26.95
N2 7MG A 46 -3.31 -27.29 25.70
N3 7MG A 46 -1.89 -26.26 27.24
C4 7MG A 46 -1.46 -26.33 28.51
CM7 7MG A 46 -0.97 -27.91 31.94
P 5MC A 49 -7.91 -18.86 26.70
OP1 5MC A 49 -9.17 -18.53 27.42
OP2 5MC A 49 -7.89 -19.03 25.21
O5' 5MC A 49 -6.97 -17.65 27.14
C5' 5MC A 49 -5.61 -17.51 26.70
C4' 5MC A 49 -5.23 -16.04 26.75
O4' 5MC A 49 -5.95 -15.37 25.69
C3' 5MC A 49 -5.67 -15.31 28.00
O3' 5MC A 49 -4.88 -15.47 29.17
C2' 5MC A 49 -5.79 -13.86 27.53
O2' 5MC A 49 -4.65 -13.02 27.61
C1' 5MC A 49 -6.32 -14.08 26.12
N1 5MC A 49 -7.76 -13.86 26.03
C2 5MC A 49 -8.22 -12.54 26.15
O2 5MC A 49 -7.40 -11.64 26.34
N3 5MC A 49 -9.55 -12.30 26.06
C4 5MC A 49 -10.40 -13.31 25.82
N4 5MC A 49 -11.69 -13.01 25.72
C5 5MC A 49 -9.95 -14.65 25.67
C6 5MC A 49 -8.63 -14.88 25.78
CM5 5MC A 49 -11.08 -15.53 25.40
N1 5MU A 54 -19.82 -14.93 41.19
C2 5MU A 54 -19.31 -15.99 40.48
N3 5MU A 54 -17.94 -16.06 40.43
C4 5MU A 54 -17.05 -15.20 41.05
C5 5MU A 54 -17.66 -14.11 41.76
C5M 5MU A 54 -17.27 -13.31 42.26
C6 5MU A 54 -18.99 -14.03 41.81
O2 5MU A 54 -20.02 -16.82 39.93
O4 5MU A 54 -15.83 -15.44 40.98
C1' 5MU A 54 -21.27 -14.82 41.27
C2' 5MU A 54 -21.89 -15.63 42.43
O2' 5MU A 54 -23.29 -15.54 42.32
C3' 5MU A 54 -21.84 -14.62 43.58
C4' 5MU A 54 -22.18 -13.36 42.84
O3' 5MU A 54 -22.85 -14.85 44.56
O4' 5MU A 54 -21.44 -13.46 41.61
C5' 5MU A 54 -21.83 -12.07 43.49
O5' 5MU A 54 -20.41 -11.90 43.45
P 5MU A 54 -19.89 -10.59 44.19
OP1 5MU A 54 -20.90 -10.13 45.17
OP2 5MU A 54 -18.47 -10.85 44.61
N1 PSU A 55 -17.21 -15.92 44.68
C2 PSU A 55 -15.99 -16.29 44.15
N3 PSU A 55 -15.96 -17.52 43.56
C4 PSU A 55 -16.99 -18.43 43.48
C5 PSU A 55 -18.22 -17.98 44.06
C6 PSU A 55 -18.29 -16.78 44.63
O2 PSU A 55 -15.00 -15.57 44.19
O4 PSU A 55 -16.81 -19.50 42.91
C1' PSU A 55 -19.35 -18.93 44.00
C2' PSU A 55 -19.30 -19.68 45.34
O2' PSU A 55 -19.73 -20.99 45.09
C3' PSU A 55 -20.37 -18.96 46.14
C4' PSU A 55 -21.40 -18.63 45.08
O3' PSU A 55 -20.89 -19.72 47.24
O4' PSU A 55 -20.60 -18.27 43.93
C5' PSU A 55 -22.37 -17.51 45.33
O5' PSU A 55 -21.69 -16.43 45.96
P PSU A 55 -22.44 -15.03 46.12
OP1 PSU A 55 -23.66 -15.16 46.92
OP2 PSU A 55 -21.43 -14.05 46.63
P 1MA A 58 -12.35 -18.74 42.13
OP1 1MA A 58 -11.06 -18.02 42.10
OP2 1MA A 58 -13.63 -18.12 42.65
O5' 1MA A 58 -12.74 -19.44 40.75
C5' 1MA A 58 -11.80 -20.24 40.05
C4' 1MA A 58 -12.27 -20.46 38.64
O4' 1MA A 58 -13.73 -20.53 38.59
C3' 1MA A 58 -11.87 -19.37 37.65
O3' 1MA A 58 -11.44 -19.94 36.43
C2' 1MA A 58 -13.15 -18.56 37.50
O2' 1MA A 58 -13.12 -17.79 36.31
C1' 1MA A 58 -14.23 -19.64 37.60
N9 1MA A 58 -15.62 -19.30 37.89
C8 1MA A 58 -16.08 -18.34 38.76
N7 1MA A 58 -17.38 -18.23 38.80
C5 1MA A 58 -17.83 -19.19 37.91
C6 1MA A 58 -19.12 -19.63 37.53
N6 1MA A 58 -20.25 -19.10 38.00
N1 1MA A 58 -19.20 -20.62 36.62
CM1 1MA A 58 -20.52 -21.05 36.11
C2 1MA A 58 -18.08 -21.15 36.14
N3 1MA A 58 -16.81 -20.83 36.40
C4 1MA A 58 -16.76 -19.84 37.32
P 2MG B 10 21.21 -23.74 11.07
OP1 2MG B 10 20.32 -24.92 11.26
OP2 2MG B 10 21.21 -23.01 9.78
O5' 2MG B 10 21.02 -22.72 12.29
C5' 2MG B 10 19.99 -21.70 12.29
C4' 2MG B 10 20.61 -20.33 12.14
O4' 2MG B 10 21.63 -20.21 13.18
C3' 2MG B 10 21.37 -20.17 10.83
O3' 2MG B 10 20.68 -19.81 9.65
C2' 2MG B 10 22.49 -19.20 11.19
O2' 2MG B 10 22.26 -17.83 10.94
C1' 2MG B 10 22.80 -19.60 12.65
N9 2MG B 10 24.01 -20.42 12.76
C8 2MG B 10 24.09 -21.73 13.14
N7 2MG B 10 25.32 -22.19 13.12
C5 2MG B 10 26.09 -21.11 12.73
C6 2MG B 10 27.49 -20.99 12.56
O6 2MG B 10 28.37 -21.85 12.72
N1 2MG B 10 27.86 -19.72 12.16
C2 2MG B 10 26.98 -18.67 11.95
N2 2MG B 10 27.54 -17.51 11.58
CM2 2MG B 10 26.76 -16.31 11.33
N3 2MG B 10 25.67 -18.76 12.11
C4 2MG B 10 25.30 -20.00 12.51
P H2U B 16 34.88 -33.20 -5.16
OP1 H2U B 16 36.02 -33.06 -6.10
OP2 H2U B 16 33.47 -33.13 -5.64
O5' H2U B 16 35.16 -34.34 -4.10
C5' H2U B 16 35.16 -35.74 -4.41
C4' H2U B 16 33.84 -36.43 -4.17
O4' H2U B 16 33.18 -36.07 -2.92
C3' H2U B 16 32.77 -36.45 -5.25
O3' H2U B 16 32.38 -37.80 -5.30
C1' H2U B 16 31.77 -36.11 -3.11
C2' H2U B 16 31.56 -35.79 -4.60
O2' H2U B 16 30.43 -36.51 -5.05
N1 H2U B 16 30.97 -35.03 -2.54
C2 H2U B 16 29.83 -35.52 -1.97
O2 H2U B 16 29.61 -36.71 -2.22
N3 H2U B 16 28.74 -34.70 -1.81
C4 H2U B 16 28.40 -33.83 -2.81
O4 H2U B 16 27.46 -33.03 -2.62
C5 H2U B 16 29.51 -33.25 -3.62
C6 H2U B 16 30.76 -34.09 -3.64
P H2U B 17 33.17 -38.92 -4.46
OP1 H2U B 17 32.83 -38.77 -3.03
OP2 H2U B 17 34.60 -39.09 -4.88
O5' H2U B 17 32.20 -39.98 -5.14
C5' H2U B 17 31.06 -39.37 -5.81
C4' H2U B 17 30.35 -40.37 -6.67
O4' H2U B 17 31.10 -40.58 -7.90
C3' H2U B 17 30.25 -41.74 -6.00
O3' H2U B 17 29.38 -42.69 -6.64
C1' H2U B 17 31.50 -41.94 -7.96
C2' H2U B 17 31.51 -42.43 -6.52
O2' H2U B 17 31.34 -43.83 -6.52
N1 H2U B 17 32.54 -42.41 -8.89
C2 H2U B 17 33.73 -43.03 -8.48
O2 H2U B 17 33.76 -44.16 -7.92
N3 H2U B 17 34.83 -42.66 -9.23
C4 H2U B 17 34.76 -41.78 -10.31
O4 H2U B 17 35.80 -41.44 -10.91
C5 H2U B 17 33.43 -41.30 -10.85
C6 H2U B 17 32.31 -42.14 -10.31
P M2G B 26 33.59 -14.91 14.43
OP1 M2G B 26 34.23 -13.74 15.09
OP2 M2G B 26 33.03 -15.97 15.31
O5' M2G B 26 32.32 -14.31 13.67
C5' M2G B 26 31.13 -13.92 14.36
C4' M2G B 26 30.02 -14.90 14.08
O4' M2G B 26 30.59 -16.08 13.44
C3' M2G B 26 29.46 -15.40 15.39
O3' M2G B 26 28.63 -14.66 16.28
C2' M2G B 26 29.13 -16.87 15.17
O2' M2G B 26 27.85 -17.44 15.33
C1' M2G B 26 30.10 -17.25 14.05
N9 M2G B 26 30.81 -18.52 14.16
C8 M2G B 26 32.14 -18.80 13.93
N7 M2G B 26 32.44 -20.05 14.11
C5 M2G B 26 31.27 -20.62 14.59
C6 M2G B 26 31.00 -21.93 15.05
O6 M2G B 26 31.78 -22.90 15.10
N1 M2G B 26 29.70 -22.06 15.50
C2 M2G B 26 28.75 -21.05 15.51
N2 M2G B 26 27.53 -21.33 15.97
N3 M2G B 26 29.01 -19.83 15.10
C4 M2G B 26 30.26 -19.68 14.63
CM1 M2G B 26 26.77 -22.44 16.47
CM2 M2G B 26 26.68 -20.15 15.88
N1 OMC B 32 41.13 -13.41 29.97
C2 OMC B 32 40.29 -12.71 29.11
N3 OMC B 32 38.99 -13.07 29.04
C4 OMC B 32 38.53 -14.07 29.78
C5 OMC B 32 39.37 -14.80 30.67
C6 OMC B 32 40.66 -14.43 30.74
O2 OMC B 32 40.75 -11.78 28.43
N4 OMC B 32 37.23 -14.40 29.68
C1' OMC B 32 42.54 -13.00 30.03
C2' OMC B 32 42.59 -11.77 30.94
O2' OMC B 32 43.56 -10.90 30.36
CM2 OMC B 32 43.73 -11.39 29.06
C3' OMC B 32 43.00 -12.38 32.26
C4' OMC B 32 43.87 -13.55 31.87
O4' OMC B 32 43.30 -14.02 30.62
O3' OMC B 32 43.69 -11.42 33.02
C5' OMC B 32 43.79 -14.66 32.86
O5' OMC B 32 42.42 -14.71 33.29
P OMC B 32 41.94 -16.02 34.05
OP1 OMC B 32 42.86 -16.19 35.20
OP2 OMC B 32 40.47 -15.92 34.30
P OMG B 34 41.14 -6.29 35.43
OP1 OMG B 34 41.77 -5.13 36.09
OP2 OMG B 34 41.48 -7.67 35.86
O5' OMG B 34 39.61 -6.10 35.80
C5' OMG B 34 39.16 -6.38 37.13
C4' OMG B 34 37.65 -6.37 37.17
O4' OMG B 34 37.20 -5.01 37.40
C3' OMG B 34 36.99 -6.80 35.87
O3' OMG B 34 36.77 -8.19 36.00
C2' OMG B 34 35.67 -6.07 35.90
O2' OMG B 34 34.87 -6.62 36.92
CM2 OMG B 34 34.21 -5.49 37.48
C1' OMG B 34 36.08 -4.75 36.56
N9 OMG B 34 36.73 -3.88 35.60
C8 OMG B 34 38.07 -3.82 35.27
N7 OMG B 34 38.34 -2.89 34.41
C5 OMG B 34 37.11 -2.31 34.13
C6 OMG B 34 36.76 -1.25 33.26
O6 OMG B 34 37.51 -0.59 32.53
N1 OMG B 34 35.40 -0.98 33.28
C2 OMG B 34 34.48 -1.66 34.04
N2 OMG B 34 33.20 -1.26 33.93
N3 OMG B 34 34.78 -2.65 34.86
C4 OMG B 34 36.11 -2.93 34.85
P YYG B 37 32.34 -9.03 24.66
OP1 YYG B 37 31.21 -9.93 24.37
OP2 YYG B 37 33.53 -9.52 25.41
O5' YYG B 37 32.88 -8.35 23.33
C5' YYG B 37 32.31 -7.09 22.95
C4' YYG B 37 33.26 -6.37 22.05
O4' YYG B 37 34.04 -5.36 22.75
C3' YYG B 37 34.29 -7.29 21.45
O3' YYG B 37 33.69 -8.05 20.42
C2' YYG B 37 35.40 -6.33 21.05
O2' YYG B 37 34.99 -5.79 19.81
C1' YYG B 37 35.34 -5.32 22.19
N9 YYG B 37 36.12 -5.95 23.25
C8 YYG B 37 35.60 -6.74 24.26
N7 YYG B 37 36.52 -7.21 25.05
C5 YYG B 37 37.71 -6.69 24.56
C6 YYG B 37 39.04 -6.82 25.05
O6 YYG B 37 39.46 -7.46 26.02
N1 YYG B 37 39.94 -6.13 24.24
C2 YYG B 37 39.61 -5.40 23.13
N2 YYG B 37 40.63 -4.82 22.49
N3 YYG B 37 38.37 -5.24 22.69
C3 YYG B 37 38.12 -4.46 21.48
C4 YYG B 37 37.48 -5.92 23.44
C10 YYG B 37 43.14 -5.01 22.88
C11 YYG B 37 41.71 -5.31 23.18
C12 YYG B 37 41.28 -6.12 24.30
C13 YYG B 37 42.17 -6.80 25.36
C14 YYG B 37 43.24 -5.83 25.92
C15 YYG B 37 42.85 -4.40 26.30
C16 YYG B 37 42.56 -4.54 27.79
O17 YYG B 37 41.91 -3.73 28.48
O18 YYG B 37 43.00 -5.50 28.43
C19 YYG B 37 42.65 -5.45 29.81
N20 YYG B 37 43.97 -3.45 25.90
C21 YYG B 37 45.29 -3.75 25.55
O22 YYG B 37 45.98 -4.65 26.11
O23 YYG B 37 45.75 -3.04 24.62
C24 YYG B 37 47.11 -3.27 24.19
N1 PSU B 39 38.82 -12.95 22.16
C2 PSU B 39 39.10 -13.65 23.30
N3 PSU B 39 40.42 -13.95 23.50
C4 PSU B 39 41.47 -13.60 22.68
C5 PSU B 39 41.11 -12.85 21.52
C6 PSU B 39 39.82 -12.57 21.29
O2 PSU B 39 38.24 -14.00 24.10
O4 PSU B 39 42.62 -13.93 22.98
C1' PSU B 39 42.38 -12.61 20.81
C2' PSU B 39 42.78 -13.90 20.10
O2' PSU B 39 44.19 -13.89 19.98
C3' PSU B 39 42.19 -13.66 18.71
C4' PSU B 39 42.46 -12.19 18.52
O3' PSU B 39 42.80 -14.39 17.65
O4' PSU B 39 42.24 -11.61 19.83
C5' PSU B 39 41.44 -11.59 17.64
O5' PSU B 39 40.23 -12.06 18.19
P PSU B 39 38.90 -11.72 17.40
OP1 PSU B 39 39.13 -12.64 16.26
OP2 PSU B 39 37.69 -11.80 18.26
P 5MC B 40 42.79 -16.01 17.68
OP1 5MC B 40 43.66 -16.48 16.58
OP2 5MC B 40 41.47 -16.64 17.93
O5' 5MC B 40 43.52 -16.38 19.04
C5' 5MC B 40 44.64 -17.28 19.04
C4' 5MC B 40 44.81 -17.93 20.38
O4' 5MC B 40 44.16 -17.13 21.41
C3' 5MC B 40 44.14 -19.28 20.52
O3' 5MC B 40 44.89 -20.29 19.92
C2' 5MC B 40 44.02 -19.42 22.04
O2' 5MC B 40 45.29 -19.68 22.59
C1' 5MC B 40 43.62 -17.99 22.41
N1 5MC B 40 42.17 -17.76 22.53
C2 5MC B 40 41.49 -18.28 23.63
O2 5MC B 40 42.12 -18.95 24.46
N3 5MC B 40 40.17 -18.03 23.77
C4 5MC B 40 39.53 -17.31 22.84
N4 5MC B 40 38.22 -17.10 23.01
C5 5MC B 40 40.20 -16.78 21.70
C6 5MC B 40 41.51 -17.03 21.58
CM5 5MC B 40 39.69 -16.13 20.79
P 7MG B 46 22.78 -31.30 14.55
OP1 7MG B 46 21.45 -31.69 15.09
OP2 7MG B 46 23.97 -32.13 14.88
O5' 7MG B 46 22.73 -30.96 13.00
C5' 7MG B 46 21.77 -29.95 12.60
C4' 7MG B 46 21.81 -29.47 11.16
O4' 7MG B 46 23.12 -29.10 10.65
C3' 7MG B 46 21.09 -30.24 10.05
O3' 7MG B 46 20.37 -29.15 9.51
C2' 7MG B 46 22.20 -30.58 9.05
O2' 7MG B 46 21.69 -30.34 7.74
C1' 7MG B 46 23.24 -29.49 9.29
N9 7MG B 46 24.53 -30.16 9.19
C8 7MG B 46 24.85 -31.34 9.82
N7 7MG B 46 26.06 -31.74 9.53
C5 7MG B 46 26.57 -30.78 8.68
C6 7MG B 46 27.85 -30.68 8.05
O6 7MG B 46 28.81 -31.45 8.14
N1 7MG B 46 27.94 -29.54 7.27
C2 7MG B 46 26.94 -28.61 7.10
N2 7MG B 46 27.22 -27.57 6.31
N3 7MG B 46 25.75 -28.69 7.68
C4 7MG B 46 25.63 -29.79 8.44
CM7 7MG B 46 26.72 -32.95 10.01
P 5MC B 49 20.14 -30.19 0.53
OP1 5MC B 49 20.33 -31.06 -0.67
OP2 5MC B 49 20.31 -28.73 0.35
O5' 5MC B 49 18.74 -30.38 1.27
C5' 5MC B 49 18.48 -29.54 2.40
C4' 5MC B 49 17.02 -29.16 2.49
O4' 5MC B 49 16.65 -28.24 1.43
C3' 5MC B 49 16.06 -30.31 2.34
O3' 5MC B 49 15.94 -31.10 3.52
C2' 5MC B 49 14.78 -29.62 1.90
O2' 5MC B 49 13.91 -29.03 2.85
C1' 5MC B 49 15.32 -28.51 1.00
N1 5MC B 49 15.38 -28.98 -0.39
C2 5MC B 49 14.17 -29.25 -1.07
O2 5MC B 49 13.10 -29.12 -0.44
N3 5MC B 49 14.22 -29.65 -2.36
C4 5MC B 49 15.40 -29.78 -2.98
N4 5MC B 49 15.41 -30.17 -4.26
C5 5MC B 49 16.63 -29.51 -2.32
C6 5MC B 49 16.58 -29.10 -1.04
CM5 5MC B 49 17.91 -29.68 -3.05
N1 5MU B 54 15.66 -47.41 -6.28
C2 5MU B 54 16.76 -46.74 -5.78
N3 5MU B 54 16.58 -46.17 -4.55
C4 5MU B 54 15.45 -46.25 -3.75
C5 5MU B 54 14.35 -46.97 -4.34
C5M 5MU B 54 13.23 -47.05 -3.70
C6 5MU B 54 14.50 -47.51 -5.55
O2 5MU B 54 17.81 -46.65 -6.39
O4 5MU B 54 15.46 -45.70 -2.65
C1' 5MU B 54 15.79 -48.03 -7.60
C2' 5MU B 54 16.44 -49.41 -7.46
O2' 5MU B 54 17.20 -49.65 -8.62
C3' 5MU B 54 15.21 -50.29 -7.40
C4' 5MU B 54 14.24 -49.59 -8.32
O3' 5MU B 54 15.44 -51.53 -8.04
O4' 5MU B 54 14.48 -48.19 -8.08
C5' 5MU B 54 12.80 -49.87 -8.04
O5' 5MU B 54 12.50 -49.49 -6.71
P 5MU B 54 11.00 -49.80 -6.30
OP1 5MU B 54 10.41 -50.93 -7.07
OP2 5MU B 54 10.67 -49.62 -4.86
N1 PSU B 55 15.80 -50.00 -2.79
C2 PSU B 55 15.91 -49.07 -1.77
N3 PSU B 55 17.16 -48.53 -1.62
C4 PSU B 55 18.30 -48.82 -2.35
C5 PSU B 55 18.10 -49.81 -3.37
C6 PSU B 55 16.90 -50.36 -3.54
O2 PSU B 55 14.97 -48.76 -1.07
O4 PSU B 55 19.35 -48.25 -2.09
C1' PSU B 55 19.22 -50.25 -4.26
C2' PSU B 55 19.77 -51.52 -3.60
O2' PSU B 55 21.16 -51.44 -3.85
C3' PSU B 55 19.05 -52.61 -4.39
C4' PSU B 55 19.03 -52.02 -5.79
O3' PSU B 55 19.82 -53.78 -4.46
O4' PSU B 55 18.77 -50.61 -5.57
C5' PSU B 55 18.05 -52.62 -6.76
O5' PSU B 55 16.74 -52.64 -6.21
P PSU B 55 15.51 -52.88 -7.19
OP1 PSU B 55 15.96 -53.81 -8.25
OP2 PSU B 55 14.23 -53.04 -6.45
P 1MA B 58 18.14 -45.96 1.60
OP1 1MA B 58 17.43 -45.22 2.68
OP2 1MA B 58 17.32 -46.83 0.69
O5' 1MA B 58 19.11 -44.99 0.77
C5' 1MA B 58 20.06 -44.22 1.56
C4' 1MA B 58 20.53 -42.94 0.89
O4' 1MA B 58 20.99 -43.23 -0.46
C3' 1MA B 58 19.47 -41.87 0.75
O3' 1MA B 58 19.96 -40.54 0.89
C2' 1MA B 58 18.96 -42.06 -0.67
O2' 1MA B 58 18.37 -40.83 -1.03
C1' 1MA B 58 20.23 -42.51 -1.40
N9 1MA B 58 20.03 -43.32 -2.62
C8 1MA B 58 18.99 -44.16 -2.93
N7 1MA B 58 19.08 -44.70 -4.12
C5 1MA B 58 20.26 -44.17 -4.63
C6 1MA B 58 20.92 -44.35 -5.86
N6 1MA B 58 20.48 -45.16 -6.83
N1 1MA B 58 22.07 -43.66 -6.06
CM1 1MA B 58 22.83 -43.79 -7.29
C2 1MA B 58 22.51 -42.86 -5.08
N3 1MA B 58 21.99 -42.62 -3.88
C4 1MA B 58 20.85 -43.31 -3.71
P 2MG C 10 16.92 -5.76 29.58
OP1 2MG C 10 17.64 -7.06 29.64
OP2 2MG C 10 17.38 -4.72 28.61
O5' 2MG C 10 15.40 -6.07 29.24
C5' 2MG C 10 14.96 -6.53 27.93
C4' 2MG C 10 13.46 -6.35 27.89
O4' 2MG C 10 12.93 -7.01 29.07
C3' 2MG C 10 13.09 -4.89 28.05
O3' 2MG C 10 13.04 -4.19 26.81
C2' 2MG C 10 11.80 -4.91 28.87
O2' 2MG C 10 10.56 -4.92 28.21
C1' 2MG C 10 11.97 -6.18 29.70
N9 2MG C 10 12.36 -6.13 31.11
C8 2MG C 10 13.48 -6.67 31.68
N7 2MG C 10 13.55 -6.48 32.97
C5 2MG C 10 12.38 -5.80 33.28
C6 2MG C 10 11.90 -5.31 34.52
O6 2MG C 10 12.41 -5.41 35.63
N1 2MG C 10 10.68 -4.66 34.38
C2 2MG C 10 10.00 -4.51 33.19
N2 2MG C 10 8.84 -3.83 33.26
CM2 2MG C 10 8.02 -3.58 32.08
N3 2MG C 10 10.43 -4.96 32.02
C4 2MG C 10 11.61 -5.63 32.14
P H2U C 16 24.61 12.90 40.22
OP1 H2U C 16 24.77 13.95 41.27
OP2 H2U C 16 24.49 13.27 38.78
O5' H2U C 16 25.85 11.93 40.44
C5' H2U C 16 27.09 12.27 39.83
C4' H2U C 16 28.18 11.37 40.33
O4' H2U C 16 27.70 10.01 40.22
C3' H2U C 16 29.43 11.48 39.47
O3' H2U C 16 30.67 11.81 40.07
C1' H2U C 16 28.42 9.31 39.22
C2' H2U C 16 29.31 10.31 38.50
O2' H2U C 16 30.46 9.78 37.87
N1 H2U C 16 27.43 9.09 38.11
C2 H2U C 16 27.68 8.08 37.16
O2 H2U C 16 28.86 7.72 37.04
N3 H2U C 16 26.98 7.98 35.99
C4 H2U C 16 26.18 9.02 35.55
O4 H2U C 16 25.40 8.76 34.61
C5 H2U C 16 25.74 10.06 36.53
C6 H2U C 16 26.81 10.31 37.56
P H2U C 17 31.26 13.27 39.69
OP1 H2U C 17 32.20 13.72 40.74
OP2 H2U C 17 30.14 14.17 39.28
O5' H2U C 17 32.08 13.16 38.31
C5' H2U C 17 31.54 13.65 37.07
C4' H2U C 17 32.63 14.14 36.15
O4' H2U C 17 32.89 15.55 36.42
C3' H2U C 17 33.98 13.44 36.32
O3' H2U C 17 34.67 13.34 35.08
C1' H2U C 17 34.21 15.73 36.89
C2' H2U C 17 34.71 14.35 37.31
O2' H2U C 17 36.12 14.32 37.30
N1 H2U C 17 34.25 16.72 38.02
C2 H2U C 17 34.97 16.50 39.20
O2 H2U C 17 36.09 15.95 39.16
N3 H2U C 17 34.67 17.23 40.33
C4 H2U C 17 33.84 18.33 40.33
O4 H2U C 17 33.45 18.82 41.42
C5 H2U C 17 33.13 18.72 39.04
C6 H2U C 17 33.73 18.09 37.81
P M2G C 26 4.18 -5.15 38.85
OP1 M2G C 26 3.08 -4.96 39.84
OP2 M2G C 26 5.48 -5.73 39.29
O5' M2G C 26 3.66 -5.99 37.61
C5' M2G C 26 4.30 -7.21 37.23
C4' M2G C 26 5.13 -7.01 35.99
O4' M2G C 26 6.08 -5.92 36.17
C3' M2G C 26 5.99 -8.23 35.71
O3' M2G C 26 5.25 -9.21 34.99
C2' M2G C 26 7.18 -7.66 34.96
O2' M2G C 26 6.88 -7.55 33.58
C1' M2G C 26 7.33 -6.29 35.61
N9 M2G C 26 8.38 -6.30 36.63
C8 M2G C 26 8.34 -5.70 37.86
N7 M2G C 26 9.40 -5.94 38.57
C5 M2G C 26 10.26 -6.60 37.71
C6 M2G C 26 11.56 -7.12 37.93
O6 M2G C 26 12.28 -7.00 38.94
N1 M2G C 26 12.02 -7.83 36.82
C2 M2G C 26 11.32 -8.03 35.66
N2 M2G C 26 11.94 -8.74 34.71
N3 M2G C 26 10.07 -7.60 35.47
C4 M2G C 26 9.62 -6.90 36.53
CM1 M2G C 26 13.31 -9.23 34.97
CM2 M2G C 26 11.29 -9.04 33.43
N1 OMC C 32 -0.40 -19.07 49.37
C2 OMC C 32 -0.71 -18.21 48.30
N3 OMC C 32 0.07 -18.22 47.20
C4 OMC C 32 1.14 -19.03 47.14
C5 OMC C 32 1.48 -19.90 48.21
C6 OMC C 32 0.70 -19.88 49.30
O2 OMC C 32 -1.70 -17.47 48.40
N4 OMC C 32 1.88 -19.01 46.04
C1' OMC C 32 -1.22 -19.04 50.59
C2' OMC C 32 -2.29 -20.11 50.63
O2' OMC C 32 -3.12 -19.67 51.70
CM2 OMC C 32 -3.79 -18.48 51.35
C3' OMC C 32 -1.54 -21.26 51.29
C4' OMC C 32 -0.77 -20.52 52.35
O4' OMC C 32 -0.33 -19.31 51.67
O3' OMC C 32 -2.42 -22.15 51.95
C5' OMC C 32 0.42 -21.27 52.90
O5' OMC C 32 1.05 -21.90 51.80
P OMC C 32 2.23 -22.93 52.09
OP1 OMC C 32 1.72 -23.81 53.18
OP2 OMC C 32 2.73 -23.43 50.76
P OMG C 34 -6.80 -24.96 47.54
OP1 OMG C 34 -8.27 -25.18 47.65
OP2 OMG C 34 -5.78 -25.47 48.51
O5' OMG C 34 -6.22 -25.38 46.13
C5' OMG C 34 -5.46 -26.59 46.08
C4' OMG C 34 -5.10 -26.84 44.65
O4' OMG C 34 -6.29 -27.06 43.87
C3' OMG C 34 -4.44 -25.64 44.00
O3' OMG C 34 -3.06 -25.83 44.20
C2' OMG C 34 -4.74 -25.86 42.53
O2' OMG C 34 -3.99 -26.96 42.08
CM2 OMG C 34 -4.63 -27.27 40.88
C1' OMG C 34 -6.16 -26.41 42.62
N9 OMG C 34 -7.21 -25.40 42.58
C8 OMG C 34 -7.97 -24.92 43.62
N7 OMG C 34 -8.84 -24.03 43.26
C5 OMG C 34 -8.65 -23.91 41.88
C6 OMG C 34 -9.32 -23.12 40.93
O6 OMG C 34 -10.27 -22.34 41.10
N1 OMG C 34 -8.83 -23.33 39.65
C2 OMG C 34 -7.78 -24.16 39.34
N2 OMG C 34 -7.42 -24.22 38.04
N3 OMG C 34 -7.14 -24.90 40.22
C4 OMG C 34 -7.64 -24.75 41.46
P YYG C 37 0.03 -15.11 39.62
OP1 YYG C 37 1.37 -14.85 39.09
OP2 YYG C 37 -0.15 -15.53 41.03
O5' YYG C 37 -0.75 -13.73 39.65
C5' YYG C 37 -1.66 -13.44 38.60
C4' YYG C 37 -2.68 -12.44 39.04
O4' YYG C 37 -3.92 -13.12 39.39
C3' YYG C 37 -2.34 -11.67 40.29
O3' YYG C 37 -1.31 -10.72 40.01
C2' YYG C 37 -3.72 -11.21 40.76
O2' YYG C 37 -4.29 -10.27 39.88
C1' YYG C 37 -4.56 -12.45 40.47
N9 YYG C 37 -4.49 -13.25 41.69
C8 YYG C 37 -3.70 -14.36 41.86
N7 YYG C 37 -3.77 -14.86 43.07
C5 YYG C 37 -4.76 -14.10 43.69
C6 YYG C 37 -5.26 -14.18 45.01
O6 YYG C 37 -4.99 -15.00 45.90
N1 YYG C 37 -6.23 -13.22 45.24
C2 YYG C 37 -6.59 -12.23 44.35
N2 YYG C 37 -7.51 -11.36 44.78
N3 YYG C 37 -6.14 -12.16 43.12
C3 YYG C 37 -6.57 -11.09 42.21
C4 YYG C 37 -5.18 -13.08 42.87
C10 YYG C 37 -8.67 -11.05 46.95
C11 YYG C 37 -7.71 -11.74 46.04
C12 YYG C 37 -6.88 -12.87 46.37
C13 YYG C 37 -6.87 -13.60 47.70
C14 YYG C 37 -7.61 -14.89 47.41
C15 YYG C 37 -8.82 -14.79 46.49
C16 YYG C 37 -9.20 -16.21 46.76
O17 YYG C 37 -10.35 -16.56 47.09
O18 YYG C 37 -8.26 -17.01 46.74
C19 YYG C 37 -8.47 -18.38 47.01
N20 YYG C 37 -9.56 -13.62 47.03
C21 YYG C 37 -10.20 -13.74 48.23
O22 YYG C 37 -9.85 -14.61 49.03
O23 YYG C 37 -11.13 -12.94 48.48
C24 YYG C 37 -11.82 -13.23 49.73
N1 PSU C 39 0.85 -11.75 46.28
C2 PSU C 39 1.28 -12.98 46.76
N3 PSU C 39 1.12 -13.17 48.11
C4 PSU C 39 0.61 -12.27 49.02
C5 PSU C 39 0.23 -11.02 48.46
C6 PSU C 39 0.32 -10.82 47.14
O2 PSU C 39 1.74 -13.84 46.02
O4 PSU C 39 0.54 -12.58 50.21
C1' PSU C 39 -0.35 -10.18 49.54
C2' PSU C 39 0.56 -9.45 50.52
O2' PSU C 39 -0.22 -8.99 51.60
C3' PSU C 39 0.65 -8.10 49.84
C4' PSU C 39 -0.78 -7.89 49.41
O3' PSU C 39 1.05 -7.15 50.81
O4' PSU C 39 -1.13 -9.19 48.90
C5' PSU C 39 -0.90 -6.94 48.27
O5' PSU C 39 -0.20 -7.62 47.23
P PSU C 39 -0.14 -6.95 45.81
OP1 PSU C 39 -0.04 -5.48 45.88
OP2 PSU C 39 0.63 -7.83 44.87
P 5MC C 40 2.57 -6.68 50.72
OP1 5MC C 40 2.54 -5.35 51.39
OP2 5MC C 40 3.07 -6.82 49.33
O5' 5MC C 40 3.32 -7.85 51.49
C5' 5MC C 40 3.00 -8.13 52.87
C4' 5MC C 40 3.62 -9.43 53.30
O4' 5MC C 40 3.08 -10.51 52.51
C3' 5MC C 40 5.12 -9.54 53.07
O3' 5MC C 40 5.96 -8.85 53.97
C2' 5MC C 40 5.33 -11.05 53.01
O2' 5MC C 40 5.53 -11.64 54.28
C1' 5MC C 40 4.08 -11.48 52.25
N1 5MC C 40 4.23 -11.75 50.81
C2 5MC C 40 4.81 -12.95 50.41
O2 5MC C 40 5.21 -13.73 51.27
N3 5MC C 40 4.92 -13.24 49.09
C4 5MC C 40 4.50 -12.36 48.19
N4 5MC C 40 4.66 -12.66 46.90
C5 5MC C 40 3.90 -11.12 48.56
C6 5MC C 40 3.78 -10.85 49.87
CM5 5MC C 40 3.34 -10.20 48.04
P 7MG C 46 23.35 -8.67 33.81
OP1 7MG C 46 24.55 -9.49 33.50
OP2 7MG C 46 23.12 -8.09 35.16
O5' 7MG C 46 23.29 -7.30 33.00
C5' 7MG C 46 22.64 -7.30 31.73
C4' 7MG C 46 22.37 -5.92 31.19
O4' 7MG C 46 21.55 -5.20 32.17
C3' 7MG C 46 23.53 -5.00 30.79
O3' 7MG C 46 23.78 -4.82 29.37
C2' 7MG C 46 23.45 -3.83 31.78
O2' 7MG C 46 23.74 -2.52 31.31
C1' 7MG C 46 22.03 -3.89 32.36
N9 7MG C 46 22.33 -3.52 33.74
C8 7MG C 46 23.28 -4.11 34.53
N7 7MG C 46 23.42 -3.54 35.70
C5 7MG C 46 22.54 -2.46 35.65
C6 7MG C 46 22.25 -1.47 36.64
O6 7MG C 46 22.72 -1.37 37.78
N1 7MG C 46 21.31 -0.56 36.18
C2 7MG C 46 20.71 -0.61 34.95
N2 7MG C 46 19.82 0.36 34.69
N3 7MG C 46 20.95 -1.53 34.03
C4 7MG C 46 21.88 -2.42 34.45
CM7 7MG C 46 24.29 -3.96 36.75
P 5MC C 49 23.99 4.12 27.39
OP1 5MC C 49 25.04 5.17 27.29
OP2 5MC C 49 22.59 4.56 27.29
O5' 5MC C 49 24.27 3.10 26.19
C5' 5MC C 49 23.40 2.00 25.98
C4' 5MC C 49 23.33 1.65 24.51
O4' 5MC C 49 22.85 2.83 23.80
C3' 5MC C 49 24.64 1.34 23.83
O3' 5MC C 49 25.30 0.11 24.05
C2' 5MC C 49 24.34 1.67 22.37
O2' 5MC C 49 23.73 0.64 21.63
C1' 5MC C 49 23.45 2.89 22.52
N1 5MC C 49 24.05 4.22 22.37
C2 5MC C 49 24.59 4.59 21.15
O2 5MC C 49 24.59 3.75 20.23
N3 5MC C 49 25.11 5.83 21.00
C4 5MC C 49 25.07 6.69 22.01
N4 5MC C 49 25.58 7.92 21.83
C5 5MC C 49 24.49 6.35 23.27
C6 5MC C 49 23.98 5.12 23.40
CM5 5MC C 49 24.47 7.41 24.47
N1 5MU C 54 42.79 7.97 25.72
C2 5MU C 54 41.75 7.86 26.60
N3 5MU C 54 41.07 6.66 26.54
C4 5MU C 54 41.35 5.59 25.71
C5 5MU C 54 42.44 5.81 24.82
C5M 5MU C 54 42.78 4.84 23.95
C6 5MU C 54 43.10 6.96 24.85
O2 5MU C 54 41.41 8.76 27.37
O4 5MU C 54 40.67 4.58 25.77
C1' 5MU C 54 43.54 9.23 25.70
C2' 5MU C 54 44.72 9.21 26.67
O2' 5MU C 54 45.00 10.54 27.00
C3' 5MU C 54 45.83 8.67 25.77
C4' 5MU C 54 45.52 9.38 24.47
O3' 5MU C 54 47.13 9.02 26.21
O4' 5MU C 54 44.07 9.36 24.39
C5' 5MU C 54 46.09 8.73 23.24
O5' 5MU C 54 45.62 7.39 23.09
P 5MU C 54 46.02 6.65 21.74
OP1 5MU C 54 47.44 7.04 21.44
OP2 5MU C 54 45.63 5.22 21.77
N1 PSU C 55 44.72 4.30 27.01
C2 PSU C 55 43.64 3.45 27.10
N3 PSU C 55 42.81 3.69 28.18
C4 PSU C 55 42.94 4.68 29.12
C5 PSU C 55 44.09 5.53 28.93
C6 PSU C 55 44.94 5.29 27.94
O2 PSU C 55 43.45 2.54 26.31
O4 PSU C 55 42.08 4.83 30.00
C1' PSU C 55 44.45 6.54 29.93
C2' PSU C 55 45.46 5.75 30.80
O2' PSU C 55 45.30 6.10 32.16
C3' PSU C 55 46.80 6.14 30.17
C4' PSU C 55 46.52 7.59 29.78
O3' PSU C 55 47.83 6.02 31.15
O4' PSU C 55 45.16 7.58 29.29
C5' PSU C 55 47.38 8.22 28.74
O5' PSU C 55 47.68 7.27 27.72
P PSU C 55 48.24 7.87 26.37
OP1 PSU C 55 49.56 8.48 26.70
OP2 PSU C 55 48.22 6.78 25.35
P 1MA C 58 39.67 1.16 29.04
OP1 1MA C 58 39.31 -0.07 28.32
OP2 1MA C 58 40.73 2.03 28.45
O5' 1MA C 58 38.53 2.14 29.60
C5' 1MA C 58 37.36 1.55 30.15
C4' 1MA C 58 36.32 2.61 30.35
O4' 1MA C 58 36.96 3.92 30.53
C3' 1MA C 58 35.37 2.78 29.17
O3' 1MA C 58 34.01 2.97 29.57
C2' 1MA C 58 35.91 4.01 28.46
O2' 1MA C 58 34.92 4.68 27.71
C1' 1MA C 58 36.39 4.85 29.64
N9 1MA C 58 37.31 5.92 29.32
C8 1MA C 58 38.42 5.84 28.50
N7 1MA C 58 39.08 6.97 28.40
C5 1MA C 58 38.41 7.83 29.27
C6 1MA C 58 38.63 9.16 29.63
N6 1MA C 58 39.66 9.88 29.15
N1 1MA C 58 37.78 9.73 30.50
CM1 1MA C 58 37.99 11.12 30.94
C2 1MA C 58 36.76 9.01 30.96
N3 1MA C 58 36.43 7.73 30.69
C4 1MA C 58 37.32 7.19 29.83
N ALA D 1 -21.45 20.99 2.86
CA ALA D 1 -21.69 20.95 1.42
C ALA D 1 -22.73 21.97 0.90
N LYS D 2 -23.76 22.26 1.69
CA LYS D 2 -24.81 23.19 1.25
C LYS D 2 -24.90 24.64 1.78
N GLY D 3 -23.89 25.48 1.51
CA GLY D 3 -23.92 26.88 1.96
C GLY D 3 -22.62 27.20 2.72
N GLU D 4 -22.44 28.46 3.12
CA GLU D 4 -21.22 28.82 3.84
C GLU D 4 -21.68 29.15 5.22
N PHE D 5 -20.77 29.11 6.18
CA PHE D 5 -21.20 29.42 7.52
C PHE D 5 -20.71 30.79 7.83
N ILE D 6 -21.66 31.59 8.34
CA ILE D 6 -21.39 32.99 8.68
C ILE D 6 -21.68 33.44 10.09
N ARG D 7 -20.61 33.73 10.81
CA ARG D 7 -20.73 34.18 12.19
C ARG D 7 -21.48 35.51 12.33
N THR D 8 -22.53 35.49 13.15
CA THR D 8 -23.36 36.65 13.37
C THR D 8 -23.90 36.66 14.79
N LYS D 9 -23.62 35.61 15.56
CA LYS D 9 -24.08 35.48 16.95
C LYS D 9 -23.02 34.61 17.59
N PRO D 10 -23.06 34.55 18.91
CA PRO D 10 -22.13 33.75 19.66
C PRO D 10 -22.61 32.30 19.54
N HIS D 11 -21.66 31.38 19.54
CA HIS D 11 -21.85 29.94 19.45
C HIS D 11 -21.68 29.16 20.76
N VAL D 12 -22.67 28.32 21.03
CA VAL D 12 -22.64 27.55 22.22
C VAL D 12 -23.18 26.15 21.95
N ASN D 13 -22.47 25.19 22.51
CA ASN D 13 -22.76 23.75 22.44
C ASN D 13 -23.69 23.29 23.58
N VAL D 14 -24.73 22.53 23.25
CA VAL D 14 -25.63 22.03 24.29
C VAL D 14 -26.15 20.70 23.89
N GLY D 15 -27.09 20.20 24.67
CA GLY D 15 -27.55 18.86 24.32
C GLY D 15 -28.47 18.28 25.36
N THR D 16 -28.84 17.03 25.07
CA THR D 16 -29.76 16.33 25.95
C THR D 16 -29.32 15.10 26.71
N ILE D 17 -29.64 15.11 28.00
CA ILE D 17 -29.28 13.96 28.82
C ILE D 17 -30.43 13.70 29.78
N GLY D 18 -30.47 12.48 30.28
CA GLY D 18 -31.52 12.13 31.20
C GLY D 18 -31.71 10.62 31.07
N HIS D 19 -32.49 10.09 32.01
CA HIS D 19 -32.81 8.69 32.06
C HIS D 19 -33.45 8.27 30.74
N VAL D 20 -33.37 6.99 30.44
CA VAL D 20 -33.93 6.46 29.22
C VAL D 20 -35.39 6.78 29.10
N ASP D 21 -35.77 7.22 27.90
CA ASP D 21 -37.17 7.57 27.53
C ASP D 21 -37.77 8.73 28.30
N HIS D 22 -36.98 9.56 28.93
CA HIS D 22 -37.62 10.60 29.66
C HIS D 22 -38.07 11.68 28.67
N GLY D 23 -37.73 11.47 27.40
CA GLY D 23 -38.13 12.41 26.33
C GLY D 23 -37.04 13.30 25.76
N LYS D 24 -35.80 12.85 25.83
CA LYS D 24 -34.72 13.67 25.32
C LYS D 24 -34.90 14.11 23.88
N THR D 25 -35.06 13.12 23.01
CA THR D 25 -35.23 13.33 21.58
C THR D 25 -36.46 14.12 21.14
N THR D 26 -37.61 13.84 21.77
CA THR D 26 -38.84 14.55 21.43
C THR D 26 -38.51 16.01 21.65
N LEU D 27 -38.13 16.32 22.88
CA LEU D 27 -37.75 17.69 23.22
C LEU D 27 -36.73 18.27 22.27
N THR D 28 -35.86 17.44 21.73
CA THR D 28 -34.87 17.97 20.83
C THR D 28 -35.60 18.51 19.63
N ALA D 29 -36.40 17.66 19.00
CA ALA D 29 -37.15 18.04 17.81
C ALA D 29 -38.05 19.22 18.13
N ALA D 30 -38.67 19.18 19.29
CA ALA D 30 -39.52 20.31 19.64
C ALA D 30 -38.70 21.62 19.71
N LEU D 31 -37.43 21.53 20.09
CA LEU D 31 -36.70 22.77 20.16
C LEU D 31 -36.52 23.22 18.74
N THR D 32 -36.14 22.34 17.83
CA THR D 32 -35.94 22.78 16.44
C THR D 32 -37.13 23.49 15.81
N TYR D 33 -38.29 22.91 16.02
CA TYR D 33 -39.50 23.48 15.47
C TYR D 33 -39.63 24.90 15.95
N VAL D 34 -39.88 25.06 17.23
CA VAL D 34 -40.04 26.39 17.80
C VAL D 34 -39.06 27.45 17.45
N ALA D 35 -37.79 27.12 17.42
CA ALA D 35 -36.82 28.12 17.11
C ALA D 35 -37.00 28.49 15.67
N ALA D 36 -37.24 27.48 14.84
CA ALA D 36 -37.40 27.66 13.41
C ALA D 36 -38.41 28.76 13.11
N ALA D 37 -39.51 28.71 13.85
CA ALA D 37 -40.60 29.66 13.71
C ALA D 37 -40.18 31.13 13.84
N GLU D 38 -39.42 31.47 14.86
CA GLU D 38 -39.05 32.87 14.93
C GLU D 38 -37.68 33.11 14.34
N ASN D 39 -37.08 32.10 13.73
CA ASN D 39 -35.75 32.23 13.13
C ASN D 39 -35.70 31.24 11.97
N PRO D 40 -36.02 31.85 10.85
CA PRO D 40 -36.13 31.30 9.53
C PRO D 40 -35.40 30.00 9.28
N ASN D 41 -34.14 30.24 8.95
CA ASN D 41 -33.11 29.26 8.61
C ASN D 41 -32.66 28.29 9.69
N VAL D 42 -33.62 27.84 10.49
CA VAL D 42 -33.35 26.88 11.52
C VAL D 42 -34.05 25.76 10.78
N GLU D 43 -33.32 24.73 10.37
CA GLU D 43 -33.97 23.66 9.68
C GLU D 43 -34.54 22.81 10.79
N VAL D 44 -35.81 22.48 10.68
CA VAL D 44 -36.46 21.68 11.71
C VAL D 44 -36.20 20.18 11.60
N LYS D 45 -36.42 19.43 12.68
CA LYS D 45 -36.16 18.00 12.61
C LYS D 45 -37.13 17.30 13.46
N ASP D 46 -37.70 16.29 12.84
CA ASP D 46 -38.64 15.46 13.52
C ASP D 46 -37.87 14.37 14.18
N TYR D 47 -38.65 13.62 14.93
CA TYR D 47 -38.12 12.49 15.63
C TYR D 47 -37.43 11.61 14.66
N GLY D 48 -38.17 11.14 13.66
CA GLY D 48 -37.61 10.25 12.67
C GLY D 48 -36.41 10.90 12.07
N ASP D 49 -36.43 12.22 12.09
CA ASP D 49 -35.31 12.93 11.53
C ASP D 49 -34.10 12.69 12.41
N ILE D 50 -34.35 12.43 13.68
CA ILE D 50 -33.29 12.21 14.67
C ILE D 50 -33.01 10.74 15.02
N ASP D 51 -34.00 10.07 15.60
CA ASP D 51 -33.79 8.66 15.92
C ASP D 51 -34.17 8.19 14.51
N LYS D 52 -33.19 7.87 13.68
CA LYS D 52 -33.44 7.48 12.32
C LYS D 52 -32.87 6.16 11.84
N ALA D 53 -31.80 5.70 12.46
CA ALA D 53 -31.28 4.42 12.01
C ALA D 53 -32.41 3.52 12.50
N PRO D 54 -32.66 2.47 11.73
CA PRO D 54 -33.69 1.47 11.97
C PRO D 54 -33.89 0.83 13.36
N GLU D 55 -32.83 0.38 14.00
CA GLU D 55 -33.05 -0.21 15.32
C GLU D 55 -33.59 0.90 16.22
N GLU D 56 -33.11 2.11 15.96
CA GLU D 56 -33.56 3.23 16.74
C GLU D 56 -35.03 3.32 16.41
N ARG D 57 -35.36 3.30 15.12
CA ARG D 57 -36.75 3.41 14.69
C ARG D 57 -37.57 2.24 15.17
N ALA D 58 -36.93 1.09 15.12
CA ALA D 58 -37.55 -0.15 15.57
C ALA D 58 -37.80 -0.19 17.09
N ARG D 59 -36.74 -0.48 17.84
CA ARG D 59 -36.74 -0.58 19.31
C ARG D 59 -37.29 0.65 19.99
N GLY D 60 -37.37 1.71 19.21
CA GLY D 60 -37.87 2.95 19.75
C GLY D 60 -36.95 3.60 20.77
N ILE D 61 -35.64 3.60 20.55
CA ILE D 61 -34.71 4.24 21.48
C ILE D 61 -33.59 4.91 20.73
N THR D 62 -32.94 5.83 21.40
CA THR D 62 -31.83 6.53 20.78
C THR D 62 -30.60 5.63 20.98
N ILE D 63 -29.76 5.40 19.99
CA ILE D 63 -28.57 4.57 20.21
C ILE D 63 -27.38 5.44 19.82
N ASN D 64 -27.44 6.07 18.65
CA ASN D 64 -26.28 6.88 18.33
C ASN D 64 -26.66 8.25 18.80
N THR D 65 -25.68 9.14 18.98
CA THR D 65 -25.98 10.49 19.42
C THR D 65 -26.24 11.24 18.14
N ALA D 66 -26.95 12.37 18.21
CA ALA D 66 -27.20 13.12 17.00
C ALA D 66 -26.88 14.59 17.16
N HIS D 67 -26.32 15.22 16.11
CA HIS D 67 -26.02 16.65 16.16
C HIS D 67 -27.10 17.39 15.40
N VAL D 68 -27.66 18.41 16.04
CA VAL D 68 -28.67 19.21 15.37
C VAL D 68 -28.29 20.63 15.63
N GLU D 69 -28.68 21.49 14.67
CA GLU D 69 -28.37 22.91 14.76
C GLU D 69 -29.63 23.68 15.01
N TYR D 70 -29.49 24.84 15.65
CA TYR D 70 -30.65 25.67 15.92
C TYR D 70 -30.23 26.93 16.62
N GLU D 71 -31.04 27.98 16.51
CA GLU D 71 -30.69 29.25 17.11
C GLU D 71 -31.86 30.03 17.62
N THR D 72 -31.53 31.11 18.31
CA THR D 72 -32.47 31.99 18.96
C THR D 72 -31.98 33.32 18.48
N ALA D 73 -32.59 34.39 18.98
CA ALA D 73 -32.09 35.70 18.55
C ALA D 73 -30.66 35.77 19.07
N LYS D 74 -30.50 35.63 20.39
CA LYS D 74 -29.19 35.73 21.05
C LYS D 74 -28.03 34.89 20.56
N ARG D 75 -28.25 33.60 20.40
CA ARG D 75 -27.15 32.76 19.93
C ARG D 75 -27.52 31.63 19.01
N HIS D 76 -26.44 31.03 18.52
CA HIS D 76 -26.41 29.88 17.64
C HIS D 76 -25.92 28.65 18.38
N TYR D 77 -26.68 27.59 18.26
CA TYR D 77 -26.37 26.33 18.90
C TYR D 77 -26.30 25.05 18.08
N SER D 78 -25.34 24.22 18.50
CA SER D 78 -25.06 22.83 18.08
C SER D 78 -25.62 22.02 19.31
N HIS D 79 -26.59 21.15 19.08
CA HIS D 79 -27.20 20.41 20.18
C HIS D 79 -27.07 18.91 19.96
N VAL D 80 -26.42 18.25 20.93
CA VAL D 80 -26.14 16.80 20.92
C VAL D 80 -27.20 16.05 21.72
N ASP D 81 -27.94 15.18 21.04
CA ASP D 81 -29.01 14.47 21.71
C ASP D 81 -28.39 13.11 21.95
N CYS D 82 -28.38 12.81 23.22
CA CYS D 82 -27.82 11.58 23.73
C CYS D 82 -28.85 10.54 24.16
N PRO D 83 -28.37 9.31 24.09
CA PRO D 83 -29.07 8.11 24.45
C PRO D 83 -28.98 7.96 25.99
N GLY D 84 -30.08 7.53 26.61
CA GLY D 84 -30.27 7.34 28.07
C GLY D 84 -30.30 5.88 28.55
N HIS D 85 -30.16 5.00 27.57
CA HIS D 85 -30.14 3.60 27.87
C HIS D 85 -28.72 3.36 28.41
N ALA D 86 -28.61 2.71 29.56
CA ALA D 86 -27.31 2.42 30.17
C ALA D 86 -26.33 1.63 29.31
N ASP D 87 -26.89 0.89 28.37
CA ASP D 87 -26.09 0.06 27.47
C ASP D 87 -25.35 0.95 26.54
N TYR D 88 -25.71 2.22 26.54
CA TYR D 88 -25.11 3.12 25.58
C TYR D 88 -24.46 4.35 26.15
N ILE D 89 -24.06 4.28 27.42
CA ILE D 89 -23.38 5.40 28.07
C ILE D 89 -22.08 5.92 27.39
N LYS D 90 -21.37 5.09 26.66
CA LYS D 90 -20.17 5.60 26.04
C LYS D 90 -20.55 6.73 25.02
N ASN D 91 -21.57 6.47 24.21
CA ASN D 91 -22.01 7.45 23.22
C ASN D 91 -22.36 8.76 23.93
N MET D 92 -23.22 8.58 24.92
CA MET D 92 -23.65 9.68 25.73
C MET D 92 -22.43 10.40 26.27
N ILE D 93 -21.48 9.67 26.85
CA ILE D 93 -20.30 10.33 27.40
C ILE D 93 -19.63 11.11 26.29
N THR D 94 -19.55 10.51 25.11
CA THR D 94 -18.93 11.23 24.02
C THR D 94 -19.68 12.55 23.66
N GLY D 95 -21.00 12.53 23.72
CA GLY D 95 -21.69 13.76 23.39
C GLY D 95 -21.55 14.77 24.48
N ALA D 96 -21.73 14.30 25.70
CA ALA D 96 -21.66 15.20 26.82
C ALA D 96 -20.27 15.75 26.84
N ALA D 97 -19.36 15.05 26.22
CA ALA D 97 -18.05 15.62 26.29
C ALA D 97 -17.94 16.84 25.44
N GLN D 98 -18.96 17.21 24.67
CA GLN D 98 -18.84 18.39 23.79
C GLN D 98 -19.74 19.52 24.24
N MET D 99 -20.56 19.27 25.25
CA MET D 99 -21.46 20.31 25.72
C MET D 99 -20.82 21.36 26.57
N ASP D 100 -21.40 22.54 26.58
CA ASP D 100 -20.89 23.70 27.32
C ASP D 100 -21.90 23.85 28.38
N GLY D 101 -23.00 23.13 28.19
CA GLY D 101 -24.12 23.17 29.14
C GLY D 101 -24.94 21.94 28.74
N ALA D 102 -25.67 21.36 29.69
CA ALA D 102 -26.46 20.21 29.33
C ALA D 102 -27.87 20.39 29.87
N ILE D 103 -28.79 19.95 29.04
CA ILE D 103 -30.19 20.05 29.39
C ILE D 103 -30.45 18.66 29.95
N LEU D 104 -30.84 18.65 31.23
CA LEU D 104 -31.12 17.41 31.90
C LEU D 104 -32.63 17.22 32.00
N VAL D 105 -33.10 16.28 31.18
CA VAL D 105 -34.51 15.98 31.11
C VAL D 105 -34.93 14.90 32.06
N VAL D 106 -35.96 15.25 32.82
CA VAL D 106 -36.51 14.37 33.81
C VAL D 106 -38.02 14.36 33.69
N SER D 107 -38.46 13.15 33.39
CA SER D 107 -39.88 12.89 33.22
C SER D 107 -40.58 13.11 34.54
N ALA D 108 -41.55 14.02 34.55
CA ALA D 108 -42.24 14.31 35.80
C ALA D 108 -43.06 13.15 36.24
N ALA D 109 -43.33 12.25 35.32
CA ALA D 109 -44.14 11.11 35.71
C ALA D 109 -43.32 10.06 36.42
N ASP D 110 -42.04 10.00 36.09
CA ASP D 110 -41.14 9.02 36.65
C ASP D 110 -40.21 9.51 37.74
N GLY D 111 -39.96 10.81 37.80
CA GLY D 111 -39.04 11.31 38.82
C GLY D 111 -37.63 10.88 38.38
N PRO D 112 -36.69 11.25 39.21
CA PRO D 112 -35.32 10.94 38.95
C PRO D 112 -35.17 9.43 38.91
N MET D 113 -34.40 8.91 37.95
CA MET D 113 -34.14 7.49 37.79
C MET D 113 -32.63 7.43 37.72
N PRO D 114 -32.12 6.23 37.52
CA PRO D 114 -30.69 5.99 37.48
C PRO D 114 -29.78 6.76 36.54
N GLN D 115 -30.05 6.70 35.24
CA GLN D 115 -29.14 7.46 34.44
C GLN D 115 -29.30 8.95 34.72
N THR D 116 -30.34 9.30 35.48
CA THR D 116 -30.56 10.71 35.79
C THR D 116 -29.34 10.98 36.61
N ARG D 117 -29.11 10.12 37.60
CA ARG D 117 -27.93 10.32 38.42
C ARG D 117 -26.65 10.28 37.60
N GLU D 118 -26.50 9.17 36.93
CA GLU D 118 -25.33 8.85 36.14
C GLU D 118 -24.88 9.86 35.14
N HIS D 119 -25.90 10.39 34.48
CA HIS D 119 -25.67 11.36 33.44
C HIS D 119 -25.15 12.60 34.08
N ILE D 120 -25.80 12.96 35.19
CA ILE D 120 -25.29 14.15 35.86
C ILE D 120 -23.81 14.03 36.24
N LEU D 121 -23.44 12.91 36.83
CA LEU D 121 -22.08 12.71 37.22
C LEU D 121 -21.24 12.53 36.02
N LEU D 122 -21.71 11.81 35.03
CA LEU D 122 -20.79 11.69 33.94
C LEU D 122 -20.52 12.99 33.21
N ALA D 123 -21.54 13.84 33.13
CA ALA D 123 -21.45 15.12 32.42
C ALA D 123 -20.27 15.87 32.99
N ARG D 124 -20.30 15.85 34.32
CA ARG D 124 -19.32 16.52 35.09
C ARG D 124 -17.93 16.02 34.86
N GLN D 125 -17.77 14.72 34.90
CA GLN D 125 -16.41 14.22 34.70
C GLN D 125 -15.98 14.52 33.31
N VAL D 126 -16.91 14.96 32.49
CA VAL D 126 -16.53 15.25 31.11
C VAL D 126 -16.40 16.71 30.75
N GLY D 127 -16.61 17.55 31.76
CA GLY D 127 -16.46 18.98 31.58
C GLY D 127 -17.70 19.86 31.58
N VAL D 128 -18.90 19.29 31.58
CA VAL D 128 -20.12 20.09 31.55
C VAL D 128 -20.21 20.90 32.83
N PRO D 129 -20.27 22.20 32.61
CA PRO D 129 -20.30 23.18 33.68
C PRO D 129 -21.62 23.73 34.08
N TYR D 130 -22.65 23.50 33.29
CA TYR D 130 -23.96 24.03 33.65
C TYR D 130 -24.99 23.06 33.16
N ILE D 131 -26.06 22.99 33.92
CA ILE D 131 -27.12 22.10 33.55
C ILE D 131 -28.37 22.91 33.77
N VAL D 132 -29.30 22.71 32.87
CA VAL D 132 -30.56 23.41 32.95
C VAL D 132 -31.38 22.13 33.00
N VAL D 133 -32.46 22.14 33.76
CA VAL D 133 -33.27 20.97 33.85
C VAL D 133 -34.64 21.19 33.23
N PHE D 134 -35.10 20.15 32.53
CA PHE D 134 -36.40 20.27 31.95
C PHE D 134 -37.21 19.08 32.41
N MET D 135 -38.18 19.41 33.24
CA MET D 135 -39.06 18.41 33.81
C MET D 135 -40.09 18.17 32.72
N ASN D 136 -39.95 17.02 32.08
CA ASN D 136 -40.85 16.69 31.00
C ASN D 136 -41.99 15.81 31.47
N LYS D 137 -42.90 15.53 30.52
CA LYS D 137 -44.09 14.71 30.65
C LYS D 137 -45.14 15.20 31.61
N VAL D 138 -45.01 16.49 31.90
CA VAL D 138 -45.91 17.22 32.79
C VAL D 138 -47.39 16.98 32.49
N ASP D 139 -47.70 16.98 31.20
CA ASP D 139 -49.03 16.75 30.70
C ASP D 139 -49.59 15.56 31.39
N MET D 140 -48.73 14.60 31.68
CA MET D 140 -49.15 13.41 32.36
C MET D 140 -49.36 13.56 33.86
N VAL D 141 -49.06 14.72 34.42
CA VAL D 141 -49.30 14.77 35.86
C VAL D 141 -49.79 16.09 36.41
N ASP D 142 -50.67 16.02 37.39
CA ASP D 142 -51.18 17.26 37.96
C ASP D 142 -51.01 17.44 39.47
N ASP D 143 -50.65 16.42 40.25
CA ASP D 143 -50.51 16.72 41.66
C ASP D 143 -49.28 17.57 41.66
N PRO D 144 -49.48 18.77 42.15
CA PRO D 144 -48.38 19.70 42.18
C PRO D 144 -47.33 19.21 43.11
N GLU D 145 -47.73 18.59 44.22
CA GLU D 145 -46.75 18.13 45.18
C GLU D 145 -45.84 17.14 44.53
N LEU D 146 -46.39 16.24 43.74
CA LEU D 146 -45.51 15.30 43.08
C LEU D 146 -44.59 16.06 42.13
N LEU D 147 -45.03 17.15 41.55
CA LEU D 147 -44.12 17.87 40.67
C LEU D 147 -42.99 18.43 41.54
N ASP D 148 -43.45 19.23 42.49
CA ASP D 148 -42.61 19.91 43.42
C ASP D 148 -41.59 19.00 44.06
N LEU D 149 -41.95 17.74 44.17
CA LEU D 149 -41.07 16.78 44.80
C LEU D 149 -39.94 16.35 43.87
N VAL D 150 -40.35 16.06 42.66
CA VAL D 150 -39.43 15.66 41.67
C VAL D 150 -38.40 16.75 41.51
N GLU D 151 -38.85 18.00 41.64
CA GLU D 151 -37.87 19.09 41.51
C GLU D 151 -36.77 18.97 42.58
N MET D 152 -37.19 18.90 43.83
CA MET D 152 -36.30 18.80 44.98
C MET D 152 -35.26 17.75 44.74
N GLU D 153 -35.78 16.57 44.48
CA GLU D 153 -34.91 15.45 44.24
C GLU D 153 -33.92 15.75 43.15
N VAL D 154 -34.42 16.37 42.11
CA VAL D 154 -33.52 16.64 41.04
C VAL D 154 -32.44 17.58 41.50
N ARG D 155 -32.87 18.65 42.16
CA ARG D 155 -31.91 19.60 42.65
C ARG D 155 -30.95 18.91 43.59
N ASP D 156 -31.48 18.21 44.57
CA ASP D 156 -30.59 17.55 45.49
C ASP D 156 -29.54 16.60 44.88
N LEU D 157 -29.98 15.96 43.84
CA LEU D 157 -29.10 15.06 43.16
C LEU D 157 -28.01 15.96 42.58
N LEU D 158 -28.40 17.09 42.02
CA LEU D 158 -27.42 17.96 41.41
C LEU D 158 -26.40 18.44 42.41
N ASN D 159 -26.91 18.74 43.59
CA ASN D 159 -26.06 19.19 44.65
C ASN D 159 -25.03 18.11 44.90
N GLN D 160 -25.49 16.87 44.99
CA GLN D 160 -24.57 15.77 45.24
C GLN D 160 -23.32 15.79 44.37
N TYR D 161 -23.47 16.00 43.07
CA TYR D 161 -22.33 16.01 42.19
C TYR D 161 -21.92 17.42 42.03
N GLU D 162 -22.38 18.17 43.01
CA GLU D 162 -22.04 19.56 43.12
C GLU D 162 -22.32 20.54 42.04
N PHE D 163 -23.54 20.57 41.55
CA PHE D 163 -23.91 21.51 40.52
C PHE D 163 -24.79 22.26 41.52
N PRO D 164 -24.84 23.58 41.37
CA PRO D 164 -25.62 24.54 42.17
C PRO D 164 -27.11 24.29 41.98
N GLY D 165 -27.51 23.12 42.45
CA GLY D 165 -28.85 22.64 42.34
C GLY D 165 -29.77 23.62 42.94
N ASP D 166 -29.25 24.49 43.78
CA ASP D 166 -30.20 25.44 44.35
C ASP D 166 -30.65 26.53 43.40
N GLU D 167 -29.74 26.87 42.48
CA GLU D 167 -29.87 27.91 41.46
C GLU D 167 -30.22 27.39 40.07
N VAL D 168 -29.98 26.12 39.83
CA VAL D 168 -30.27 25.55 38.54
C VAL D 168 -31.71 25.77 38.13
N PRO D 169 -31.89 26.29 36.92
CA PRO D 169 -33.20 26.60 36.30
C PRO D 169 -33.98 25.32 36.11
N VAL D 170 -35.24 25.31 36.52
CA VAL D 170 -36.02 24.09 36.35
C VAL D 170 -37.37 24.26 35.67
N ILE D 171 -37.34 24.11 34.35
CA ILE D 171 -38.49 24.21 33.48
C ILE D 171 -39.36 22.94 33.40
N ARG D 172 -40.64 23.11 33.68
CA ARG D 172 -41.61 22.04 33.62
C ARG D 172 -42.38 22.07 32.29
N GLY D 173 -42.70 20.92 31.73
CA GLY D 173 -43.44 20.87 30.47
C GLY D 173 -43.73 19.50 29.79
N SER D 174 -44.25 19.63 28.57
CA SER D 174 -44.55 18.48 27.75
C SER D 174 -43.91 18.89 26.43
N ALA D 175 -43.08 17.99 25.93
CA ALA D 175 -42.31 18.23 24.74
C ALA D 175 -43.13 17.65 23.65
N LEU D 176 -43.80 16.56 24.01
CA LEU D 176 -44.65 15.88 23.06
C LEU D 176 -45.66 16.94 22.62
N LEU D 177 -46.37 17.50 23.59
CA LEU D 177 -47.33 18.51 23.21
C LEU D 177 -46.77 19.66 22.40
N ALA D 178 -45.58 20.13 22.70
CA ALA D 178 -45.11 21.25 21.90
C ALA D 178 -44.95 20.89 20.45
N LEU D 179 -44.27 19.76 20.30
CA LEU D 179 -43.96 19.20 19.01
C LEU D 179 -45.24 19.04 18.23
N GLU D 180 -46.16 18.32 18.85
CA GLU D 180 -47.46 18.04 18.25
C GLU D 180 -48.06 19.32 17.72
N GLU D 181 -48.01 20.33 18.57
CA GLU D 181 -48.52 21.61 18.23
C GLU D 181 -47.80 22.16 17.02
N MET D 182 -46.47 22.10 17.00
CA MET D 182 -45.80 22.67 15.83
C MET D 182 -46.17 21.87 14.61
N HIS D 183 -46.56 20.64 14.85
CA HIS D 183 -46.96 19.84 13.72
C HIS D 183 -48.22 20.47 13.11
N LYS D 184 -49.26 20.69 13.93
CA LYS D 184 -50.51 21.33 13.49
C LYS D 184 -50.04 22.62 12.87
N ASN D 185 -49.14 23.33 13.54
CA ASN D 185 -48.68 24.53 12.91
C ASN D 185 -47.47 25.22 13.38
N PRO D 186 -46.58 24.98 12.45
CA PRO D 186 -45.20 25.36 12.33
C PRO D 186 -44.99 26.77 12.72
N LYS D 187 -45.86 27.63 12.23
CA LYS D 187 -45.68 29.02 12.55
C LYS D 187 -46.08 29.52 13.90
N THR D 188 -46.31 28.65 14.88
CA THR D 188 -46.69 29.24 16.15
C THR D 188 -45.51 30.00 16.68
N LYS D 189 -45.83 31.08 17.40
CA LYS D 189 -44.84 31.96 17.98
C LYS D 189 -45.13 32.08 19.44
N ARG D 190 -44.22 32.71 20.15
CA ARG D 190 -44.35 32.85 21.59
C ARG D 190 -45.68 33.50 21.91
N GLY D 191 -46.31 33.04 22.99
CA GLY D 191 -47.58 33.59 23.41
C GLY D 191 -48.75 32.84 22.80
N GLU D 192 -48.56 32.39 21.57
CA GLU D 192 -49.63 31.67 20.89
C GLU D 192 -49.91 30.41 21.62
N ASN D 193 -48.88 29.72 22.06
CA ASN D 193 -49.26 28.50 22.72
C ASN D 193 -48.66 28.21 24.04
N GLU D 194 -49.49 27.63 24.89
CA GLU D 194 -49.05 27.24 26.22
C GLU D 194 -47.80 26.38 26.05
N TRP D 195 -47.98 25.08 25.79
CA TRP D 195 -46.90 24.12 25.59
C TRP D 195 -45.70 24.65 24.85
N VAL D 196 -45.97 25.32 23.75
CA VAL D 196 -44.89 25.86 22.98
C VAL D 196 -44.12 26.84 23.88
N ASP D 197 -44.85 27.74 24.50
CA ASP D 197 -44.23 28.71 25.38
C ASP D 197 -43.26 28.14 26.46
N LYS D 198 -43.48 26.91 26.90
CA LYS D 198 -42.57 26.38 27.89
C LYS D 198 -41.19 26.22 27.20
N ILE D 199 -41.21 25.77 25.94
CA ILE D 199 -39.96 25.63 25.19
C ILE D 199 -39.28 26.97 25.09
N TRP D 200 -40.05 28.03 25.07
CA TRP D 200 -39.41 29.34 24.97
C TRP D 200 -38.75 29.51 26.32
N GLU D 201 -39.42 29.01 27.35
CA GLU D 201 -38.81 29.12 28.67
C GLU D 201 -37.46 28.36 28.66
N LEU D 202 -37.47 27.16 28.09
CA LEU D 202 -36.25 26.41 28.06
C LEU D 202 -35.26 27.19 27.30
N LEU D 203 -35.66 27.56 26.11
CA LEU D 203 -34.78 28.32 25.24
C LEU D 203 -34.24 29.54 25.93
N ASP D 204 -35.06 30.12 26.77
CA ASP D 204 -34.54 31.29 27.46
C ASP D 204 -33.48 30.96 28.48
N ALA D 205 -33.80 29.93 29.25
CA ALA D 205 -32.93 29.43 30.30
C ALA D 205 -31.58 29.17 29.68
N ILE D 206 -31.62 28.47 28.56
CA ILE D 206 -30.39 28.17 27.92
C ILE D 206 -29.63 29.38 27.49
N ASP D 207 -30.36 30.38 26.97
CA ASP D 207 -29.80 31.64 26.49
C ASP D 207 -29.16 32.34 27.68
N GLU D 208 -30.00 32.55 28.70
CA GLU D 208 -29.58 33.20 29.93
C GLU D 208 -28.60 32.51 30.92
N TYR D 209 -29.00 31.39 31.52
CA TYR D 209 -28.16 30.63 32.47
C TYR D 209 -26.88 30.03 31.96
N ILE D 210 -26.84 29.46 30.77
CA ILE D 210 -25.57 28.89 30.38
C ILE D 210 -24.78 30.00 29.77
N PRO D 211 -23.79 30.47 30.50
CA PRO D 211 -22.98 31.55 29.94
C PRO D 211 -22.31 31.10 28.68
N THR D 212 -21.97 32.04 27.84
CA THR D 212 -21.26 31.65 26.67
C THR D 212 -19.87 31.72 27.25
N PRO D 213 -19.11 30.67 27.01
CA PRO D 213 -17.77 30.50 27.50
C PRO D 213 -16.73 31.44 26.97
N VAL D 214 -15.57 31.41 27.60
CA VAL D 214 -14.49 32.24 27.14
C VAL D 214 -13.87 31.19 26.25
N ARG D 215 -13.18 31.62 25.22
CA ARG D 215 -12.54 30.70 24.29
C ARG D 215 -11.08 31.15 24.18
N ASP D 216 -10.17 30.19 24.36
CA ASP D 216 -8.74 30.47 24.28
C ASP D 216 -8.30 30.21 22.86
N VAL D 217 -8.64 31.14 21.97
CA VAL D 217 -8.32 31.02 20.57
C VAL D 217 -6.87 31.18 20.32
N ASP D 218 -6.19 31.65 21.35
CA ASP D 218 -4.75 31.84 21.24
C ASP D 218 -3.87 30.63 21.55
N LYS D 219 -4.33 29.78 22.46
CA LYS D 219 -3.50 28.64 22.77
C LYS D 219 -3.46 27.78 21.52
N PRO D 220 -2.53 26.84 21.53
CA PRO D 220 -2.36 25.91 20.40
C PRO D 220 -3.66 25.14 20.10
N PHE D 221 -3.84 24.81 18.84
CA PHE D 221 -5.03 24.12 18.43
C PHE D 221 -5.11 22.76 19.04
N LEU D 222 -6.31 22.44 19.52
CA LEU D 222 -6.59 21.17 20.15
C LEU D 222 -8.04 20.84 19.94
N MET D 223 -8.26 19.71 19.24
CA MET D 223 -9.63 19.26 19.02
C MET D 223 -9.71 17.75 19.11
N PRO D 224 -10.56 17.36 20.03
CA PRO D 224 -10.76 15.98 20.34
C PRO D 224 -11.69 15.28 19.40
N VAL D 225 -11.24 14.25 18.69
CA VAL D 225 -12.14 13.53 17.80
C VAL D 225 -13.36 12.88 18.48
N GLU D 226 -14.53 13.09 17.88
CA GLU D 226 -15.81 12.63 18.38
C GLU D 226 -16.32 11.67 17.39
N ASP D 227 -15.90 11.89 16.16
CA ASP D 227 -16.40 10.96 15.20
C ASP D 227 -15.62 11.12 13.98
N VAL D 228 -15.74 10.08 13.17
CA VAL D 228 -15.07 10.06 11.90
C VAL D 228 -15.88 9.60 10.69
N PHE D 229 -15.75 10.31 9.56
CA PHE D 229 -16.44 9.93 8.34
C PHE D 229 -15.59 9.86 7.10
N THR D 230 -16.19 9.14 6.16
CA THR D 230 -15.61 8.98 4.87
C THR D 230 -16.65 9.62 4.00
N ILE D 231 -16.22 10.74 3.45
CA ILE D 231 -17.05 11.57 2.60
C ILE D 231 -16.85 11.44 1.10
N THR D 232 -17.96 11.42 0.36
CA THR D 232 -17.93 11.35 -1.10
C THR D 232 -17.15 12.33 -1.98
N GLY D 233 -16.05 11.84 -2.55
CA GLY D 233 -15.20 12.65 -3.40
C GLY D 233 -14.10 13.31 -2.58
N ARG D 234 -14.47 13.87 -1.44
CA ARG D 234 -13.50 14.54 -0.55
C ARG D 234 -12.56 13.68 0.31
N GLY D 235 -13.10 12.78 1.13
CA GLY D 235 -12.22 11.97 1.94
C GLY D 235 -12.55 11.76 3.43
N THR D 236 -11.49 11.69 4.22
CA THR D 236 -11.60 11.44 5.64
C THR D 236 -11.84 12.69 6.47
N VAL D 237 -12.99 12.67 7.14
CA VAL D 237 -13.42 13.80 7.94
C VAL D 237 -13.45 13.49 9.43
N ALA D 238 -12.92 14.40 10.24
CA ALA D 238 -12.93 14.20 11.66
C ALA D 238 -13.81 15.26 12.25
N THR D 239 -14.76 14.85 13.07
CA THR D 239 -15.63 15.82 13.68
C THR D 239 -15.30 15.94 15.16
N GLY D 240 -15.55 17.12 15.70
CA GLY D 240 -15.34 17.42 17.10
C GLY D 240 -15.57 18.90 17.48
N ARG D 241 -15.41 19.17 18.77
CA ARG D 241 -15.54 20.47 19.37
C ARG D 241 -14.15 21.01 19.72
N ILE D 242 -13.76 22.10 19.03
CA ILE D 242 -12.46 22.73 19.20
C ILE D 242 -12.19 23.10 20.63
N GLU D 243 -11.16 22.48 21.18
CA GLU D 243 -10.88 22.75 22.55
C GLU D 243 -10.40 24.19 22.75
N ARG D 244 -9.34 24.54 22.03
CA ARG D 244 -8.77 25.86 22.14
C ARG D 244 -8.00 26.13 20.84
N GLY D 245 -7.72 27.42 20.59
CA GLY D 245 -7.01 27.84 19.38
C GLY D 245 -7.87 27.84 18.11
N LYS D 246 -7.24 27.45 16.99
CA LYS D 246 -7.94 27.40 15.71
C LYS D 246 -7.42 26.69 14.41
N VAL D 247 -8.30 26.65 13.41
CA VAL D 247 -7.91 26.05 12.14
C VAL D 247 -8.61 26.62 10.97
N LYS D 248 -7.89 26.42 9.89
CA LYS D 248 -8.28 26.82 8.59
C LYS D 248 -7.46 25.88 7.76
N VAL D 249 -8.13 25.63 6.64
CA VAL D 249 -7.70 24.81 5.54
C VAL D 249 -6.25 25.16 5.32
N GLY D 250 -5.47 24.18 4.94
CA GLY D 250 -4.09 24.55 4.76
C GLY D 250 -3.27 24.32 6.02
N ASP D 251 -3.83 24.52 7.23
CA ASP D 251 -3.00 24.25 8.43
C ASP D 251 -2.70 22.72 8.50
N GLU D 252 -1.49 22.38 8.91
CA GLU D 252 -1.20 20.95 9.05
C GLU D 252 -1.38 20.63 10.53
N VAL D 253 -1.94 19.46 10.80
CA VAL D 253 -2.19 19.08 12.18
C VAL D 253 -1.65 17.72 12.53
N GLU D 254 -1.77 17.47 13.84
CA GLU D 254 -1.33 16.23 14.45
C GLU D 254 -2.47 15.39 15.06
N ILE D 255 -2.52 14.13 14.63
CA ILE D 255 -3.48 13.16 15.13
C ILE D 255 -2.75 12.44 16.26
N VAL D 256 -3.02 12.85 17.49
CA VAL D 256 -2.38 12.27 18.66
C VAL D 256 -3.14 11.26 19.54
N GLY D 257 -2.42 10.22 19.99
CA GLY D 257 -3.03 9.22 20.88
C GLY D 257 -3.63 7.96 20.30
N LEU D 258 -3.90 6.99 21.19
CA LEU D 258 -4.49 5.67 20.85
C LEU D 258 -3.69 4.96 19.81
N ALA D 259 -2.40 5.22 19.73
CA ALA D 259 -1.65 4.54 18.68
C ALA D 259 -0.19 4.88 18.85
N PRO D 260 0.62 3.91 18.45
CA PRO D 260 2.08 3.86 18.52
C PRO D 260 2.60 5.24 18.34
N GLU D 261 2.61 5.58 17.07
CA GLU D 261 3.05 6.91 16.75
C GLU D 261 1.95 7.81 16.26
N THR D 262 2.12 9.07 16.62
CA THR D 262 1.21 10.12 16.24
C THR D 262 1.44 10.36 14.72
N ARG D 263 0.50 10.98 14.04
CA ARG D 263 0.65 11.22 12.60
C ARG D 263 0.17 12.59 12.11
N LYS D 264 0.84 13.13 11.09
CA LYS D 264 0.51 14.46 10.54
C LYS D 264 -0.37 14.56 9.31
N THR D 265 -1.10 15.67 9.19
CA THR D 265 -1.97 15.89 8.02
C THR D 265 -2.19 17.35 7.99
N VAL D 266 -2.70 17.78 6.83
CA VAL D 266 -3.06 19.15 6.60
C VAL D 266 -4.56 19.16 6.46
N VAL D 267 -5.20 20.04 7.22
CA VAL D 267 -6.64 20.12 7.09
C VAL D 267 -7.03 20.78 5.75
N THR D 268 -7.78 20.01 4.97
CA THR D 268 -8.28 20.46 3.67
C THR D 268 -9.78 20.87 3.64
N GLY D 269 -10.49 20.83 4.77
CA GLY D 269 -11.90 21.19 4.78
C GLY D 269 -12.24 21.59 6.20
N VAL D 270 -13.21 22.51 6.36
CA VAL D 270 -13.67 22.97 7.67
C VAL D 270 -15.11 23.32 7.46
N GLU D 271 -15.97 22.59 8.15
CA GLU D 271 -17.38 22.82 8.06
C GLU D 271 -17.98 22.93 9.44
N MET D 272 -19.26 23.22 9.51
CA MET D 272 -20.00 23.37 10.75
C MET D 272 -21.38 23.21 10.17
N HIS D 273 -22.03 22.14 10.59
CA HIS D 273 -23.33 21.78 10.13
C HIS D 273 -23.39 21.80 8.62
N ARG D 274 -22.51 21.02 8.00
CA ARG D 274 -22.48 20.95 6.56
C ARG D 274 -22.36 22.34 5.88
N LYS D 275 -21.70 23.33 6.48
CA LYS D 275 -21.53 24.63 5.83
C LYS D 275 -20.10 25.13 5.98
N THR D 276 -19.49 25.51 4.88
CA THR D 276 -18.12 25.99 4.95
C THR D 276 -17.82 27.08 5.94
N LEU D 277 -16.64 26.96 6.52
CA LEU D 277 -16.18 27.91 7.50
C LEU D 277 -14.79 28.26 7.00
N GLN D 278 -14.42 29.53 7.09
CA GLN D 278 -13.12 29.93 6.61
C GLN D 278 -12.12 29.27 7.54
N GLU D 279 -12.35 29.60 8.80
CA GLU D 279 -11.54 29.12 9.90
C GLU D 279 -12.44 28.84 11.09
N GLY D 280 -12.25 27.67 11.67
CA GLY D 280 -13.08 27.34 12.80
C GLY D 280 -12.24 27.75 13.98
N ILE D 281 -12.91 28.19 15.02
CA ILE D 281 -12.24 28.59 16.22
C ILE D 281 -12.81 27.82 17.42
N ALA D 282 -12.05 27.83 18.52
CA ALA D 282 -12.37 27.24 19.81
C ALA D 282 -13.86 27.41 20.10
N GLY D 283 -14.58 26.30 20.24
CA GLY D 283 -16.01 26.26 20.50
C GLY D 283 -16.78 25.70 19.29
N ASP D 284 -16.15 25.76 18.11
CA ASP D 284 -16.88 25.28 16.97
C ASP D 284 -17.04 23.78 17.00
N ASN D 285 -18.22 23.33 16.61
CA ASN D 285 -18.33 21.90 16.57
C ASN D 285 -18.12 21.78 15.08
N VAL D 286 -16.91 21.38 14.71
CA VAL D 286 -16.60 21.26 13.31
C VAL D 286 -16.48 19.86 12.77
N GLY D 287 -15.96 19.81 11.54
CA GLY D 287 -15.72 18.61 10.76
C GLY D 287 -14.47 18.97 9.96
N LEU D 288 -13.44 18.13 9.92
CA LEU D 288 -12.22 18.48 9.17
C LEU D 288 -11.78 17.44 8.20
N LEU D 289 -11.54 17.89 6.96
CA LEU D 289 -11.11 16.99 5.91
C LEU D 289 -9.62 16.90 6.15
N LEU D 290 -9.05 15.69 6.06
CA LEU D 290 -7.63 15.57 6.32
C LEU D 290 -6.88 14.94 5.18
N ARG D 291 -5.84 15.63 4.76
CA ARG D 291 -5.10 15.09 3.63
C ARG D 291 -4.56 13.66 3.79
N GLY D 292 -5.18 12.77 3.05
CA GLY D 292 -4.81 11.35 3.01
C GLY D 292 -4.76 10.44 4.22
N VAL D 293 -5.72 10.58 5.12
CA VAL D 293 -5.73 9.71 6.25
C VAL D 293 -6.95 8.84 5.98
N SER D 294 -6.82 7.53 6.22
CA SER D 294 -7.94 6.63 6.00
C SER D 294 -8.76 6.64 7.26
N ARG D 295 -9.90 5.92 7.24
CA ARG D 295 -10.76 5.87 8.42
C ARG D 295 -9.95 5.14 9.47
N GLU D 296 -9.13 4.20 9.01
CA GLU D 296 -8.30 3.49 9.96
C GLU D 296 -7.34 4.44 10.67
N GLU D 297 -6.80 5.44 9.99
CA GLU D 297 -5.89 6.30 10.73
C GLU D 297 -6.47 7.36 11.60
N VAL D 298 -7.79 7.42 11.69
CA VAL D 298 -8.34 8.44 12.54
C VAL D 298 -9.54 7.89 13.20
N GLU D 299 -9.65 8.21 14.48
CA GLU D 299 -10.78 7.67 15.17
C GLU D 299 -11.05 8.40 16.43
N ARG D 300 -12.31 8.22 16.80
CA ARG D 300 -12.82 8.84 17.99
C ARG D 300 -11.89 8.58 19.15
N GLY D 301 -11.67 9.53 20.03
CA GLY D 301 -10.76 9.29 21.13
C GLY D 301 -9.38 9.85 20.87
N GLN D 302 -8.96 9.96 19.61
CA GLN D 302 -7.64 10.57 19.39
C GLN D 302 -7.82 12.09 19.45
N VAL D 303 -6.74 12.81 19.19
CA VAL D 303 -6.85 14.25 19.23
C VAL D 303 -6.11 14.98 18.13
N LEU D 304 -6.67 16.13 17.77
CA LEU D 304 -6.06 16.93 16.74
C LEU D 304 -5.50 18.11 17.45
N ALA D 305 -4.20 18.22 17.25
CA ALA D 305 -3.46 19.31 17.84
C ALA D 305 -2.35 19.88 16.98
N LYS D 306 -1.90 21.03 17.45
CA LYS D 306 -0.79 21.73 16.81
C LYS D 306 0.38 20.74 16.91
N PRO D 307 0.97 20.43 15.75
CA PRO D 307 2.09 19.49 15.65
C PRO D 307 3.12 19.84 16.70
N GLY D 308 3.50 18.78 17.42
CA GLY D 308 4.43 18.88 18.53
C GLY D 308 3.77 19.52 19.76
N SER D 309 2.66 20.26 19.61
CA SER D 309 2.06 20.84 20.80
C SER D 309 1.70 19.81 21.89
N ILE D 310 1.64 18.52 21.55
CA ILE D 310 1.23 17.53 22.54
C ILE D 310 1.80 16.14 22.72
N THR D 311 1.82 15.78 24.01
CA THR D 311 2.25 14.48 24.50
C THR D 311 1.19 13.47 24.98
N PRO D 312 1.15 12.33 24.31
CA PRO D 312 0.21 11.29 24.69
C PRO D 312 0.85 10.60 25.90
N HIS D 313 0.03 10.03 26.78
CA HIS D 313 0.59 9.40 27.95
C HIS D 313 0.21 8.00 28.24
N THR D 314 0.63 7.47 29.39
CA THR D 314 0.27 6.10 29.75
C THR D 314 0.09 6.00 31.23
N LYS D 315 1.05 6.49 32.02
CA LYS D 315 0.85 6.36 33.45
C LYS D 315 0.63 7.67 34.11
N PHE D 316 0.02 7.61 35.29
CA PHE D 316 -0.23 8.84 35.97
C PHE D 316 -0.81 8.57 37.33
N GLU D 317 -0.57 9.50 38.23
CA GLU D 317 -1.08 9.36 39.55
C GLU D 317 -2.46 9.99 39.35
N ALA D 318 -3.42 9.67 40.22
CA ALA D 318 -4.76 10.21 40.12
C ALA D 318 -5.45 10.12 41.46
N SER D 319 -6.23 11.16 41.73
CA SER D 319 -6.99 11.25 42.97
C SER D 319 -8.38 10.83 42.53
N VAL D 320 -8.89 9.78 43.15
CA VAL D 320 -10.17 9.25 42.75
C VAL D 320 -11.12 9.06 43.87
N TYR D 321 -12.39 8.97 43.50
CA TYR D 321 -13.50 8.74 44.41
C TYR D 321 -14.21 7.58 43.72
N ILE D 322 -14.46 6.56 44.54
CA ILE D 322 -15.09 5.33 44.14
C ILE D 322 -16.53 5.49 44.56
N LEU D 323 -17.46 5.09 43.69
CA LEU D 323 -18.85 5.30 44.06
C LEU D 323 -19.41 4.19 44.88
N LYS D 324 -20.39 4.54 45.69
CA LYS D 324 -21.11 3.63 46.55
C LYS D 324 -22.00 2.78 45.67
N LYS D 325 -22.31 1.59 46.17
CA LYS D 325 -23.15 0.62 45.47
C LYS D 325 -24.40 1.38 45.20
N GLU D 326 -24.74 2.11 46.24
CA GLU D 326 -25.89 2.97 46.39
C GLU D 326 -25.98 4.05 45.32
N GLU D 327 -24.82 4.56 44.94
CA GLU D 327 -24.71 5.60 43.91
C GLU D 327 -24.59 4.90 42.57
N GLY D 328 -24.99 3.65 42.46
CA GLY D 328 -24.85 2.97 41.19
C GLY D 328 -23.49 2.32 40.94
N GLY D 329 -22.67 2.30 42.00
CA GLY D 329 -21.33 1.72 41.93
C GLY D 329 -21.10 0.24 42.26
N ARG D 330 -19.84 -0.09 42.51
CA ARG D 330 -19.43 -1.45 42.87
C ARG D 330 -19.92 -1.80 44.29
N HIS D 331 -19.89 -3.05 44.67
CA HIS D 331 -20.32 -3.31 46.04
C HIS D 331 -19.26 -4.19 46.74
N THR D 332 -18.08 -4.25 46.13
CA THR D 332 -16.96 -5.02 46.63
C THR D 332 -15.71 -4.19 46.34
N GLY D 333 -14.75 -4.21 47.25
CA GLY D 333 -13.51 -3.48 47.10
C GLY D 333 -12.73 -4.12 45.96
N PHE D 334 -11.66 -3.46 45.52
CA PHE D 334 -10.79 -3.99 44.46
C PHE D 334 -9.34 -3.76 44.92
N PHE D 335 -8.41 -4.37 44.19
CA PHE D 335 -7.01 -4.24 44.52
C PHE D 335 -6.28 -4.03 43.24
N THR D 336 -4.99 -3.97 43.44
CA THR D 336 -4.05 -3.78 42.38
C THR D 336 -4.32 -4.84 41.35
N GLY D 337 -4.11 -4.54 40.08
CA GLY D 337 -4.37 -5.51 39.01
C GLY D 337 -5.73 -5.32 38.32
N TYR D 338 -6.65 -4.62 39.00
CA TYR D 338 -7.99 -4.29 38.54
C TYR D 338 -7.91 -3.48 37.29
N ARG D 339 -8.49 -4.01 36.22
CA ARG D 339 -8.42 -3.11 35.12
C ARG D 339 -9.72 -2.67 34.46
N PRO D 340 -10.25 -1.53 34.88
CA PRO D 340 -11.47 -1.01 34.32
C PRO D 340 -11.14 -0.04 33.16
N GLN D 341 -12.15 0.72 32.74
CA GLN D 341 -11.95 1.68 31.65
C GLN D 341 -11.97 3.14 32.05
N PHE D 342 -11.05 3.90 31.45
CA PHE D 342 -10.94 5.34 31.73
C PHE D 342 -11.46 6.19 30.61
N TYR D 343 -12.25 7.18 31.01
CA TYR D 343 -12.88 8.12 30.08
C TYR D 343 -12.40 9.49 30.33
N PHE D 344 -11.70 10.02 29.34
CA PHE D 344 -11.19 11.39 29.36
C PHE D 344 -11.73 11.97 28.06
N ARG D 345 -12.58 12.98 28.22
CA ARG D 345 -13.23 13.61 27.09
C ARG D 345 -13.95 12.56 26.25
N THR D 346 -13.62 12.43 24.96
CA THR D 346 -14.23 11.48 24.01
C THR D 346 -13.41 10.20 24.02
N THR D 347 -12.44 10.15 24.92
CA THR D 347 -11.60 8.97 25.01
C THR D 347 -12.04 8.05 26.13
N ASP D 348 -11.83 6.79 25.81
CA ASP D 348 -12.16 5.75 26.75
C ASP D 348 -11.05 4.69 26.56
N VAL D 349 -10.24 4.41 27.59
CA VAL D 349 -9.18 3.39 27.43
C VAL D 349 -9.08 2.61 28.71
N THR D 350 -8.75 1.33 28.51
CA THR D 350 -8.56 0.39 29.62
C THR D 350 -7.19 0.63 30.29
N GLY D 351 -7.23 0.58 31.61
CA GLY D 351 -6.03 0.75 32.43
C GLY D 351 -5.96 -0.14 33.71
N VAL D 352 -4.75 -0.56 34.01
CA VAL D 352 -4.50 -1.36 35.21
C VAL D 352 -4.29 -0.47 36.44
N VAL D 353 -5.11 -0.59 37.46
CA VAL D 353 -4.92 0.24 38.64
C VAL D 353 -3.82 -0.33 39.55
N ARG D 354 -3.00 0.53 40.16
CA ARG D 354 -1.96 0.06 41.08
C ARG D 354 -2.14 0.80 42.40
N LEU D 355 -2.52 0.11 43.46
CA LEU D 355 -2.70 0.79 44.74
C LEU D 355 -1.35 1.19 45.38
N PRO D 356 -1.24 2.44 45.85
CA PRO D 356 -0.01 2.90 46.48
C PRO D 356 0.28 2.04 47.73
N GLN D 357 1.48 2.10 48.32
CA GLN D 357 1.77 1.29 49.52
C GLN D 357 0.91 1.72 50.69
N GLY D 358 0.50 0.79 51.52
CA GLY D 358 -0.33 1.26 52.62
C GLY D 358 -1.79 1.08 52.26
N VAL D 359 -2.07 0.78 50.99
CA VAL D 359 -3.46 0.57 50.54
C VAL D 359 -3.50 -0.75 49.80
N GLU D 360 -4.34 -1.68 50.24
CA GLU D 360 -4.45 -3.02 49.63
C GLU D 360 -5.71 -3.25 48.80
N MET D 361 -6.83 -2.72 49.29
CA MET D 361 -8.04 -2.91 48.55
C MET D 361 -8.86 -1.65 48.81
N VAL D 362 -9.41 -1.11 47.72
CA VAL D 362 -10.22 0.11 47.73
C VAL D 362 -11.69 -0.27 47.78
N MET D 363 -12.39 0.32 48.72
CA MET D 363 -13.78 0.02 48.88
C MET D 363 -14.72 1.06 48.33
N PRO D 364 -15.91 0.59 48.00
CA PRO D 364 -16.95 1.46 47.49
C PRO D 364 -17.16 2.62 48.41
N GLY D 365 -16.99 3.82 47.87
CA GLY D 365 -17.19 5.02 48.66
C GLY D 365 -15.89 5.65 49.18
N ASP D 366 -14.78 5.02 48.88
CA ASP D 366 -13.58 5.65 49.38
C ASP D 366 -13.13 6.71 48.42
N ASN D 367 -12.08 7.39 48.84
CA ASN D 367 -11.46 8.40 48.03
C ASN D 367 -10.06 7.81 48.18
N VAL D 368 -9.49 7.31 47.10
CA VAL D 368 -8.19 6.73 47.15
C VAL D 368 -7.41 7.76 46.37
N THR D 369 -6.32 7.28 45.79
CA THR D 369 -5.38 8.01 44.97
C THR D 369 -4.47 6.89 44.52
N PHE D 370 -4.28 6.73 43.24
CA PHE D 370 -3.42 5.66 42.81
C PHE D 370 -2.92 5.95 41.45
N THR D 371 -2.27 4.93 40.95
CA THR D 371 -1.63 5.03 39.68
C THR D 371 -2.39 4.14 38.81
N VAL D 372 -2.34 4.50 37.54
CA VAL D 372 -3.02 3.82 36.45
C VAL D 372 -2.00 3.76 35.36
N GLU D 373 -2.08 2.73 34.57
CA GLU D 373 -1.16 2.57 33.49
C GLU D 373 -2.11 2.16 32.37
N LEU D 374 -2.35 3.07 31.45
CA LEU D 374 -3.27 2.85 30.34
C LEU D 374 -2.75 1.89 29.29
N ILE D 375 -3.69 1.13 28.73
CA ILE D 375 -3.20 0.20 27.73
C ILE D 375 -2.87 0.75 26.38
N LYS D 376 -3.09 2.06 26.22
CA LYS D 376 -2.84 2.83 25.00
C LYS D 376 -2.50 4.23 25.45
N PRO D 377 -1.72 4.92 24.64
CA PRO D 377 -1.31 6.25 25.01
C PRO D 377 -2.41 7.25 24.66
N VAL D 378 -2.47 8.30 25.44
CA VAL D 378 -3.49 9.30 25.23
C VAL D 378 -3.20 10.70 25.78
N ALA D 379 -3.79 11.66 25.11
CA ALA D 379 -3.63 13.01 25.49
C ALA D 379 -4.04 13.32 26.93
N LEU D 380 -3.06 13.37 27.81
CA LEU D 380 -3.40 13.70 29.18
C LEU D 380 -2.87 15.05 29.51
N GLU D 381 -3.19 15.49 30.71
CA GLU D 381 -2.77 16.75 31.29
C GLU D 381 -3.21 16.69 32.73
N GLU D 382 -2.36 17.16 33.63
CA GLU D 382 -2.69 17.15 35.06
C GLU D 382 -4.01 17.87 35.23
N GLY D 383 -4.69 17.69 36.34
CA GLY D 383 -5.95 18.37 36.50
C GLY D 383 -7.05 17.91 35.55
N LEU D 384 -6.70 17.02 34.62
CA LEU D 384 -7.70 16.51 33.67
C LEU D 384 -8.65 15.57 34.45
N ARG D 385 -9.95 15.73 34.26
CA ARG D 385 -10.90 14.87 34.95
C ARG D 385 -11.29 13.64 34.16
N PHE D 386 -11.84 12.65 34.85
CA PHE D 386 -12.19 11.47 34.10
C PHE D 386 -13.19 10.62 34.84
N ALA D 387 -13.66 9.60 34.14
CA ALA D 387 -14.61 8.72 34.73
C ALA D 387 -14.04 7.32 34.56
N ILE D 388 -14.39 6.47 35.51
CA ILE D 388 -13.98 5.08 35.53
C ILE D 388 -15.30 4.29 35.49
N ARG D 389 -15.39 3.46 34.49
CA ARG D 389 -16.59 2.66 34.37
C ARG D 389 -16.07 1.26 34.15
N GLU D 390 -16.87 0.29 34.56
CA GLU D 390 -16.38 -1.07 34.39
C GLU D 390 -17.59 -1.88 34.59
N GLY D 391 -17.61 -2.98 33.84
CA GLY D 391 -18.73 -3.92 33.84
C GLY D 391 -20.09 -3.23 33.64
N GLY D 392 -20.19 -2.28 32.75
CA GLY D 392 -21.51 -1.72 32.64
C GLY D 392 -21.84 -0.68 33.64
N ARG D 393 -20.87 -0.26 34.39
CA ARG D 393 -21.28 0.77 35.28
C ARG D 393 -20.20 1.78 35.56
N THR D 394 -20.64 2.87 36.15
CA THR D 394 -19.66 3.88 36.44
C THR D 394 -19.13 3.47 37.82
N VAL D 395 -17.83 3.36 38.00
CA VAL D 395 -17.35 2.99 39.34
C VAL D 395 -16.58 4.11 40.08
N GLY D 396 -16.07 5.06 39.32
CA GLY D 396 -15.38 6.13 40.00
C GLY D 396 -15.25 7.38 39.14
N ALA D 397 -14.87 8.43 39.82
CA ALA D 397 -14.69 9.72 39.19
C ALA D 397 -13.38 10.29 39.76
N GLY D 398 -12.37 10.55 38.93
CA GLY D 398 -11.15 11.12 39.48
C GLY D 398 -10.58 12.25 38.62
N VAL D 399 -9.36 12.66 38.94
CA VAL D 399 -8.69 13.68 38.16
C VAL D 399 -7.19 13.44 38.14
N VAL D 400 -6.61 13.63 36.97
CA VAL D 400 -5.20 13.43 36.88
C VAL D 400 -4.44 14.24 37.86
N THR D 401 -3.54 13.53 38.49
CA THR D 401 -2.80 14.22 39.48
C THR D 401 -1.32 14.47 39.22
N LYS D 402 -0.79 13.76 38.24
CA LYS D 402 0.59 13.89 37.92
C LYS D 402 0.79 12.85 36.86
N ILE D 403 1.61 13.17 35.89
CA ILE D 403 1.89 12.26 34.79
C ILE D 403 3.13 11.40 34.94
N LEU D 404 2.93 10.10 35.03
CA LEU D 404 4.07 9.22 35.18
C LEU D 404 4.82 8.96 33.88
N GLU D 405 4.13 8.60 32.79
CA GLU D 405 4.77 8.36 31.50
C GLU D 405 3.75 8.64 30.38
N ALA E 1 -13.39 -5.91 -28.06
CA ALA E 1 -13.65 -7.29 -28.48
C ALA E 1 -13.58 -7.39 -30.00
N LYS E 2 -14.76 -7.27 -30.59
CA LYS E 2 -15.02 -7.33 -32.03
C LYS E 2 -16.53 -7.41 -31.97
N GLY E 3 -16.95 -8.63 -31.68
CA GLY E 3 -18.35 -9.01 -31.55
C GLY E 3 -18.81 -9.22 -30.08
N GLU E 4 -20.05 -9.67 -30.02
CA GLU E 4 -20.80 -9.96 -28.82
C GLU E 4 -21.05 -11.44 -28.80
N PHE E 5 -22.04 -11.85 -28.04
CA PHE E 5 -22.38 -13.24 -27.98
C PHE E 5 -23.86 -13.30 -27.60
N ILE E 6 -24.59 -13.92 -28.52
CA ILE E 6 -26.03 -14.08 -28.34
C ILE E 6 -26.32 -15.52 -28.01
N ARG E 7 -27.11 -15.69 -26.96
CA ARG E 7 -27.53 -17.01 -26.53
C ARG E 7 -28.78 -17.25 -27.36
N THR E 8 -28.94 -18.46 -27.91
CA THR E 8 -30.07 -18.85 -28.76
C THR E 8 -30.37 -20.35 -28.65
N LYS E 9 -29.38 -21.07 -28.12
CA LYS E 9 -29.47 -22.52 -27.94
C LYS E 9 -28.92 -22.79 -26.56
N PRO E 10 -29.16 -23.99 -26.07
CA PRO E 10 -28.61 -24.33 -24.76
C PRO E 10 -27.11 -24.50 -24.96
N HIS E 11 -26.36 -24.26 -23.89
CA HIS E 11 -24.91 -24.38 -23.98
C HIS E 11 -24.34 -25.59 -23.26
N VAL E 12 -23.37 -26.25 -23.86
CA VAL E 12 -22.83 -27.43 -23.22
C VAL E 12 -21.35 -27.57 -23.53
N ASN E 13 -20.59 -27.92 -22.49
CA ASN E 13 -19.15 -28.09 -22.58
C ASN E 13 -18.73 -29.53 -22.84
N VAL E 14 -17.87 -29.72 -23.84
CA VAL E 14 -17.44 -31.06 -24.15
C VAL E 14 -15.96 -30.98 -24.53
N GLY E 15 -15.40 -32.06 -25.05
CA GLY E 15 -14.01 -31.98 -25.42
C GLY E 15 -13.56 -33.37 -25.80
N THR E 16 -12.32 -33.44 -26.24
CA THR E 16 -11.75 -34.68 -26.64
C THR E 16 -10.68 -35.20 -25.67
N ILE E 17 -10.75 -36.47 -25.27
CA ILE E 17 -9.77 -37.15 -24.39
C ILE E 17 -9.40 -38.50 -25.01
N GLY E 18 -8.37 -39.16 -24.53
CA GLY E 18 -7.95 -40.45 -25.07
C GLY E 18 -6.45 -40.57 -25.25
N HIS E 19 -5.95 -41.79 -25.44
CA HIS E 19 -4.51 -42.00 -25.61
C HIS E 19 -3.82 -41.09 -26.62
N VAL E 20 -2.52 -41.05 -26.47
CA VAL E 20 -1.78 -40.19 -27.34
C VAL E 20 -1.87 -40.57 -28.78
N ASP E 21 -2.12 -39.53 -29.59
CA ASP E 21 -2.18 -39.60 -31.04
C ASP E 21 -3.31 -40.43 -31.60
N HIS E 22 -4.31 -40.72 -30.79
CA HIS E 22 -5.41 -41.52 -31.31
C HIS E 22 -6.28 -40.68 -32.22
N GLY E 23 -5.98 -39.39 -32.33
CA GLY E 23 -6.76 -38.55 -33.20
C GLY E 23 -7.65 -37.50 -32.64
N LYS E 24 -7.37 -37.13 -31.39
CA LYS E 24 -8.13 -36.09 -30.69
C LYS E 24 -8.17 -34.80 -31.47
N THR E 25 -6.99 -34.36 -31.92
CA THR E 25 -6.90 -33.11 -32.68
C THR E 25 -7.67 -33.04 -33.98
N THR E 26 -7.29 -33.96 -34.86
CA THR E 26 -7.95 -34.08 -36.16
C THR E 26 -9.46 -34.10 -36.03
N LEU E 27 -9.98 -34.93 -35.13
CA LEU E 27 -11.42 -35.00 -34.93
C LEU E 27 -11.99 -33.71 -34.44
N THR E 28 -11.16 -32.92 -33.76
CA THR E 28 -11.65 -31.65 -33.22
C THR E 28 -11.84 -30.72 -34.41
N ALA E 29 -10.84 -30.72 -35.27
CA ALA E 29 -10.85 -29.92 -36.47
C ALA E 29 -12.05 -30.33 -37.29
N ALA E 30 -12.11 -31.63 -37.53
CA ALA E 30 -13.18 -32.23 -38.32
C ALA E 30 -14.55 -31.85 -37.82
N LEU E 31 -14.78 -31.79 -36.53
CA LEU E 31 -16.08 -31.43 -36.03
C LEU E 31 -16.43 -30.07 -36.48
N THR E 32 -15.53 -29.12 -36.23
CA THR E 32 -15.77 -27.73 -36.61
C THR E 32 -16.18 -27.57 -38.06
N TYR E 33 -15.42 -28.09 -39.02
CA TYR E 33 -15.86 -27.91 -40.40
C TYR E 33 -17.28 -28.45 -40.63
N VAL E 34 -17.51 -29.69 -40.27
CA VAL E 34 -18.80 -30.36 -40.42
C VAL E 34 -19.94 -29.53 -39.86
N ALA E 35 -19.78 -29.06 -38.64
CA ALA E 35 -20.89 -28.30 -38.12
C ALA E 35 -21.05 -27.02 -38.95
N ALA E 36 -19.91 -26.45 -39.34
CA ALA E 36 -19.80 -25.20 -40.11
C ALA E 36 -20.66 -25.22 -41.34
N ALA E 37 -20.52 -26.30 -42.09
CA ALA E 37 -21.28 -26.50 -43.30
C ALA E 37 -22.78 -26.45 -43.06
N GLU E 38 -23.28 -26.83 -41.89
CA GLU E 38 -24.71 -26.73 -41.66
C GLU E 38 -25.15 -25.59 -40.77
N ASN E 39 -24.19 -24.91 -40.16
CA ASN E 39 -24.47 -23.77 -39.28
C ASN E 39 -23.30 -22.86 -39.58
N PRO E 40 -23.69 -21.89 -40.38
CA PRO E 40 -22.90 -20.80 -40.94
C PRO E 40 -21.70 -20.34 -40.14
N ASN E 41 -22.07 -19.54 -39.13
CA ASN E 41 -21.23 -18.87 -38.15
C ASN E 41 -20.50 -19.81 -37.22
N VAL E 42 -20.08 -20.92 -37.74
CA VAL E 42 -19.34 -21.81 -36.89
C VAL E 42 -18.04 -21.50 -37.61
N GLU E 43 -17.05 -20.99 -36.91
CA GLU E 43 -15.80 -20.70 -37.60
C GLU E 43 -14.99 -21.98 -37.58
N VAL E 44 -14.63 -22.47 -38.76
CA VAL E 44 -13.86 -23.69 -38.81
C VAL E 44 -12.44 -23.60 -38.32
N LYS E 45 -11.90 -24.73 -37.88
CA LYS E 45 -10.53 -24.75 -37.40
C LYS E 45 -9.70 -25.90 -37.83
N ASP E 46 -8.53 -25.53 -38.28
CA ASP E 46 -7.58 -26.48 -38.71
C ASP E 46 -6.59 -26.79 -37.65
N TYR E 47 -5.83 -27.84 -37.97
CA TYR E 47 -4.81 -28.44 -37.16
C TYR E 47 -4.00 -27.28 -36.65
N GLY E 48 -3.48 -26.51 -37.58
CA GLY E 48 -2.68 -25.34 -37.23
C GLY E 48 -3.37 -24.30 -36.36
N ASP E 49 -4.69 -24.32 -36.23
CA ASP E 49 -5.25 -23.30 -35.37
C ASP E 49 -5.41 -23.93 -34.00
N ILE E 50 -4.84 -25.12 -33.81
CA ILE E 50 -5.05 -25.75 -32.55
C ILE E 50 -3.76 -26.23 -31.91
N ASP E 51 -2.94 -26.91 -32.69
CA ASP E 51 -1.73 -27.36 -32.07
C ASP E 51 -0.77 -26.20 -32.43
N LYS E 52 -1.18 -24.97 -32.11
CA LYS E 52 -0.38 -23.76 -32.40
C LYS E 52 0.92 -23.45 -31.68
N ALA E 53 1.33 -24.27 -30.74
CA ALA E 53 2.57 -24.03 -30.03
C ALA E 53 3.70 -24.28 -31.00
N PRO E 54 4.89 -24.55 -30.49
CA PRO E 54 5.95 -24.75 -31.45
C PRO E 54 6.55 -26.08 -31.10
N GLU E 55 6.47 -26.39 -29.83
CA GLU E 55 6.99 -27.66 -29.42
C GLU E 55 5.79 -28.51 -29.77
N GLU E 56 4.67 -27.80 -29.97
CA GLU E 56 3.46 -28.47 -30.35
C GLU E 56 3.87 -28.84 -31.75
N ARG E 57 3.87 -27.85 -32.63
CA ARG E 57 4.26 -28.03 -34.04
C ARG E 57 5.54 -28.85 -34.17
N ALA E 58 6.45 -28.70 -33.21
CA ALA E 58 7.73 -29.45 -33.22
C ALA E 58 7.45 -30.93 -33.30
N ARG E 59 7.22 -31.48 -32.11
CA ARG E 59 6.92 -32.89 -31.85
C ARG E 59 5.57 -33.41 -32.37
N GLY E 60 4.83 -32.56 -33.08
CA GLY E 60 3.54 -32.93 -33.63
C GLY E 60 2.64 -33.59 -32.59
N ILE E 61 2.44 -32.86 -31.49
CA ILE E 61 1.61 -33.33 -30.41
C ILE E 61 1.05 -32.21 -29.59
N THR E 62 -0.15 -32.46 -29.10
CA THR E 62 -0.82 -31.46 -28.32
C THR E 62 -0.18 -31.29 -26.95
N ILE E 63 0.29 -30.08 -26.61
CA ILE E 63 0.88 -29.85 -25.29
C ILE E 63 -0.03 -28.96 -24.43
N ASN E 64 -0.65 -27.94 -25.00
CA ASN E 64 -1.58 -27.06 -24.27
C ASN E 64 -2.98 -27.37 -24.78
N THR E 65 -3.97 -27.18 -23.91
CA THR E 65 -5.32 -27.45 -24.32
C THR E 65 -5.75 -26.38 -25.32
N ALA E 66 -6.96 -26.50 -25.85
CA ALA E 66 -7.46 -25.58 -26.84
C ALA E 66 -8.96 -25.53 -26.78
N HIS E 67 -9.49 -24.32 -26.82
CA HIS E 67 -10.89 -24.11 -26.74
C HIS E 67 -11.58 -23.76 -28.07
N VAL E 68 -12.31 -24.70 -28.67
CA VAL E 68 -12.97 -24.35 -29.89
C VAL E 68 -14.43 -24.16 -29.65
N GLU E 69 -15.13 -23.65 -30.63
CA GLU E 69 -16.53 -23.44 -30.37
C GLU E 69 -17.20 -24.02 -31.58
N TYR E 70 -18.45 -24.43 -31.40
CA TYR E 70 -19.24 -24.97 -32.50
C TYR E 70 -20.64 -25.27 -32.07
N GLU E 71 -21.54 -25.41 -33.03
CA GLU E 71 -22.90 -25.67 -32.60
C GLU E 71 -23.60 -26.49 -33.62
N THR E 72 -24.71 -27.02 -33.15
CA THR E 72 -25.52 -27.87 -33.98
C THR E 72 -26.84 -27.17 -33.93
N ALA E 73 -27.82 -27.76 -34.59
CA ALA E 73 -29.13 -27.16 -34.61
C ALA E 73 -29.61 -27.03 -33.21
N LYS E 74 -29.50 -28.10 -32.46
CA LYS E 74 -30.00 -28.13 -31.12
C LYS E 74 -29.27 -27.35 -30.07
N ARG E 75 -27.95 -27.30 -30.22
CA ARG E 75 -27.12 -26.63 -29.22
C ARG E 75 -25.83 -26.01 -29.64
N HIS E 76 -25.36 -25.23 -28.68
CA HIS E 76 -24.10 -24.53 -28.74
C HIS E 76 -23.03 -25.16 -27.82
N TYR E 77 -21.92 -25.54 -28.44
CA TYR E 77 -20.76 -26.16 -27.79
C TYR E 77 -19.40 -25.46 -27.66
N SER E 78 -18.83 -25.50 -26.45
CA SER E 78 -17.45 -25.02 -26.24
C SER E 78 -16.80 -26.41 -26.05
N HIS E 79 -15.72 -26.66 -26.77
CA HIS E 79 -15.02 -27.92 -26.81
C HIS E 79 -13.54 -27.70 -26.49
N VAL E 80 -13.02 -28.40 -25.49
CA VAL E 80 -11.61 -28.28 -25.11
C VAL E 80 -10.91 -29.54 -25.58
N ASP E 81 -9.97 -29.40 -26.52
CA ASP E 81 -9.23 -30.53 -27.04
C ASP E 81 -8.02 -30.63 -26.12
N CYS E 82 -7.82 -31.80 -25.51
CA CYS E 82 -6.72 -32.00 -24.61
C CYS E 82 -5.62 -32.84 -25.22
N PRO E 83 -4.51 -32.93 -24.48
CA PRO E 83 -3.30 -33.68 -24.80
C PRO E 83 -3.39 -35.12 -24.29
N GLY E 84 -2.83 -36.07 -25.04
CA GLY E 84 -2.89 -37.46 -24.64
C GLY E 84 -1.54 -37.93 -24.18
N HIS E 85 -0.56 -37.05 -24.35
CA HIS E 85 0.77 -37.45 -23.91
C HIS E 85 0.75 -37.57 -22.40
N ALA E 86 1.48 -38.52 -21.85
CA ALA E 86 1.45 -38.68 -20.41
C ALA E 86 1.95 -37.45 -19.71
N ASP E 87 3.11 -37.02 -20.17
CA ASP E 87 3.73 -35.87 -19.56
C ASP E 87 2.88 -34.65 -19.41
N TYR E 88 1.80 -34.55 -20.18
CA TYR E 88 1.00 -33.33 -20.11
C TYR E 88 -0.40 -33.56 -19.48
N ILE E 89 -0.53 -34.64 -18.72
CA ILE E 89 -1.78 -34.99 -18.06
C ILE E 89 -2.46 -33.90 -17.20
N LYS E 90 -1.62 -33.07 -16.57
CA LYS E 90 -2.02 -31.97 -15.70
C LYS E 90 -3.02 -31.16 -16.51
N ASN E 91 -2.55 -30.81 -17.69
CA ASN E 91 -3.35 -30.02 -18.62
C ASN E 91 -4.60 -30.73 -19.14
N MET E 92 -4.48 -32.03 -19.46
CA MET E 92 -5.61 -32.82 -19.89
C MET E 92 -6.60 -32.63 -18.71
N ILE E 93 -6.12 -32.87 -17.51
CA ILE E 93 -6.98 -32.73 -16.35
C ILE E 93 -7.61 -31.40 -16.19
N THR E 94 -6.88 -30.35 -16.50
CA THR E 94 -7.57 -29.09 -16.31
C THR E 94 -8.68 -28.93 -17.38
N GLY E 95 -8.45 -29.57 -18.53
CA GLY E 95 -9.39 -29.46 -19.62
C GLY E 95 -10.65 -30.19 -19.24
N ALA E 96 -10.44 -31.46 -18.93
CA ALA E 96 -11.53 -32.31 -18.54
C ALA E 96 -12.36 -31.62 -17.43
N ALA E 97 -11.69 -30.98 -16.48
CA ALA E 97 -12.44 -30.28 -15.42
C ALA E 97 -13.44 -29.26 -15.91
N GLN E 98 -13.46 -29.01 -17.21
CA GLN E 98 -14.41 -28.02 -17.71
C GLN E 98 -15.54 -28.64 -18.49
N MET E 99 -15.40 -29.92 -18.79
CA MET E 99 -16.38 -30.68 -19.55
C MET E 99 -17.62 -31.13 -18.79
N ASP E 100 -18.76 -31.12 -19.48
CA ASP E 100 -20.06 -31.54 -19.01
C ASP E 100 -20.23 -32.88 -19.66
N GLY E 101 -19.31 -33.21 -20.55
CA GLY E 101 -19.36 -34.48 -21.25
C GLY E 101 -18.09 -34.54 -22.08
N ALA E 102 -17.52 -35.74 -22.20
CA ALA E 102 -16.31 -35.90 -22.99
C ALA E 102 -16.50 -36.97 -24.07
N ILE E 103 -15.61 -36.84 -25.03
CA ILE E 103 -15.60 -37.68 -26.14
C ILE E 103 -14.31 -38.42 -25.93
N LEU E 104 -14.39 -39.73 -25.83
CA LEU E 104 -13.17 -40.48 -25.64
C LEU E 104 -12.83 -41.04 -26.97
N VAL E 105 -11.68 -40.69 -27.45
CA VAL E 105 -11.30 -41.15 -28.75
C VAL E 105 -10.43 -42.33 -28.64
N VAL E 106 -10.70 -43.39 -29.39
CA VAL E 106 -9.88 -44.58 -29.30
C VAL E 106 -9.64 -45.10 -30.69
N SER E 107 -8.38 -45.26 -30.97
CA SER E 107 -8.01 -45.72 -32.28
C SER E 107 -8.25 -47.19 -32.49
N ALA E 108 -9.10 -47.44 -33.47
CA ALA E 108 -9.49 -48.79 -33.86
C ALA E 108 -8.26 -49.59 -34.28
N ALA E 109 -7.20 -48.91 -34.66
CA ALA E 109 -6.05 -49.69 -35.06
C ALA E 109 -5.25 -50.05 -33.84
N ASP E 110 -5.36 -49.23 -32.79
CA ASP E 110 -4.56 -49.47 -31.62
C ASP E 110 -5.16 -50.13 -30.45
N GLY E 111 -6.46 -49.97 -30.33
CA GLY E 111 -7.14 -50.56 -29.20
C GLY E 111 -6.82 -49.65 -28.05
N PRO E 112 -7.47 -49.92 -26.94
CA PRO E 112 -7.26 -49.08 -25.76
C PRO E 112 -5.79 -49.10 -25.34
N MET E 113 -5.35 -47.98 -24.77
CA MET E 113 -3.98 -47.84 -24.37
C MET E 113 -4.07 -47.23 -23.00
N PRO E 114 -2.91 -46.94 -22.45
CA PRO E 114 -2.74 -46.39 -21.13
C PRO E 114 -3.54 -45.17 -20.83
N GLN E 115 -3.31 -44.15 -21.67
CA GLN E 115 -4.02 -42.89 -21.48
C GLN E 115 -5.51 -43.01 -21.62
N THR E 116 -5.86 -44.06 -22.36
CA THR E 116 -7.24 -44.38 -22.56
C THR E 116 -7.72 -44.67 -21.13
N ARG E 117 -7.02 -45.49 -20.36
CA ARG E 117 -7.54 -45.70 -19.01
C ARG E 117 -7.48 -44.48 -18.08
N GLU E 118 -6.30 -43.89 -18.07
CA GLU E 118 -6.12 -42.77 -17.17
C GLU E 118 -7.11 -41.63 -17.42
N HIS E 119 -7.32 -41.32 -18.69
CA HIS E 119 -8.23 -40.25 -18.98
C HIS E 119 -9.58 -40.41 -18.42
N ILE E 120 -10.13 -41.62 -18.60
CA ILE E 120 -11.47 -41.94 -18.11
C ILE E 120 -11.50 -41.71 -16.64
N LEU E 121 -10.46 -42.29 -16.05
CA LEU E 121 -10.39 -42.19 -14.62
C LEU E 121 -10.34 -40.73 -14.23
N LEU E 122 -9.35 -40.05 -14.77
CA LEU E 122 -9.15 -38.64 -14.46
C LEU E 122 -10.42 -37.81 -14.62
N ALA E 123 -11.00 -38.09 -15.77
CA ALA E 123 -12.23 -37.50 -16.23
C ALA E 123 -13.21 -37.60 -15.10
N ARG E 124 -13.27 -38.79 -14.59
CA ARG E 124 -14.21 -38.98 -13.51
C ARG E 124 -13.87 -38.27 -12.19
N GLN E 125 -12.58 -38.27 -11.82
CA GLN E 125 -12.23 -37.62 -10.56
C GLN E 125 -12.44 -36.15 -10.68
N VAL E 126 -12.52 -35.74 -11.94
CA VAL E 126 -12.73 -34.34 -12.23
C VAL E 126 -14.17 -33.88 -12.48
N GLY E 127 -15.11 -34.81 -12.43
CA GLY E 127 -16.50 -34.44 -12.60
C GLY E 127 -17.21 -34.82 -13.88
N VAL E 128 -16.52 -35.39 -14.85
CA VAL E 128 -17.29 -35.69 -16.03
C VAL E 128 -18.37 -36.75 -15.84
N PRO E 129 -19.62 -36.44 -16.17
CA PRO E 129 -20.70 -37.40 -15.99
C PRO E 129 -20.97 -38.20 -17.22
N TYR E 130 -20.64 -37.67 -18.38
CA TYR E 130 -20.92 -38.49 -19.53
C TYR E 130 -19.80 -38.75 -20.47
N ILE E 131 -19.81 -39.92 -21.05
CA ILE E 131 -18.77 -40.16 -22.00
C ILE E 131 -19.32 -40.65 -23.31
N VAL E 132 -18.87 -40.07 -24.41
CA VAL E 132 -19.29 -40.54 -25.71
C VAL E 132 -17.93 -40.96 -26.26
N VAL E 133 -17.92 -42.13 -26.89
CA VAL E 133 -16.71 -42.71 -27.47
C VAL E 133 -16.68 -42.53 -28.97
N PHE E 134 -15.50 -42.42 -29.55
CA PHE E 134 -15.47 -42.25 -30.97
C PHE E 134 -14.30 -43.13 -31.33
N MET E 135 -14.58 -44.29 -31.89
CA MET E 135 -13.50 -45.20 -32.25
C MET E 135 -12.96 -44.65 -33.55
N ASN E 136 -11.76 -44.12 -33.51
CA ASN E 136 -11.20 -43.53 -34.69
C ASN E 136 -10.26 -44.49 -35.41
N LYS E 137 -9.79 -44.08 -36.58
CA LYS E 137 -8.85 -44.82 -37.43
C LYS E 137 -9.37 -46.01 -38.21
N VAL E 138 -10.68 -46.01 -38.28
CA VAL E 138 -11.38 -47.09 -38.96
C VAL E 138 -11.02 -47.19 -40.43
N ASP E 139 -10.38 -46.16 -40.93
CA ASP E 139 -10.00 -46.25 -42.31
C ASP E 139 -8.83 -47.22 -42.38
N MET E 140 -8.16 -47.39 -41.24
CA MET E 140 -7.01 -48.28 -41.13
C MET E 140 -7.41 -49.69 -40.82
N VAL E 141 -8.42 -49.89 -40.00
CA VAL E 141 -8.76 -51.25 -39.74
C VAL E 141 -10.21 -51.24 -39.55
N ASP E 142 -10.80 -52.23 -40.13
CA ASP E 142 -12.22 -52.27 -40.00
C ASP E 142 -12.71 -53.69 -39.93
N ASP E 143 -11.75 -54.63 -39.79
CA ASP E 143 -12.01 -56.08 -39.66
C ASP E 143 -13.01 -55.95 -38.54
N PRO E 144 -14.19 -56.39 -38.91
CA PRO E 144 -15.32 -56.26 -38.03
C PRO E 144 -15.03 -56.86 -36.72
N GLU E 145 -14.53 -58.10 -36.74
CA GLU E 145 -14.21 -58.78 -35.50
C GLU E 145 -13.31 -57.92 -34.67
N LEU E 146 -12.43 -57.22 -35.36
CA LEU E 146 -11.51 -56.33 -34.67
C LEU E 146 -12.25 -55.18 -34.02
N LEU E 147 -13.01 -54.44 -34.82
CA LEU E 147 -13.74 -53.29 -34.32
C LEU E 147 -14.59 -53.66 -33.12
N ASP E 148 -15.14 -54.86 -33.19
CA ASP E 148 -16.00 -55.34 -32.12
C ASP E 148 -15.29 -55.58 -30.78
N LEU E 149 -14.09 -56.12 -30.89
CA LEU E 149 -13.25 -56.41 -29.73
C LEU E 149 -12.96 -55.13 -28.98
N VAL E 150 -12.36 -54.18 -29.70
CA VAL E 150 -11.99 -52.87 -29.17
C VAL E 150 -13.17 -52.17 -28.45
N GLU E 151 -14.32 -52.33 -29.06
CA GLU E 151 -15.45 -51.69 -28.47
C GLU E 151 -15.69 -52.30 -27.11
N MET E 152 -15.63 -53.63 -27.10
CA MET E 152 -15.87 -54.43 -25.93
C MET E 152 -14.96 -53.89 -24.86
N GLU E 153 -13.66 -54.01 -25.10
CA GLU E 153 -12.67 -53.50 -24.19
C GLU E 153 -12.95 -52.08 -23.70
N VAL E 154 -13.24 -51.19 -24.64
CA VAL E 154 -13.49 -49.85 -24.18
C VAL E 154 -14.66 -49.74 -23.28
N ARG E 155 -15.71 -50.45 -23.61
CA ARG E 155 -16.84 -50.28 -22.72
C ARG E 155 -16.49 -50.92 -21.39
N ASP E 156 -15.70 -51.97 -21.44
CA ASP E 156 -15.39 -52.61 -20.18
C ASP E 156 -14.65 -51.65 -19.28
N LEU E 157 -13.61 -51.08 -19.87
CA LEU E 157 -12.76 -50.11 -19.22
C LEU E 157 -13.65 -49.04 -18.63
N LEU E 158 -14.68 -48.67 -19.38
CA LEU E 158 -15.59 -47.68 -18.84
C LEU E 158 -16.26 -48.29 -17.62
N ASN E 159 -16.60 -49.56 -17.71
CA ASN E 159 -17.28 -50.18 -16.59
C ASN E 159 -16.47 -50.10 -15.29
N GLN E 160 -15.19 -50.43 -15.40
CA GLN E 160 -14.33 -50.38 -14.26
C GLN E 160 -14.37 -49.05 -13.60
N TYR E 161 -14.42 -47.98 -14.38
CA TYR E 161 -14.50 -46.69 -13.70
C TYR E 161 -15.84 -46.12 -13.48
N GLU E 162 -16.81 -47.02 -13.56
CA GLU E 162 -18.17 -46.61 -13.33
C GLU E 162 -19.01 -45.80 -14.30
N PHE E 163 -18.67 -45.84 -15.57
CA PHE E 163 -19.51 -45.14 -16.51
C PHE E 163 -20.31 -46.32 -16.98
N PRO E 164 -21.44 -46.01 -17.59
CA PRO E 164 -22.36 -46.95 -18.13
C PRO E 164 -21.87 -47.47 -19.46
N GLY E 165 -20.69 -48.08 -19.45
CA GLY E 165 -20.09 -48.60 -20.68
C GLY E 165 -21.07 -49.43 -21.50
N ASP E 166 -22.09 -49.93 -20.81
CA ASP E 166 -23.04 -50.75 -21.51
C ASP E 166 -23.84 -49.89 -22.40
N GLU E 167 -24.29 -48.77 -21.85
CA GLU E 167 -25.10 -47.82 -22.57
C GLU E 167 -24.43 -46.74 -23.40
N VAL E 168 -23.18 -46.48 -23.11
CA VAL E 168 -22.44 -45.47 -23.82
C VAL E 168 -22.43 -45.73 -25.31
N PRO E 169 -22.57 -44.61 -26.03
CA PRO E 169 -22.63 -44.53 -27.48
C PRO E 169 -21.25 -44.69 -27.99
N VAL E 170 -21.01 -45.55 -28.96
CA VAL E 170 -19.65 -45.70 -29.47
C VAL E 170 -19.72 -45.56 -30.98
N ILE E 171 -19.21 -44.46 -31.55
CA ILE E 171 -19.24 -44.18 -32.97
C ILE E 171 -17.94 -44.60 -33.61
N ARG E 172 -18.04 -45.18 -34.81
CA ARG E 172 -16.83 -45.61 -35.53
C ARG E 172 -16.60 -44.75 -36.77
N GLY E 173 -15.38 -44.27 -37.05
CA GLY E 173 -15.14 -43.45 -38.22
C GLY E 173 -13.67 -43.22 -38.51
N SER E 174 -13.42 -42.25 -39.40
CA SER E 174 -12.07 -41.84 -39.75
C SER E 174 -12.20 -40.34 -39.71
N ALA E 175 -11.48 -39.69 -38.80
CA ALA E 175 -11.58 -38.27 -38.66
C ALA E 175 -10.77 -37.66 -39.72
N LEU E 176 -9.68 -38.35 -39.97
CA LEU E 176 -8.76 -37.90 -40.95
C LEU E 176 -9.51 -37.78 -42.25
N LEU E 177 -10.20 -38.83 -42.62
CA LEU E 177 -10.93 -38.79 -43.87
C LEU E 177 -12.06 -37.78 -43.90
N ALA E 178 -12.72 -37.55 -42.77
CA ALA E 178 -13.78 -36.55 -42.79
C ALA E 178 -13.14 -35.15 -43.00
N LEU E 179 -12.05 -34.86 -42.30
CA LEU E 179 -11.39 -33.58 -42.45
C LEU E 179 -10.94 -33.40 -43.93
N GLU E 180 -10.31 -34.42 -44.49
CA GLU E 180 -9.85 -34.32 -45.87
C GLU E 180 -10.98 -33.96 -46.82
N GLU E 181 -12.14 -34.51 -46.54
CA GLU E 181 -13.29 -34.30 -47.36
C GLU E 181 -13.84 -32.91 -47.27
N MET E 182 -13.72 -32.28 -46.11
CA MET E 182 -14.24 -30.94 -45.99
C MET E 182 -13.23 -29.95 -46.58
N HIS E 183 -11.99 -30.39 -46.60
CA HIS E 183 -10.98 -29.56 -47.21
C HIS E 183 -11.41 -29.61 -48.68
N LYS E 184 -11.63 -30.82 -49.23
CA LYS E 184 -12.08 -30.99 -50.63
C LYS E 184 -13.28 -30.06 -50.81
N ASN E 185 -14.17 -30.04 -49.84
CA ASN E 185 -15.32 -29.21 -49.84
C ASN E 185 -16.21 -29.08 -48.60
N PRO E 186 -15.90 -27.93 -48.05
CA PRO E 186 -16.37 -27.30 -46.84
C PRO E 186 -17.84 -27.19 -46.89
N LYS E 187 -18.37 -27.39 -48.09
CA LYS E 187 -19.80 -27.33 -48.14
C LYS E 187 -20.55 -28.63 -47.97
N THR E 188 -19.83 -29.76 -47.92
CA THR E 188 -20.50 -31.05 -47.77
C THR E 188 -21.53 -31.09 -46.61
N LYS E 189 -22.69 -31.71 -46.89
CA LYS E 189 -23.71 -31.81 -45.85
C LYS E 189 -23.97 -33.29 -45.52
N ARG E 190 -24.82 -33.53 -44.52
CA ARG E 190 -25.11 -34.91 -44.16
C ARG E 190 -25.71 -35.61 -45.36
N GLY E 191 -25.35 -36.88 -45.54
CA GLY E 191 -25.86 -37.67 -46.66
C GLY E 191 -24.81 -37.60 -47.75
N GLU E 192 -24.30 -36.42 -47.97
CA GLU E 192 -23.30 -36.26 -48.99
C GLU E 192 -22.09 -37.16 -48.92
N ASN E 193 -21.52 -37.33 -47.74
CA ASN E 193 -20.37 -38.19 -47.69
C ASN E 193 -20.34 -39.06 -46.50
N GLU E 194 -19.72 -40.22 -46.74
CA GLU E 194 -19.61 -41.30 -45.76
C GLU E 194 -19.02 -40.90 -44.45
N TRP E 195 -17.71 -40.81 -44.49
CA TRP E 195 -16.90 -40.39 -43.38
C TRP E 195 -17.54 -39.14 -42.74
N VAL E 196 -17.94 -38.20 -43.59
CA VAL E 196 -18.55 -37.00 -43.07
C VAL E 196 -19.77 -37.38 -42.26
N ASP E 197 -20.47 -38.39 -42.75
CA ASP E 197 -21.64 -38.76 -41.98
C ASP E 197 -21.32 -39.30 -40.58
N LYS E 198 -20.23 -40.07 -40.44
CA LYS E 198 -19.89 -40.54 -39.09
C LYS E 198 -19.75 -39.40 -38.09
N ILE E 199 -19.20 -38.25 -38.51
CA ILE E 199 -19.06 -37.11 -37.60
C ILE E 199 -20.46 -36.68 -37.22
N TRP E 200 -21.36 -36.71 -38.21
CA TRP E 200 -22.73 -36.35 -37.87
C TRP E 200 -23.24 -37.32 -36.78
N GLU E 201 -22.87 -38.60 -36.84
CA GLU E 201 -23.37 -39.50 -35.80
C GLU E 201 -22.80 -39.03 -34.48
N LEU E 202 -21.49 -38.73 -34.48
CA LEU E 202 -20.88 -38.24 -33.26
C LEU E 202 -21.63 -37.04 -32.75
N LEU E 203 -21.84 -36.10 -33.65
CA LEU E 203 -22.58 -34.90 -33.26
C LEU E 203 -23.94 -35.25 -32.69
N ASP E 204 -24.61 -36.19 -33.33
CA ASP E 204 -25.93 -36.59 -32.85
C ASP E 204 -25.92 -37.12 -31.47
N ALA E 205 -24.92 -37.95 -31.25
CA ALA E 205 -24.72 -38.56 -29.95
C ALA E 205 -24.55 -37.43 -28.97
N ILE E 206 -23.66 -36.52 -29.32
CA ILE E 206 -23.36 -35.39 -28.43
C ILE E 206 -24.60 -34.70 -28.01
N ASP E 207 -25.38 -34.45 -29.04
CA ASP E 207 -26.62 -33.78 -28.85
C ASP E 207 -27.47 -34.66 -27.97
N GLU E 208 -27.70 -35.90 -28.39
CA GLU E 208 -28.56 -36.78 -27.62
C GLU E 208 -28.23 -37.39 -26.23
N TYR E 209 -27.13 -38.10 -26.17
CA TYR E 209 -26.68 -38.74 -24.96
C TYR E 209 -26.20 -37.77 -23.92
N ILE E 210 -25.43 -36.76 -24.29
CA ILE E 210 -24.97 -35.87 -23.25
C ILE E 210 -26.01 -34.86 -22.94
N PRO E 211 -26.62 -35.06 -21.80
CA PRO E 211 -27.67 -34.19 -21.33
C PRO E 211 -27.24 -32.78 -20.97
N THR E 212 -28.10 -31.80 -21.24
CA THR E 212 -27.77 -30.42 -20.87
C THR E 212 -27.87 -30.38 -19.34
N PRO E 213 -26.78 -30.00 -18.69
CA PRO E 213 -26.79 -29.95 -17.24
C PRO E 213 -27.74 -28.97 -16.62
N VAL E 214 -27.68 -28.94 -15.31
CA VAL E 214 -28.49 -28.05 -14.53
C VAL E 214 -27.66 -27.04 -13.79
N ARG E 215 -27.65 -25.84 -14.36
CA ARG E 215 -26.93 -24.68 -13.88
C ARG E 215 -27.72 -24.03 -12.75
N ASP E 216 -27.08 -23.86 -11.59
CA ASP E 216 -27.74 -23.24 -10.45
C ASP E 216 -27.23 -21.82 -10.48
N VAL E 217 -27.89 -21.00 -11.29
CA VAL E 217 -27.52 -19.60 -11.44
C VAL E 217 -27.80 -18.85 -10.16
N ASP E 218 -28.50 -19.52 -9.26
CA ASP E 218 -28.85 -18.90 -8.02
C ASP E 218 -27.83 -18.85 -6.90
N LYS E 219 -27.16 -19.97 -6.69
CA LYS E 219 -26.13 -20.04 -5.66
C LYS E 219 -25.10 -18.96 -5.99
N PRO E 220 -24.25 -18.73 -5.02
CA PRO E 220 -23.19 -17.74 -5.10
C PRO E 220 -22.24 -18.10 -6.21
N PHE E 221 -21.91 -17.09 -6.98
CA PHE E 221 -21.01 -17.25 -8.11
C PHE E 221 -19.74 -18.02 -7.79
N LEU E 222 -19.48 -19.06 -8.57
CA LEU E 222 -18.26 -19.78 -8.29
C LEU E 222 -17.65 -20.14 -9.62
N MET E 223 -16.35 -19.93 -9.75
CA MET E 223 -15.76 -20.29 -11.02
C MET E 223 -14.28 -20.44 -10.68
N PRO E 224 -13.74 -21.53 -11.17
CA PRO E 224 -12.37 -21.93 -10.92
C PRO E 224 -11.52 -21.66 -12.13
N VAL E 225 -10.51 -20.89 -11.81
CA VAL E 225 -9.56 -20.46 -12.79
C VAL E 225 -8.99 -21.70 -13.41
N GLU E 226 -8.89 -21.65 -14.73
CA GLU E 226 -8.39 -22.72 -15.56
C GLU E 226 -7.15 -22.16 -16.18
N ASP E 227 -7.17 -20.85 -16.34
CA ASP E 227 -6.01 -20.22 -16.99
C ASP E 227 -6.08 -18.74 -16.80
N VAL E 228 -4.93 -18.11 -16.97
CA VAL E 228 -4.86 -16.69 -16.79
C VAL E 228 -4.06 -16.03 -17.88
N PHE E 229 -4.55 -14.89 -18.34
CA PHE E 229 -3.80 -14.21 -19.37
C PHE E 229 -3.72 -12.73 -19.14
N THR E 230 -2.69 -12.24 -19.80
CA THR E 230 -2.36 -10.84 -19.85
C THR E 230 -2.56 -10.50 -21.31
N ILE E 231 -3.63 -9.74 -21.49
CA ILE E 231 -4.06 -9.23 -22.76
C ILE E 231 -3.44 -7.86 -22.72
N THR E 232 -2.67 -7.61 -23.77
CA THR E 232 -1.97 -6.34 -23.95
C THR E 232 -2.90 -5.15 -23.89
N GLY E 233 -2.39 -4.02 -23.41
CA GLY E 233 -3.19 -2.80 -23.30
C GLY E 233 -4.59 -3.00 -22.71
N ARG E 234 -4.80 -4.17 -22.10
CA ARG E 234 -6.08 -4.52 -21.48
C ARG E 234 -5.88 -5.09 -20.11
N GLY E 235 -5.15 -6.18 -20.04
CA GLY E 235 -5.02 -6.69 -18.70
C GLY E 235 -4.88 -8.15 -18.40
N THR E 236 -5.23 -8.39 -17.15
CA THR E 236 -5.18 -9.68 -16.54
C THR E 236 -6.47 -10.41 -16.58
N VAL E 237 -6.50 -11.37 -17.51
CA VAL E 237 -7.69 -12.17 -17.66
C VAL E 237 -7.69 -13.59 -17.10
N ALA E 238 -8.77 -13.91 -16.37
CA ALA E 238 -8.97 -15.25 -15.79
C ALA E 238 -9.98 -16.13 -16.57
N THR E 239 -9.57 -17.24 -17.19
CA THR E 239 -10.51 -18.10 -17.92
C THR E 239 -10.97 -19.27 -17.09
N GLY E 240 -12.25 -19.60 -17.19
CA GLY E 240 -12.83 -20.72 -16.45
C GLY E 240 -14.26 -21.08 -16.86
N ARG E 241 -14.77 -22.17 -16.30
CA ARG E 241 -16.13 -22.61 -16.57
C ARG E 241 -16.86 -22.31 -15.28
N ILE E 242 -17.75 -21.31 -15.30
CA ILE E 242 -18.49 -20.94 -14.08
C ILE E 242 -19.26 -22.11 -13.46
N GLU E 243 -18.93 -22.43 -12.21
CA GLU E 243 -19.57 -23.53 -11.48
C GLU E 243 -20.99 -23.27 -11.07
N ARG E 244 -21.27 -22.09 -10.50
CA ARG E 244 -22.62 -21.75 -10.09
C ARG E 244 -22.75 -20.24 -9.98
N GLY E 245 -24.02 -19.77 -10.02
CA GLY E 245 -24.42 -18.36 -9.94
C GLY E 245 -23.99 -17.56 -11.18
N LYS E 246 -23.68 -16.28 -11.02
CA LYS E 246 -23.26 -15.58 -12.22
C LYS E 246 -22.48 -14.29 -12.01
N VAL E 247 -22.11 -13.66 -13.13
CA VAL E 247 -21.36 -12.39 -13.18
C VAL E 247 -21.56 -11.44 -14.34
N LYS E 248 -21.40 -10.17 -14.00
CA LYS E 248 -21.48 -9.09 -14.96
C LYS E 248 -20.38 -8.19 -14.45
N VAL E 249 -19.82 -7.52 -15.43
CA VAL E 249 -18.76 -6.56 -15.27
C VAL E 249 -19.35 -5.65 -14.21
N GLY E 250 -18.50 -5.17 -13.32
CA GLY E 250 -18.98 -4.33 -12.25
C GLY E 250 -19.05 -5.20 -11.00
N ASP E 251 -19.22 -6.50 -11.17
CA ASP E 251 -19.27 -7.32 -9.98
C ASP E 251 -17.85 -7.40 -9.37
N GLU E 252 -17.77 -7.41 -8.05
CA GLU E 252 -16.48 -7.52 -7.42
C GLU E 252 -16.43 -8.98 -6.95
N VAL E 253 -15.28 -9.61 -7.07
CA VAL E 253 -15.24 -10.98 -6.64
C VAL E 253 -14.01 -11.29 -5.81
N GLU E 254 -14.02 -12.48 -5.24
CA GLU E 254 -12.96 -13.03 -4.43
C GLU E 254 -12.11 -14.10 -5.23
N ILE E 255 -10.79 -14.01 -5.10
CA ILE E 255 -9.78 -14.88 -5.72
C ILE E 255 -9.30 -15.67 -4.48
N VAL E 256 -9.74 -16.90 -4.39
CA VAL E 256 -9.43 -17.72 -3.26
C VAL E 256 -8.48 -18.89 -3.45
N GLY E 257 -7.86 -19.27 -2.34
CA GLY E 257 -6.93 -20.39 -2.37
C GLY E 257 -5.57 -20.17 -2.99
N LEU E 258 -4.69 -21.11 -2.72
CA LEU E 258 -3.33 -21.13 -3.20
C LEU E 258 -2.50 -20.00 -2.74
N ALA E 259 -2.98 -19.34 -1.71
CA ALA E 259 -2.15 -18.25 -1.27
C ALA E 259 -2.64 -17.87 0.10
N PRO E 260 -1.69 -17.31 0.84
CA PRO E 260 -1.82 -16.81 2.22
C PRO E 260 -3.21 -16.26 2.44
N GLU E 261 -3.46 -15.14 1.80
CA GLU E 261 -4.76 -14.58 1.95
C GLU E 261 -5.38 -14.30 0.59
N THR E 262 -6.71 -14.49 0.58
CA THR E 262 -7.55 -14.29 -0.57
C THR E 262 -7.68 -12.80 -0.83
N ARG E 263 -7.86 -12.46 -2.09
CA ARG E 263 -7.98 -11.07 -2.47
C ARG E 263 -9.22 -10.68 -3.25
N LYS E 264 -9.51 -9.39 -3.34
CA LYS E 264 -10.69 -8.92 -4.10
C LYS E 264 -10.44 -8.16 -5.43
N THR E 265 -11.43 -8.21 -6.33
CA THR E 265 -11.32 -7.51 -7.62
C THR E 265 -12.73 -7.31 -8.11
N VAL E 266 -12.85 -6.37 -9.03
CA VAL E 266 -14.16 -6.10 -9.61
C VAL E 266 -13.93 -6.60 -11.01
N VAL E 267 -14.88 -7.38 -11.52
CA VAL E 267 -14.69 -7.87 -12.88
C VAL E 267 -15.05 -6.75 -13.88
N THR E 268 -14.09 -6.39 -14.73
CA THR E 268 -14.32 -5.36 -15.71
C THR E 268 -14.37 -5.92 -17.11
N GLY E 269 -14.71 -7.19 -17.28
CA GLY E 269 -14.77 -7.75 -18.62
C GLY E 269 -15.35 -9.13 -18.49
N VAL E 270 -16.16 -9.49 -19.49
CA VAL E 270 -16.80 -10.80 -19.55
C VAL E 270 -16.89 -11.23 -21.03
N GLU E 271 -16.32 -12.38 -21.38
CA GLU E 271 -16.40 -12.82 -22.77
C GLU E 271 -16.53 -14.33 -22.85
N MET E 272 -17.03 -14.77 -24.00
CA MET E 272 -17.19 -16.18 -24.32
C MET E 272 -16.69 -16.30 -25.74
N HIS E 273 -15.55 -16.95 -25.81
CA HIS E 273 -14.95 -17.12 -27.10
C HIS E 273 -14.65 -15.79 -27.77
N ARG E 274 -13.91 -14.91 -27.09
CA ARG E 274 -13.51 -13.60 -27.63
C ARG E 274 -14.77 -12.77 -28.04
N LYS E 275 -15.86 -12.93 -27.32
CA LYS E 275 -16.99 -12.17 -27.70
C LYS E 275 -17.65 -11.65 -26.45
N THR E 276 -18.13 -10.43 -26.50
CA THR E 276 -18.75 -9.88 -25.34
C THR E 276 -19.96 -10.56 -24.76
N LEU E 277 -20.01 -10.65 -23.43
CA LEU E 277 -21.14 -11.27 -22.76
C LEU E 277 -21.64 -10.25 -21.74
N GLN E 278 -22.95 -10.09 -21.59
CA GLN E 278 -23.45 -9.08 -20.65
C GLN E 278 -23.10 -9.53 -19.26
N GLU E 279 -23.60 -10.73 -19.06
CA GLU E 279 -23.46 -11.40 -17.82
C GLU E 279 -23.21 -12.88 -18.06
N GLY E 280 -22.12 -13.41 -17.52
CA GLY E 280 -21.82 -14.83 -17.67
C GLY E 280 -22.62 -15.59 -16.60
N ILE E 281 -22.99 -16.83 -16.89
CA ILE E 281 -23.73 -17.57 -15.88
C ILE E 281 -23.14 -18.96 -15.79
N ALA E 282 -23.62 -19.66 -14.78
CA ALA E 282 -23.23 -21.04 -14.54
C ALA E 282 -23.39 -21.82 -15.86
N GLY E 283 -22.28 -22.41 -16.28
CA GLY E 283 -22.21 -23.18 -17.51
C GLY E 283 -21.31 -22.50 -18.55
N ASP E 284 -21.10 -21.21 -18.42
CA ASP E 284 -20.27 -20.62 -19.44
C ASP E 284 -18.77 -20.82 -19.30
N ASN E 285 -18.07 -21.02 -20.41
CA ASN E 285 -16.63 -21.09 -20.21
C ASN E 285 -16.41 -19.64 -20.64
N VAL E 286 -16.04 -18.78 -19.71
CA VAL E 286 -15.81 -17.37 -19.98
C VAL E 286 -14.37 -16.90 -19.76
N GLY E 287 -14.20 -15.58 -19.85
CA GLY E 287 -12.95 -14.87 -19.63
C GLY E 287 -13.36 -13.69 -18.75
N LEU E 288 -12.57 -13.27 -17.76
CA LEU E 288 -12.98 -12.14 -16.95
C LEU E 288 -11.76 -11.29 -16.88
N LEU E 289 -12.00 -9.99 -16.95
CA LEU E 289 -10.90 -9.05 -16.87
C LEU E 289 -11.02 -8.66 -15.39
N LEU E 290 -9.88 -8.48 -14.72
CA LEU E 290 -9.88 -8.18 -13.26
C LEU E 290 -9.15 -6.91 -12.84
N ARG E 291 -9.91 -5.99 -12.23
CA ARG E 291 -9.32 -4.72 -11.81
C ARG E 291 -8.03 -4.78 -11.00
N GLY E 292 -6.96 -4.46 -11.70
CA GLY E 292 -5.65 -4.47 -11.09
C GLY E 292 -5.30 -5.73 -10.29
N VAL E 293 -4.89 -6.80 -10.97
CA VAL E 293 -4.46 -8.06 -10.40
C VAL E 293 -3.42 -8.46 -11.42
N SER E 294 -2.22 -8.76 -10.95
CA SER E 294 -1.19 -9.13 -11.89
C SER E 294 -1.33 -10.62 -12.10
N ARG E 295 -0.49 -11.13 -13.00
CA ARG E 295 -0.52 -12.54 -13.32
C ARG E 295 -0.18 -13.15 -11.96
N GLU E 296 0.79 -12.52 -11.34
CA GLU E 296 1.25 -12.97 -10.05
C GLU E 296 0.18 -13.06 -9.05
N GLU E 297 -0.96 -12.44 -9.25
CA GLU E 297 -1.93 -12.60 -8.19
C GLU E 297 -3.08 -13.50 -8.51
N VAL E 298 -3.11 -14.00 -9.74
CA VAL E 298 -4.19 -14.89 -10.16
C VAL E 298 -3.55 -16.02 -10.89
N GLU E 299 -3.95 -17.24 -10.52
CA GLU E 299 -3.35 -18.39 -11.19
C GLU E 299 -4.26 -19.55 -11.14
N ARG E 300 -3.99 -20.37 -12.16
CA ARG E 300 -4.73 -21.59 -12.44
C ARG E 300 -4.78 -22.28 -11.12
N GLY E 301 -5.97 -22.71 -10.70
CA GLY E 301 -5.98 -23.41 -9.45
C GLY E 301 -6.75 -22.73 -8.39
N GLN E 302 -6.89 -21.42 -8.50
CA GLN E 302 -7.66 -20.74 -7.47
C GLN E 302 -9.12 -20.70 -7.92
N VAL E 303 -9.93 -20.02 -7.14
CA VAL E 303 -11.32 -19.99 -7.50
C VAL E 303 -11.90 -18.58 -7.36
N LEU E 304 -12.78 -18.16 -8.27
CA LEU E 304 -13.28 -16.82 -8.13
C LEU E 304 -14.61 -16.97 -7.55
N ALA E 305 -14.89 -16.14 -6.56
CA ALA E 305 -16.21 -16.30 -6.04
C ALA E 305 -16.80 -15.09 -5.40
N LYS E 306 -18.00 -15.30 -4.90
CA LYS E 306 -18.70 -14.24 -4.21
C LYS E 306 -17.81 -13.97 -3.00
N PRO E 307 -17.63 -12.70 -2.72
CA PRO E 307 -16.81 -12.35 -1.60
C PRO E 307 -17.44 -12.92 -0.33
N GLY E 308 -16.56 -13.59 0.42
CA GLY E 308 -16.92 -14.22 1.68
C GLY E 308 -17.83 -15.43 1.50
N SER E 309 -18.08 -15.86 0.27
CA SER E 309 -18.94 -17.01 0.13
C SER E 309 -18.10 -18.27 0.38
N ILE E 310 -16.78 -18.12 0.28
CA ILE E 310 -15.92 -19.29 0.43
C ILE E 310 -14.69 -19.34 1.34
N THR E 311 -14.53 -20.48 2.02
CA THR E 311 -13.36 -20.72 2.86
C THR E 311 -12.36 -21.74 2.35
N PRO E 312 -11.11 -21.29 2.19
CA PRO E 312 -10.06 -22.16 1.67
C PRO E 312 -9.67 -23.15 2.76
N HIS E 313 -9.14 -24.28 2.36
CA HIS E 313 -8.77 -25.29 3.32
C HIS E 313 -7.48 -26.00 3.11
N THR E 314 -7.12 -26.78 4.13
CA THR E 314 -5.87 -27.53 4.13
C THR E 314 -5.87 -28.97 4.62
N LYS E 315 -6.75 -29.33 5.55
CA LYS E 315 -6.72 -30.69 6.07
C LYS E 315 -8.00 -31.40 5.92
N PHE E 316 -7.98 -32.68 5.58
CA PHE E 316 -9.27 -33.30 5.50
C PHE E 316 -9.12 -34.80 5.53
N GLU E 317 -10.26 -35.43 5.82
CA GLU E 317 -10.46 -36.86 5.89
C GLU E 317 -10.96 -37.11 4.48
N ALA E 318 -10.62 -38.26 3.92
CA ALA E 318 -11.04 -38.52 2.57
C ALA E 318 -11.02 -40.00 2.43
N SER E 319 -11.95 -40.52 1.64
CA SER E 319 -12.00 -41.95 1.39
C SER E 319 -11.27 -42.09 0.09
N VAL E 320 -10.31 -42.98 0.01
CA VAL E 320 -9.60 -43.10 -1.25
C VAL E 320 -9.41 -44.51 -1.74
N TYR E 321 -9.11 -44.61 -3.02
CA TYR E 321 -8.86 -45.89 -3.66
C TYR E 321 -7.45 -45.80 -4.28
N ILE E 322 -6.61 -46.77 -3.98
CA ILE E 322 -5.26 -46.75 -4.52
C ILE E 322 -5.17 -47.66 -5.73
N LEU E 323 -4.79 -47.14 -6.89
CA LEU E 323 -4.72 -47.99 -8.07
C LEU E 323 -3.71 -49.11 -7.98
N LYS E 324 -3.94 -50.14 -8.78
CA LYS E 324 -3.04 -51.29 -8.86
C LYS E 324 -2.01 -50.96 -9.91
N LYS E 325 -0.83 -51.57 -9.74
CA LYS E 325 0.31 -51.41 -10.60
C LYS E 325 -0.20 -51.65 -12.00
N GLU E 326 -1.11 -52.58 -12.01
CA GLU E 326 -1.78 -53.05 -13.18
C GLU E 326 -2.67 -51.95 -13.78
N GLU E 327 -3.30 -51.13 -12.96
CA GLU E 327 -4.15 -50.05 -13.46
C GLU E 327 -3.28 -48.84 -13.65
N GLY E 328 -1.98 -49.05 -13.85
CA GLY E 328 -1.03 -47.95 -14.02
C GLY E 328 -0.60 -47.25 -12.71
N GLY E 329 -1.10 -47.72 -11.56
CA GLY E 329 -0.76 -47.15 -10.24
C GLY E 329 0.68 -47.48 -9.74
N ARG E 330 0.86 -47.38 -8.41
CA ARG E 330 2.17 -47.71 -7.78
C ARG E 330 2.30 -49.25 -7.70
N HIS E 331 3.43 -49.70 -7.18
CA HIS E 331 3.62 -51.14 -7.02
C HIS E 331 4.39 -51.36 -5.72
N THR E 332 4.10 -50.50 -4.74
CA THR E 332 4.74 -50.57 -3.46
C THR E 332 3.80 -49.80 -2.56
N GLY E 333 3.90 -50.05 -1.26
CA GLY E 333 3.05 -49.35 -0.33
C GLY E 333 3.71 -48.03 0.09
N PHE E 334 2.98 -47.32 0.90
CA PHE E 334 3.51 -46.07 1.34
C PHE E 334 2.96 -45.94 2.72
N PHE E 335 3.55 -45.01 3.44
CA PHE E 335 3.03 -44.88 4.76
C PHE E 335 2.87 -43.43 4.90
N THR E 336 2.57 -43.10 6.13
CA THR E 336 2.40 -41.75 6.55
C THR E 336 3.72 -41.13 6.18
N GLY E 337 3.68 -39.85 5.77
CA GLY E 337 4.89 -39.14 5.36
C GLY E 337 4.94 -39.05 3.82
N TYR E 338 4.11 -39.86 3.18
CA TYR E 338 4.04 -39.85 1.74
C TYR E 338 3.45 -38.50 1.33
N ARG E 339 4.07 -37.81 0.39
CA ARG E 339 3.43 -36.56 0.04
C ARG E 339 3.40 -36.30 -1.45
N PRO E 340 2.31 -36.79 -2.01
CA PRO E 340 2.00 -36.71 -3.42
C PRO E 340 1.12 -35.51 -3.72
N GLN E 341 0.72 -35.39 -4.98
CA GLN E 341 -0.12 -34.29 -5.38
C GLN E 341 -1.58 -34.62 -5.57
N PHE E 342 -2.41 -33.70 -5.07
CA PHE E 342 -3.86 -33.79 -5.14
C PHE E 342 -4.53 -32.79 -6.14
N TYR E 343 -5.32 -33.35 -7.01
CA TYR E 343 -5.97 -32.55 -8.00
C TYR E 343 -7.42 -32.37 -7.77
N PHE E 344 -7.81 -31.13 -7.52
CA PHE E 344 -9.21 -30.94 -7.31
C PHE E 344 -9.49 -29.94 -8.37
N ARG E 345 -10.51 -30.24 -9.18
CA ARG E 345 -10.92 -29.37 -10.28
C ARG E 345 -9.72 -28.94 -11.09
N THR E 346 -9.45 -27.64 -11.19
CA THR E 346 -8.31 -27.14 -11.98
C THR E 346 -7.06 -27.01 -11.16
N THR E 347 -7.24 -27.27 -9.87
CA THR E 347 -6.21 -27.20 -8.86
C THR E 347 -5.39 -28.46 -8.65
N ASP E 348 -4.15 -28.24 -8.27
CA ASP E 348 -3.27 -29.38 -8.00
C ASP E 348 -2.26 -28.92 -6.91
N VAL E 349 -2.23 -29.57 -5.76
CA VAL E 349 -1.30 -29.11 -4.74
C VAL E 349 -0.73 -30.29 -4.00
N THR E 350 0.55 -30.19 -3.64
CA THR E 350 1.12 -31.26 -2.84
C THR E 350 0.51 -31.35 -1.41
N GLY E 351 0.32 -32.58 -0.95
CA GLY E 351 -0.24 -32.87 0.37
C GLY E 351 0.47 -34.05 1.06
N VAL E 352 0.41 -34.07 2.38
CA VAL E 352 1.04 -35.14 3.13
C VAL E 352 0.03 -36.13 3.65
N VAL E 353 0.36 -37.40 3.46
CA VAL E 353 -0.55 -38.40 3.95
C VAL E 353 -0.26 -38.75 5.41
N ARG E 354 -1.35 -39.07 6.08
CA ARG E 354 -1.35 -39.44 7.47
C ARG E 354 -2.34 -40.58 7.69
N LEU E 355 -1.83 -41.81 7.59
CA LEU E 355 -2.67 -42.99 7.76
C LEU E 355 -3.22 -42.96 9.17
N PRO E 356 -4.40 -43.52 9.32
CA PRO E 356 -4.99 -43.55 10.64
C PRO E 356 -4.30 -44.64 11.46
N GLN E 357 -4.37 -44.43 12.78
CA GLN E 357 -3.79 -45.39 13.69
C GLN E 357 -4.57 -46.69 13.39
N GLY E 358 -3.86 -47.77 13.20
CA GLY E 358 -4.60 -49.00 12.93
C GLY E 358 -4.62 -49.28 11.46
N VAL E 359 -3.65 -48.67 10.80
CA VAL E 359 -3.38 -48.76 9.36
C VAL E 359 -1.95 -48.24 9.24
N GLU E 360 -1.02 -49.10 8.81
CA GLU E 360 0.39 -48.73 8.72
C GLU E 360 1.04 -48.53 7.35
N MET E 361 0.54 -49.24 6.35
CA MET E 361 1.17 -49.08 5.07
C MET E 361 0.17 -49.42 4.01
N VAL E 362 -0.27 -48.41 3.25
CA VAL E 362 -1.23 -48.59 2.20
C VAL E 362 -0.59 -49.18 0.97
N MET E 363 -1.24 -50.22 0.47
CA MET E 363 -0.83 -50.97 -0.71
C MET E 363 -1.72 -50.69 -1.89
N PRO E 364 -1.10 -50.91 -3.04
CA PRO E 364 -1.74 -50.75 -4.34
C PRO E 364 -2.97 -51.68 -4.36
N GLY E 365 -4.12 -51.16 -4.71
CA GLY E 365 -5.34 -51.96 -4.74
C GLY E 365 -6.19 -51.65 -3.48
N ASP E 366 -5.58 -51.01 -2.50
CA ASP E 366 -6.37 -50.77 -1.31
C ASP E 366 -7.37 -49.68 -1.38
N ASN E 367 -8.26 -49.66 -0.40
CA ASN E 367 -9.26 -48.60 -0.34
C ASN E 367 -9.07 -48.11 1.07
N VAL E 368 -8.10 -47.23 1.24
CA VAL E 368 -7.83 -46.72 2.57
C VAL E 368 -8.82 -45.62 2.84
N THR E 369 -8.43 -44.83 3.81
CA THR E 369 -9.18 -43.69 4.25
C THR E 369 -8.21 -43.02 5.13
N PHE E 370 -7.89 -41.77 4.83
CA PHE E 370 -6.95 -41.09 5.68
C PHE E 370 -7.11 -39.62 5.68
N THR E 371 -6.06 -38.96 6.12
CA THR E 371 -6.11 -37.52 6.21
C THR E 371 -5.04 -36.85 5.42
N VAL E 372 -5.41 -35.77 4.76
CA VAL E 372 -4.38 -35.11 4.05
C VAL E 372 -4.41 -33.75 4.70
N GLU E 373 -3.19 -33.18 4.67
CA GLU E 373 -2.84 -31.88 5.22
C GLU E 373 -2.14 -31.31 3.96
N LEU E 374 -2.75 -30.32 3.31
CA LEU E 374 -2.19 -29.73 2.07
C LEU E 374 -1.18 -28.68 2.32
N ILE E 375 -0.18 -28.61 1.45
CA ILE E 375 0.80 -27.60 1.70
C ILE E 375 0.36 -26.17 1.37
N LYS E 376 -0.91 -25.94 1.02
CA LYS E 376 -1.39 -24.61 0.68
C LYS E 376 -2.88 -24.83 0.66
N PRO E 377 -3.63 -23.82 1.08
CA PRO E 377 -5.10 -23.87 1.15
C PRO E 377 -5.79 -23.90 -0.19
N VAL E 378 -6.95 -24.55 -0.22
CA VAL E 378 -7.70 -24.65 -1.44
C VAL E 378 -9.16 -24.76 -1.10
N ALA E 379 -10.01 -24.39 -2.06
CA ALA E 379 -11.42 -24.47 -1.82
C ALA E 379 -11.70 -25.94 -1.89
N LEU E 380 -12.34 -26.43 -0.83
CA LEU E 380 -12.72 -27.83 -0.67
C LEU E 380 -14.17 -27.83 -0.25
N GLU E 381 -14.75 -29.00 -0.32
CA GLU E 381 -16.14 -29.20 0.02
C GLU E 381 -16.20 -30.72 0.20
N GLU E 382 -16.95 -31.17 1.21
CA GLU E 382 -17.05 -32.58 1.51
C GLU E 382 -17.64 -33.11 0.23
N GLY E 383 -17.34 -34.37 -0.06
CA GLY E 383 -17.84 -35.01 -1.25
C GLY E 383 -17.16 -34.56 -2.52
N LEU E 384 -16.29 -33.55 -2.44
CA LEU E 384 -15.60 -33.07 -3.64
C LEU E 384 -14.66 -34.20 -3.96
N ARG E 385 -14.55 -34.61 -5.21
CA ARG E 385 -13.64 -35.72 -5.51
C ARG E 385 -12.33 -35.20 -6.07
N PHE E 386 -11.31 -36.05 -6.06
CA PHE E 386 -10.02 -35.65 -6.55
C PHE E 386 -9.25 -36.85 -6.97
N ALA E 387 -8.06 -36.59 -7.49
CA ALA E 387 -7.21 -37.67 -7.92
C ALA E 387 -5.87 -37.54 -7.22
N ILE E 388 -5.11 -38.62 -7.20
CA ILE E 388 -3.83 -38.54 -6.59
C ILE E 388 -2.93 -39.02 -7.65
N ARG E 389 -1.85 -38.27 -7.81
CA ARG E 389 -0.86 -38.61 -8.82
C ARG E 389 0.42 -38.18 -8.18
N GLU E 390 1.49 -38.83 -8.63
CA GLU E 390 2.76 -38.47 -8.08
C GLU E 390 3.79 -39.13 -8.96
N GLY E 391 4.93 -38.50 -9.10
CA GLY E 391 5.96 -39.09 -9.90
C GLY E 391 5.62 -39.55 -11.30
N GLY E 392 4.84 -38.80 -12.07
CA GLY E 392 4.56 -39.23 -13.44
C GLY E 392 3.30 -40.05 -13.59
N ARG E 393 2.69 -40.39 -12.46
CA ARG E 393 1.52 -41.20 -12.59
C ARG E 393 0.43 -40.99 -11.61
N THR E 394 -0.71 -41.52 -12.02
CA THR E 394 -1.86 -41.38 -11.15
C THR E 394 -1.76 -42.50 -10.12
N VAL E 395 -2.17 -42.22 -8.89
CA VAL E 395 -2.08 -43.26 -7.88
C VAL E 395 -3.39 -43.45 -7.12
N GLY E 396 -4.17 -42.41 -6.97
CA GLY E 396 -5.34 -42.75 -6.22
C GLY E 396 -6.46 -41.96 -6.82
N ALA E 397 -7.65 -42.22 -6.32
CA ALA E 397 -8.88 -41.58 -6.74
C ALA E 397 -9.57 -41.52 -5.42
N GLY E 398 -10.16 -40.40 -5.05
CA GLY E 398 -10.81 -40.28 -3.75
C GLY E 398 -11.80 -39.14 -3.73
N VAL E 399 -12.38 -38.85 -2.58
CA VAL E 399 -13.37 -37.79 -2.41
C VAL E 399 -13.31 -37.25 -0.96
N VAL E 400 -13.32 -35.92 -0.82
CA VAL E 400 -13.24 -35.30 0.49
C VAL E 400 -14.35 -35.76 1.37
N THR E 401 -13.94 -36.42 2.44
CA THR E 401 -14.88 -36.97 3.41
C THR E 401 -15.24 -36.10 4.59
N LYS E 402 -14.38 -35.15 4.93
CA LYS E 402 -14.67 -34.26 6.04
C LYS E 402 -13.55 -33.24 6.05
N ILE E 403 -13.85 -32.03 6.51
CA ILE E 403 -12.83 -31.00 6.54
C ILE E 403 -12.16 -30.71 7.88
N LEU E 404 -10.86 -30.99 7.97
CA LEU E 404 -10.19 -30.74 9.22
C LEU E 404 -10.01 -29.25 9.47
N GLU E 405 -9.28 -28.59 8.57
CA GLU E 405 -9.03 -27.14 8.66
C GLU E 405 -8.78 -26.63 7.25
N ALA F 1 13.83 24.77 -17.44
CA ALA F 1 12.47 25.24 -17.18
C ALA F 1 12.31 26.62 -17.82
N LYS F 2 13.36 27.04 -18.52
CA LYS F 2 13.39 28.30 -19.22
C LYS F 2 13.78 27.70 -20.55
N GLY F 3 15.09 27.68 -20.73
CA GLY F 3 15.71 27.12 -21.91
C GLY F 3 15.27 25.68 -22.02
N GLU F 4 15.65 25.12 -23.16
CA GLU F 4 15.32 23.76 -23.52
C GLU F 4 16.62 23.03 -23.84
N PHE F 5 17.72 23.67 -23.46
CA PHE F 5 19.02 23.05 -23.61
C PHE F 5 19.57 22.45 -24.88
N ILE F 6 20.58 23.08 -25.46
CA ILE F 6 21.09 22.47 -26.66
C ILE F 6 22.42 21.78 -26.64
N ARG F 7 22.41 20.51 -26.97
CA ARG F 7 23.67 19.84 -26.97
C ARG F 7 24.65 20.35 -28.01
N THR F 8 24.78 21.68 -28.13
CA THR F 8 25.75 22.21 -29.10
C THR F 8 27.24 21.83 -28.92
N LYS F 9 27.70 21.58 -27.68
CA LYS F 9 29.10 21.19 -27.40
C LYS F 9 29.08 20.01 -26.51
N PRO F 10 30.23 19.43 -26.31
CA PRO F 10 30.40 18.25 -25.45
C PRO F 10 30.21 18.74 -24.03
N HIS F 11 29.83 17.85 -23.13
CA HIS F 11 29.59 18.32 -21.75
C HIS F 11 30.52 17.69 -20.78
N VAL F 12 31.01 18.53 -19.88
CA VAL F 12 31.95 18.01 -18.92
C VAL F 12 31.76 18.47 -17.48
N ASN F 13 32.05 17.55 -16.56
CA ASN F 13 31.92 17.77 -15.12
C ASN F 13 33.25 17.97 -14.42
N VAL F 14 33.38 19.18 -13.91
CA VAL F 14 34.59 19.57 -13.21
C VAL F 14 34.32 20.35 -11.95
N GLY F 15 35.41 20.53 -11.19
CA GLY F 15 35.25 21.27 -9.96
C GLY F 15 36.56 21.61 -9.32
N THR F 16 36.34 22.33 -8.24
CA THR F 16 37.41 22.82 -7.42
C THR F 16 37.69 22.05 -6.15
N ILE F 17 38.97 21.76 -5.93
CA ILE F 17 39.39 21.07 -4.74
C ILE F 17 40.78 21.50 -4.23
N GLY F 18 41.06 21.12 -3.01
CA GLY F 18 42.33 21.42 -2.36
C GLY F 18 42.10 22.09 -1.01
N HIS F 19 43.18 22.12 -0.23
CA HIS F 19 43.19 22.74 1.10
C HIS F 19 42.28 23.97 1.37
N VAL F 20 41.91 24.11 2.61
CA VAL F 20 41.02 25.18 2.95
C VAL F 20 41.65 26.49 2.69
N ASP F 21 40.83 27.39 2.17
CA ASP F 21 41.25 28.76 1.85
C ASP F 21 42.22 29.05 0.68
N HIS F 22 42.82 28.02 0.13
CA HIS F 22 43.72 28.20 -0.97
C HIS F 22 43.18 28.98 -2.14
N GLY F 23 41.89 29.37 -2.07
CA GLY F 23 41.19 30.16 -3.09
C GLY F 23 40.27 29.45 -4.11
N LYS F 24 39.82 28.23 -3.82
CA LYS F 24 38.94 27.50 -4.73
C LYS F 24 37.69 28.30 -5.27
N THR F 25 36.96 28.93 -4.37
CA THR F 25 35.75 29.64 -4.70
C THR F 25 36.02 30.89 -5.51
N THR F 26 37.17 31.51 -5.25
CA THR F 26 37.50 32.71 -5.99
C THR F 26 37.66 32.30 -7.46
N LEU F 27 38.58 31.36 -7.68
CA LEU F 27 38.95 30.83 -8.95
C LEU F 27 37.71 30.43 -9.62
N THR F 28 36.71 30.07 -8.81
CA THR F 28 35.44 29.68 -9.39
C THR F 28 34.76 30.86 -10.06
N ALA F 29 34.45 31.91 -9.29
CA ALA F 29 33.81 33.13 -9.81
C ALA F 29 34.67 33.69 -10.94
N ALA F 30 35.97 33.50 -10.73
CA ALA F 30 36.96 33.94 -11.70
C ALA F 30 36.59 33.27 -13.02
N LEU F 31 36.57 31.94 -13.00
CA LEU F 31 36.26 31.14 -14.16
C LEU F 31 34.96 31.61 -14.81
N THR F 32 33.99 31.98 -14.00
CA THR F 32 32.75 32.42 -14.61
C THR F 32 32.91 33.64 -15.46
N TYR F 33 33.56 34.63 -14.90
CA TYR F 33 33.75 35.89 -15.60
C TYR F 33 34.43 35.92 -16.95
N VAL F 34 35.55 35.23 -16.97
CA VAL F 34 36.42 35.12 -18.11
C VAL F 34 35.79 34.42 -19.28
N ALA F 35 34.98 33.41 -18.97
CA ALA F 35 34.33 32.63 -20.01
C ALA F 35 33.14 33.42 -20.55
N ALA F 36 32.42 34.10 -19.65
CA ALA F 36 31.29 34.87 -20.11
C ALA F 36 31.70 35.92 -21.09
N ALA F 37 32.88 36.51 -20.88
CA ALA F 37 33.41 37.55 -21.76
C ALA F 37 33.48 36.99 -23.17
N GLU F 38 34.12 35.84 -23.31
CA GLU F 38 34.22 35.24 -24.63
C GLU F 38 33.14 34.27 -25.07
N ASN F 39 32.10 34.17 -24.24
CA ASN F 39 30.94 33.32 -24.46
C ASN F 39 29.79 33.93 -23.67
N PRO F 40 29.04 34.74 -24.40
CA PRO F 40 27.87 35.49 -23.97
C PRO F 40 27.06 35.04 -22.76
N ASN F 41 26.20 34.07 -23.05
CA ASN F 41 25.26 33.40 -22.16
C ASN F 41 25.88 32.57 -21.03
N VAL F 42 27.11 32.87 -20.63
CA VAL F 42 27.72 32.16 -19.52
C VAL F 42 27.37 33.18 -18.43
N GLU F 43 26.45 32.87 -17.50
CA GLU F 43 26.09 33.82 -16.44
C GLU F 43 27.14 33.86 -15.35
N VAL F 44 27.84 34.99 -15.23
CA VAL F 44 28.88 35.10 -14.22
C VAL F 44 28.32 35.06 -12.83
N LYS F 45 29.20 34.62 -11.96
CA LYS F 45 28.96 34.47 -10.54
C LYS F 45 30.13 34.97 -9.72
N ASP F 46 29.71 35.79 -8.77
CA ASP F 46 30.59 36.40 -7.79
C ASP F 46 30.68 35.46 -6.63
N TYR F 47 31.60 35.83 -5.75
CA TYR F 47 31.82 35.08 -4.54
C TYR F 47 30.49 34.98 -3.76
N GLY F 48 29.86 36.12 -3.51
CA GLY F 48 28.62 36.11 -2.78
C GLY F 48 27.58 35.31 -3.53
N ASP F 49 27.88 35.00 -4.78
CA ASP F 49 26.88 34.24 -5.52
C ASP F 49 27.09 32.85 -4.97
N ILE F 50 28.32 32.39 -5.18
CA ILE F 50 28.80 31.09 -4.71
C ILE F 50 28.50 30.89 -3.23
N ASP F 51 29.51 31.08 -2.34
CA ASP F 51 29.44 30.94 -0.87
C ASP F 51 28.03 31.33 -0.37
N LYS F 52 27.66 32.58 -0.54
CA LYS F 52 26.30 33.02 -0.23
C LYS F 52 25.34 32.45 0.81
N ALA F 53 25.69 31.43 1.57
CA ALA F 53 24.72 30.96 2.57
C ALA F 53 25.24 31.80 3.74
N PRO F 54 24.31 32.34 4.51
CA PRO F 54 24.57 33.17 5.70
C PRO F 54 25.77 32.66 6.49
N GLU F 55 25.79 31.35 6.70
CA GLU F 55 26.89 30.71 7.42
C GLU F 55 28.21 31.04 6.72
N GLU F 56 28.46 30.39 5.58
CA GLU F 56 29.64 30.56 4.75
C GLU F 56 30.15 31.98 4.66
N ARG F 57 29.17 32.89 4.62
CA ARG F 57 29.41 34.32 4.54
C ARG F 57 30.19 34.90 5.73
N ALA F 58 29.69 34.67 6.94
CA ALA F 58 30.34 35.19 8.13
C ALA F 58 31.71 34.52 8.34
N ARG F 59 31.66 33.20 8.41
CA ARG F 59 32.85 32.38 8.61
C ARG F 59 33.80 32.69 7.48
N GLY F 60 33.24 33.03 6.33
CA GLY F 60 34.06 33.34 5.18
C GLY F 60 34.67 32.02 4.73
N ILE F 61 33.81 31.02 4.62
CA ILE F 61 34.29 29.73 4.17
C ILE F 61 33.13 29.06 3.50
N THR F 62 33.50 28.19 2.58
CA THR F 62 32.49 27.45 1.84
C THR F 62 32.03 26.28 2.73
N ILE F 63 30.72 26.13 3.00
CA ILE F 63 30.20 24.98 3.78
C ILE F 63 29.44 24.02 2.84
N ASN F 64 28.60 24.53 1.95
CA ASN F 64 27.86 23.70 0.97
C ASN F 64 28.49 23.77 -0.43
N THR F 65 28.52 22.64 -1.14
CA THR F 65 29.12 22.64 -2.46
C THR F 65 28.13 23.44 -3.25
N ALA F 66 28.60 24.01 -4.36
CA ALA F 66 27.73 24.77 -5.26
C ALA F 66 28.02 24.37 -6.67
N HIS F 67 26.94 24.48 -7.43
CA HIS F 67 26.99 24.12 -8.84
C HIS F 67 26.92 25.32 -9.76
N VAL F 68 27.92 25.39 -10.63
CA VAL F 68 27.97 26.48 -11.59
C VAL F 68 28.11 25.90 -12.97
N GLU F 69 27.68 26.74 -13.90
CA GLU F 69 27.72 26.36 -15.29
C GLU F 69 28.56 27.43 -16.02
N TYR F 70 29.32 26.95 -16.99
CA TYR F 70 30.15 27.82 -17.81
C TYR F 70 30.72 26.97 -18.93
N GLU F 71 31.10 27.66 -20.00
CA GLU F 71 31.64 27.01 -21.18
C GLU F 71 32.73 27.78 -21.89
N THR F 72 33.39 27.01 -22.73
CA THR F 72 34.47 27.44 -23.56
C THR F 72 33.94 27.25 -25.00
N ALA F 73 34.76 27.50 -26.01
CA ALA F 73 34.28 27.31 -27.38
C ALA F 73 34.15 25.81 -27.58
N LYS F 74 35.11 25.09 -27.04
CA LYS F 74 35.12 23.64 -27.19
C LYS F 74 34.10 22.88 -26.31
N ARG F 75 33.81 23.38 -25.10
CA ARG F 75 32.88 22.68 -24.20
C ARG F 75 31.96 23.33 -23.20
N HIS F 76 31.01 22.50 -22.75
CA HIS F 76 30.00 22.90 -21.77
C HIS F 76 30.44 22.36 -20.43
N TYR F 77 30.53 23.26 -19.44
CA TYR F 77 30.96 22.86 -18.11
C TYR F 77 29.95 23.10 -17.00
N SER F 78 29.87 22.06 -16.18
CA SER F 78 29.08 21.95 -14.93
C SER F 78 30.24 22.01 -13.90
N HIS F 79 30.17 22.96 -12.97
CA HIS F 79 31.27 23.07 -12.01
C HIS F 79 30.84 23.02 -10.55
N VAL F 80 31.36 22.06 -9.80
CA VAL F 80 30.96 22.07 -8.40
C VAL F 80 32.14 22.58 -7.57
N ASP F 81 31.87 23.66 -6.86
CA ASP F 81 32.86 24.30 -6.05
C ASP F 81 32.74 23.69 -4.68
N CYS F 82 33.76 22.93 -4.26
CA CYS F 82 33.79 22.27 -2.95
C CYS F 82 34.48 23.09 -1.80
N PRO F 83 34.23 22.70 -0.54
CA PRO F 83 34.79 23.30 0.69
C PRO F 83 36.14 22.67 1.06
N GLY F 84 37.05 23.48 1.62
CA GLY F 84 38.41 23.00 1.98
C GLY F 84 38.62 22.68 3.46
N HIS F 85 37.61 23.09 4.22
CA HIS F 85 37.65 22.84 5.65
C HIS F 85 37.39 21.39 5.92
N ALA F 86 38.19 20.77 6.78
CA ALA F 86 38.02 19.34 7.10
C ALA F 86 36.70 18.92 7.76
N ASP F 87 35.96 19.89 8.27
CA ASP F 87 34.70 19.54 8.90
C ASP F 87 33.64 19.19 7.91
N TYR F 88 33.81 19.81 6.74
CA TYR F 88 32.92 19.71 5.61
C TYR F 88 33.35 18.74 4.51
N ILE F 89 34.32 17.90 4.86
CA ILE F 89 34.81 16.93 3.95
C ILE F 89 33.76 16.08 3.21
N LYS F 90 32.58 15.90 3.81
CA LYS F 90 31.56 15.09 3.17
C LYS F 90 31.25 15.63 1.78
N ASN F 91 30.64 16.80 1.85
CA ASN F 91 30.26 17.55 0.68
C ASN F 91 31.34 17.55 -0.40
N MET F 92 32.59 17.74 0.02
CA MET F 92 33.72 17.75 -0.88
C MET F 92 33.60 16.43 -1.58
N ILE F 93 33.50 15.40 -0.78
CA ILE F 93 33.41 14.10 -1.34
C ILE F 93 32.19 14.04 -2.20
N THR F 94 31.11 14.67 -1.73
CA THR F 94 29.95 14.58 -2.60
C THR F 94 30.21 15.25 -3.95
N GLY F 95 30.62 16.52 -3.94
CA GLY F 95 30.90 17.27 -5.15
C GLY F 95 31.84 16.47 -6.02
N ALA F 96 32.97 16.10 -5.44
CA ALA F 96 33.95 15.35 -6.16
C ALA F 96 33.42 14.11 -6.79
N ALA F 97 32.37 13.54 -6.21
CA ALA F 97 31.88 12.30 -6.81
C ALA F 97 31.22 12.52 -8.17
N GLN F 98 30.89 13.77 -8.48
CA GLN F 98 30.28 14.11 -9.73
C GLN F 98 31.32 14.67 -10.75
N MET F 99 32.60 14.56 -10.46
CA MET F 99 33.60 15.10 -11.37
C MET F 99 34.26 14.17 -12.37
N ASP F 100 34.45 14.70 -13.58
CA ASP F 100 35.10 13.98 -14.68
C ASP F 100 36.57 14.35 -14.62
N GLY F 101 36.79 15.53 -14.07
CA GLY F 101 38.12 16.03 -13.93
C GLY F 101 38.04 17.03 -12.80
N ALA F 102 39.12 17.04 -12.03
CA ALA F 102 39.20 17.93 -10.88
C ALA F 102 40.32 18.94 -10.95
N ILE F 103 39.90 20.18 -10.62
CA ILE F 103 40.80 21.33 -10.56
C ILE F 103 41.40 21.46 -9.13
N LEU F 104 42.63 20.96 -8.94
CA LEU F 104 43.33 21.00 -7.64
C LEU F 104 44.04 22.28 -7.35
N VAL F 105 43.38 23.16 -6.59
CA VAL F 105 43.94 24.45 -6.20
C VAL F 105 44.94 24.46 -5.03
N VAL F 106 46.21 24.72 -5.32
CA VAL F 106 47.20 24.74 -4.26
C VAL F 106 47.59 26.17 -4.17
N SER F 107 47.70 26.72 -2.97
CA SER F 107 48.14 28.13 -2.87
C SER F 107 49.65 28.03 -2.77
N ALA F 108 50.33 28.70 -3.70
CA ALA F 108 51.79 28.66 -3.73
C ALA F 108 52.44 29.31 -2.52
N ALA F 109 51.77 30.27 -1.88
CA ALA F 109 52.29 30.96 -0.69
C ALA F 109 52.32 29.97 0.48
N ASP F 110 51.49 28.94 0.36
CA ASP F 110 51.39 27.95 1.40
C ASP F 110 51.93 26.57 1.03
N GLY F 111 51.85 26.25 -0.26
CA GLY F 111 52.31 24.96 -0.75
C GLY F 111 51.27 23.94 -0.29
N PRO F 112 51.52 22.69 -0.64
CA PRO F 112 50.61 21.60 -0.25
C PRO F 112 50.36 21.42 1.26
N MET F 113 49.09 21.51 1.62
CA MET F 113 48.62 21.34 2.97
C MET F 113 47.86 20.01 3.08
N PRO F 114 47.27 19.78 4.24
CA PRO F 114 46.55 18.55 4.48
C PRO F 114 45.41 18.10 3.56
N GLN F 115 44.40 18.95 3.37
CA GLN F 115 43.29 18.59 2.50
C GLN F 115 43.74 18.38 1.08
N THR F 116 44.83 19.08 0.77
CA THR F 116 45.47 18.99 -0.53
C THR F 116 45.75 17.49 -0.62
N ARG F 117 46.47 16.88 0.30
CA ARG F 117 46.61 15.42 0.14
C ARG F 117 45.31 14.58 0.27
N GLU F 118 44.41 14.99 1.16
CA GLU F 118 43.16 14.25 1.35
C GLU F 118 42.36 14.33 0.04
N HIS F 119 42.05 15.56 -0.38
CA HIS F 119 41.29 15.77 -1.59
C HIS F 119 41.71 14.99 -2.76
N ILE F 120 43.00 14.82 -2.89
CA ILE F 120 43.44 14.04 -4.00
C ILE F 120 42.93 12.64 -3.68
N LEU F 121 43.33 12.11 -2.53
CA LEU F 121 42.89 10.76 -2.20
C LEU F 121 41.38 10.47 -2.28
N LEU F 122 40.62 11.43 -1.77
CA LEU F 122 39.17 11.34 -1.78
C LEU F 122 38.73 11.26 -3.24
N ALA F 123 39.13 12.30 -3.96
CA ALA F 123 38.84 12.49 -5.38
C ALA F 123 39.03 11.21 -6.10
N ARG F 124 40.12 10.55 -5.82
CA ARG F 124 40.36 9.31 -6.47
C ARG F 124 39.45 8.22 -6.01
N GLN F 125 39.21 8.15 -4.71
CA GLN F 125 38.39 7.06 -4.21
C GLN F 125 36.97 7.13 -4.78
N VAL F 126 36.62 8.36 -5.11
CA VAL F 126 35.32 8.68 -5.67
C VAL F 126 35.31 8.89 -7.20
N GLY F 127 36.20 8.15 -7.87
CA GLY F 127 36.30 8.19 -9.32
C GLY F 127 37.05 9.20 -10.19
N VAL F 128 37.36 10.40 -9.69
CA VAL F 128 38.09 11.35 -10.53
C VAL F 128 39.33 10.83 -11.23
N PRO F 129 39.27 10.83 -12.55
CA PRO F 129 40.41 10.28 -13.24
C PRO F 129 41.40 11.32 -13.74
N TYR F 130 41.04 12.61 -13.59
CA TYR F 130 41.92 13.67 -14.04
C TYR F 130 41.89 14.85 -13.15
N ILE F 131 43.12 15.26 -12.90
CA ILE F 131 43.32 16.42 -12.08
C ILE F 131 44.21 17.27 -12.91
N VAL F 132 43.87 18.54 -12.83
CA VAL F 132 44.61 19.54 -13.54
C VAL F 132 44.90 20.29 -12.25
N VAL F 133 46.07 20.94 -12.16
CA VAL F 133 46.37 21.67 -10.93
C VAL F 133 46.53 23.12 -11.24
N PHE F 134 46.12 23.90 -10.25
CA PHE F 134 46.29 25.29 -10.43
C PHE F 134 46.95 25.88 -9.17
N MET F 135 48.15 26.43 -9.37
CA MET F 135 48.95 27.08 -8.33
C MET F 135 48.42 28.53 -8.23
N ASN F 136 47.49 28.78 -7.32
CA ASN F 136 46.94 30.12 -7.14
C ASN F 136 47.86 30.88 -6.21
N LYS F 137 47.47 32.12 -5.85
CA LYS F 137 48.17 32.99 -4.94
C LYS F 137 49.62 33.20 -5.32
N VAL F 138 49.81 33.18 -6.63
CA VAL F 138 51.10 33.37 -7.23
C VAL F 138 51.49 34.82 -7.03
N ASP F 139 50.51 35.73 -6.97
CA ASP F 139 50.80 37.15 -6.73
C ASP F 139 51.59 37.40 -5.45
N MET F 140 51.40 36.55 -4.46
CA MET F 140 52.11 36.73 -3.20
C MET F 140 53.50 36.18 -3.18
N VAL F 141 53.84 35.27 -4.09
CA VAL F 141 55.14 34.62 -4.05
C VAL F 141 56.29 35.03 -4.90
N ASP F 142 57.30 35.58 -4.25
CA ASP F 142 58.42 35.98 -5.04
C ASP F 142 59.30 34.98 -5.73
N ASP F 143 59.79 34.01 -4.92
CA ASP F 143 60.70 32.94 -5.34
C ASP F 143 60.30 31.91 -6.37
N PRO F 144 61.08 31.94 -7.46
CA PRO F 144 60.95 31.07 -8.62
C PRO F 144 61.10 29.68 -8.17
N GLU F 145 62.24 29.50 -7.52
CA GLU F 145 62.73 28.27 -6.95
C GLU F 145 61.61 27.67 -6.11
N LEU F 146 61.05 28.49 -5.24
CA LEU F 146 59.95 28.06 -4.39
C LEU F 146 58.67 27.62 -5.12
N LEU F 147 58.28 28.38 -6.14
CA LEU F 147 57.12 28.03 -6.92
C LEU F 147 57.45 26.70 -7.53
N ASP F 148 58.71 26.57 -7.90
CA ASP F 148 59.12 25.33 -8.53
C ASP F 148 59.01 24.14 -7.60
N LEU F 149 59.34 24.42 -6.35
CA LEU F 149 59.29 23.41 -5.30
C LEU F 149 57.85 22.94 -5.04
N VAL F 150 56.96 23.91 -4.89
CA VAL F 150 55.56 23.68 -4.61
C VAL F 150 55.06 22.67 -5.64
N GLU F 151 55.51 22.92 -6.86
CA GLU F 151 55.14 22.10 -7.98
C GLU F 151 55.54 20.63 -7.90
N MET F 152 56.82 20.45 -7.58
CA MET F 152 57.41 19.13 -7.43
C MET F 152 56.56 18.44 -6.35
N GLU F 153 56.42 19.07 -5.19
CA GLU F 153 55.64 18.54 -4.08
C GLU F 153 54.26 18.08 -4.54
N VAL F 154 53.56 19.00 -5.17
CA VAL F 154 52.24 18.72 -5.67
C VAL F 154 52.37 17.53 -6.62
N ARG F 155 53.32 17.58 -7.55
CA ARG F 155 53.42 16.44 -8.45
C ARG F 155 53.72 15.06 -7.84
N ASP F 156 54.52 15.10 -6.79
CA ASP F 156 54.91 13.87 -6.12
C ASP F 156 53.71 13.33 -5.36
N LEU F 157 53.06 14.18 -4.60
CA LEU F 157 51.87 13.84 -3.83
C LEU F 157 50.88 13.13 -4.75
N LEU F 158 50.72 13.80 -5.90
CA LEU F 158 49.85 13.41 -6.98
C LEU F 158 50.30 11.99 -7.27
N ASN F 159 51.61 11.81 -7.35
CA ASN F 159 52.20 10.50 -7.64
C ASN F 159 51.97 9.43 -6.58
N GLN F 160 51.71 9.85 -5.36
CA GLN F 160 51.53 8.89 -4.28
C GLN F 160 50.19 8.22 -4.39
N TYR F 161 49.20 9.00 -4.82
CA TYR F 161 47.88 8.41 -4.96
C TYR F 161 47.70 7.91 -6.39
N GLU F 162 48.80 7.97 -7.13
CA GLU F 162 48.84 7.48 -8.51
C GLU F 162 48.39 8.27 -9.69
N PHE F 163 48.25 9.57 -9.53
CA PHE F 163 47.85 10.37 -10.66
C PHE F 163 49.15 10.51 -11.38
N PRO F 164 49.12 10.97 -12.63
CA PRO F 164 50.36 11.13 -13.40
C PRO F 164 50.83 12.57 -13.21
N GLY F 165 51.19 12.81 -11.96
CA GLY F 165 51.70 14.10 -11.50
C GLY F 165 52.75 14.56 -12.49
N ASP F 166 53.49 13.59 -13.04
CA ASP F 166 54.53 13.84 -14.00
C ASP F 166 53.94 14.58 -15.18
N GLU F 167 52.80 14.06 -15.64
CA GLU F 167 52.14 14.67 -16.79
C GLU F 167 51.10 15.73 -16.48
N VAL F 168 50.76 15.84 -15.21
CA VAL F 168 49.76 16.80 -14.89
C VAL F 168 50.05 18.21 -15.33
N PRO F 169 49.02 18.93 -15.71
CA PRO F 169 49.21 20.30 -16.12
C PRO F 169 49.27 21.05 -14.84
N VAL F 170 50.20 22.00 -14.73
CA VAL F 170 50.30 22.81 -13.52
C VAL F 170 50.29 24.27 -13.95
N ILE F 171 49.16 24.95 -13.80
CA ILE F 171 49.04 26.37 -14.16
C ILE F 171 49.35 27.19 -12.93
N ARG F 172 49.85 28.41 -13.10
CA ARG F 172 50.15 29.24 -11.92
C ARG F 172 49.51 30.60 -12.15
N GLY F 173 48.80 31.14 -11.17
CA GLY F 173 48.19 32.45 -11.39
C GLY F 173 47.53 32.92 -10.12
N SER F 174 47.02 34.15 -10.18
CA SER F 174 46.33 34.69 -9.04
C SER F 174 44.93 34.71 -9.57
N ALA F 175 44.04 34.17 -8.75
CA ALA F 175 42.63 34.06 -9.08
C ALA F 175 42.04 35.34 -8.56
N LEU F 176 42.66 35.79 -7.48
CA LEU F 176 42.23 37.01 -6.82
C LEU F 176 42.31 38.12 -7.84
N LEU F 177 43.46 38.13 -8.51
CA LEU F 177 43.73 39.12 -9.51
C LEU F 177 42.85 39.11 -10.75
N ALA F 178 42.71 37.96 -11.41
CA ALA F 178 41.86 38.01 -12.59
C ALA F 178 40.41 38.38 -12.27
N LEU F 179 39.93 37.95 -11.12
CA LEU F 179 38.55 38.26 -10.76
C LEU F 179 38.35 39.77 -10.73
N GLU F 180 39.30 40.37 -10.02
CA GLU F 180 39.36 41.78 -9.80
C GLU F 180 39.25 42.41 -11.17
N GLU F 181 40.16 41.97 -12.03
CA GLU F 181 40.26 42.43 -13.40
C GLU F 181 38.88 42.45 -14.08
N MET F 182 38.22 41.30 -14.07
CA MET F 182 36.90 41.21 -14.70
C MET F 182 35.90 42.09 -13.99
N HIS F 183 36.25 42.52 -12.79
CA HIS F 183 35.36 43.38 -12.06
C HIS F 183 35.60 44.75 -12.64
N LYS F 184 36.87 45.08 -12.88
CA LYS F 184 37.20 46.38 -13.48
C LYS F 184 36.51 46.34 -14.83
N ASN F 185 36.69 45.23 -15.52
CA ASN F 185 36.03 45.12 -16.80
C ASN F 185 35.81 43.80 -17.51
N PRO F 186 34.58 43.42 -17.22
CA PRO F 186 33.87 42.25 -17.67
C PRO F 186 34.16 41.93 -19.12
N LYS F 187 34.60 42.93 -19.87
CA LYS F 187 34.88 42.65 -21.28
C LYS F 187 36.26 42.19 -21.66
N THR F 188 37.07 41.98 -20.65
CA THR F 188 38.43 41.53 -20.94
C THR F 188 38.49 40.27 -21.81
N LYS F 189 39.46 40.21 -22.69
CA LYS F 189 39.54 39.05 -23.55
C LYS F 189 40.93 38.57 -23.41
N ARG F 190 41.19 37.37 -23.92
CA ARG F 190 42.53 36.82 -23.83
C ARG F 190 43.49 37.78 -24.51
N GLY F 191 44.71 37.82 -23.99
CA GLY F 191 45.73 38.70 -24.52
C GLY F 191 45.67 40.02 -23.78
N GLU F 192 44.46 40.57 -23.64
CA GLU F 192 44.32 41.83 -22.95
C GLU F 192 44.99 41.85 -21.57
N ASN F 193 44.71 40.84 -20.74
CA ASN F 193 45.31 40.82 -19.40
C ASN F 193 46.02 39.55 -18.95
N GLU F 194 47.09 39.78 -18.20
CA GLU F 194 48.00 38.77 -17.64
C GLU F 194 47.32 37.77 -16.73
N TRP F 195 46.77 38.31 -15.65
CA TRP F 195 46.06 37.51 -14.65
C TRP F 195 44.96 36.76 -15.33
N VAL F 196 44.15 37.52 -16.07
CA VAL F 196 43.04 37.00 -16.83
C VAL F 196 43.62 35.87 -17.72
N ASP F 197 44.64 36.15 -18.51
CA ASP F 197 45.24 35.11 -19.36
C ASP F 197 45.68 33.76 -18.71
N LYS F 198 46.03 33.83 -17.44
CA LYS F 198 46.43 32.59 -16.80
C LYS F 198 45.18 31.72 -16.77
N ILE F 199 44.03 32.30 -16.38
CA ILE F 199 42.78 31.56 -16.31
C ILE F 199 42.46 30.89 -17.60
N TRP F 200 42.76 31.65 -18.67
CA TRP F 200 42.51 31.13 -19.97
C TRP F 200 43.40 29.88 -20.03
N GLU F 201 44.61 29.94 -19.51
CA GLU F 201 45.45 28.74 -19.64
C GLU F 201 44.78 27.60 -18.86
N LEU F 202 44.13 27.93 -17.74
CA LEU F 202 43.45 26.90 -16.97
C LEU F 202 42.42 26.30 -17.93
N LEU F 203 41.47 27.16 -18.33
CA LEU F 203 40.38 26.86 -19.27
C LEU F 203 40.90 25.96 -20.36
N ASP F 204 42.00 26.37 -20.95
CA ASP F 204 42.55 25.51 -21.98
C ASP F 204 42.93 24.10 -21.53
N ALA F 205 43.74 24.05 -20.46
CA ALA F 205 44.21 22.77 -19.92
C ALA F 205 43.03 21.82 -19.70
N ILE F 206 41.97 22.40 -19.15
CA ILE F 206 40.72 21.70 -18.85
C ILE F 206 40.15 21.18 -20.16
N ASP F 207 40.06 22.10 -21.13
CA ASP F 207 39.56 21.76 -22.45
C ASP F 207 40.54 20.69 -22.99
N GLU F 208 41.84 20.98 -23.00
CA GLU F 208 42.76 19.96 -23.53
C GLU F 208 43.18 18.68 -22.82
N TYR F 209 43.55 18.82 -21.54
CA TYR F 209 44.01 17.73 -20.68
C TYR F 209 42.94 16.75 -20.23
N ILE F 210 41.86 17.27 -19.66
CA ILE F 210 40.75 16.43 -19.22
C ILE F 210 39.97 16.03 -20.47
N PRO F 211 40.11 14.79 -20.90
CA PRO F 211 39.43 14.31 -22.07
C PRO F 211 37.96 14.18 -21.80
N THR F 212 37.20 13.98 -22.87
CA THR F 212 35.80 13.78 -22.67
C THR F 212 35.69 12.29 -22.41
N PRO F 213 34.86 12.02 -21.43
CA PRO F 213 34.67 10.66 -21.00
C PRO F 213 33.78 9.83 -21.90
N VAL F 214 34.21 8.60 -22.16
CA VAL F 214 33.44 7.66 -22.97
C VAL F 214 32.40 7.12 -22.02
N ARG F 215 31.21 7.75 -22.00
CA ARG F 215 30.12 7.32 -21.12
C ARG F 215 29.51 6.05 -21.68
N ASP F 216 28.58 5.42 -20.96
CA ASP F 216 27.93 4.20 -21.44
C ASP F 216 26.46 4.50 -21.28
N VAL F 217 25.84 4.98 -22.36
CA VAL F 217 24.43 5.35 -22.36
C VAL F 217 23.64 4.09 -22.57
N ASP F 218 24.37 3.06 -22.98
CA ASP F 218 23.69 1.80 -23.20
C ASP F 218 23.39 0.95 -21.96
N LYS F 219 24.27 1.06 -20.98
CA LYS F 219 24.10 0.33 -19.75
C LYS F 219 22.85 0.90 -19.09
N PRO F 220 22.31 0.15 -18.14
CA PRO F 220 21.10 0.48 -17.39
C PRO F 220 21.30 1.75 -16.63
N PHE F 221 20.28 2.59 -16.62
CA PHE F 221 20.37 3.88 -15.95
C PHE F 221 20.72 3.75 -14.49
N LEU F 222 21.59 4.63 -14.06
CA LEU F 222 22.07 4.67 -12.69
C LEU F 222 22.50 6.10 -12.42
N MET F 223 21.83 6.76 -11.49
CA MET F 223 22.22 8.10 -11.16
C MET F 223 22.17 8.26 -9.63
N PRO F 224 23.35 8.53 -9.10
CA PRO F 224 23.52 8.66 -7.67
C PRO F 224 23.01 9.97 -7.16
N VAL F 225 22.13 9.88 -6.17
CA VAL F 225 21.61 11.13 -5.64
C VAL F 225 22.67 11.88 -4.87
N GLU F 226 22.75 13.16 -5.19
CA GLU F 226 23.69 14.06 -4.61
C GLU F 226 22.85 15.03 -3.81
N ASP F 227 21.61 15.20 -4.14
CA ASP F 227 20.91 16.17 -3.34
C ASP F 227 19.44 15.99 -3.67
N VAL F 228 18.58 16.56 -2.85
CA VAL F 228 17.18 16.41 -3.05
C VAL F 228 16.47 17.63 -2.57
N PHE F 229 15.70 18.27 -3.45
CA PHE F 229 14.94 19.47 -3.09
C PHE F 229 13.49 19.23 -3.35
N THR F 230 12.79 20.24 -2.89
CA THR F 230 11.35 20.33 -2.98
C THR F 230 11.18 21.68 -3.65
N ILE F 231 10.67 21.56 -4.86
CA ILE F 231 10.42 22.67 -5.70
C ILE F 231 8.94 22.87 -5.61
N THR F 232 8.55 24.14 -5.54
CA THR F 232 7.17 24.57 -5.44
C THR F 232 6.36 24.44 -6.74
N GLY F 233 5.13 23.94 -6.59
CA GLY F 233 4.23 23.74 -7.72
C GLY F 233 4.67 22.57 -8.55
N ARG F 234 5.80 21.98 -8.18
CA ARG F 234 6.28 20.86 -8.95
C ARG F 234 6.45 19.63 -8.10
N GLY F 235 7.41 19.60 -7.18
CA GLY F 235 7.57 18.42 -6.33
C GLY F 235 8.89 18.14 -5.65
N THR F 236 9.27 16.85 -5.71
CA THR F 236 10.48 16.31 -5.14
C THR F 236 11.47 15.92 -6.22
N VAL F 237 12.54 16.71 -6.22
CA VAL F 237 13.60 16.54 -7.19
C VAL F 237 14.90 15.99 -6.67
N ALA F 238 15.43 15.05 -7.40
CA ALA F 238 16.70 14.52 -6.98
C ALA F 238 17.73 14.96 -8.04
N THR F 239 18.85 15.57 -7.63
CA THR F 239 19.91 16.02 -8.51
C THR F 239 21.04 15.03 -8.32
N GLY F 240 21.90 14.87 -9.33
CA GLY F 240 23.03 13.95 -9.30
C GLY F 240 23.66 13.98 -10.72
N ARG F 241 24.70 13.20 -10.94
CA ARG F 241 25.31 13.19 -12.21
C ARG F 241 25.05 11.79 -12.68
N ILE F 242 24.36 11.63 -13.80
CA ILE F 242 24.05 10.32 -14.31
C ILE F 242 25.27 9.48 -14.57
N GLU F 243 25.36 8.30 -13.95
CA GLU F 243 26.47 7.37 -14.10
C GLU F 243 26.49 6.58 -15.42
N ARG F 244 25.34 6.05 -15.83
CA ARG F 244 25.25 5.28 -17.08
C ARG F 244 23.82 5.25 -17.63
N GLY F 245 23.69 4.87 -18.91
CA GLY F 245 22.38 4.80 -19.53
C GLY F 245 21.72 6.15 -19.62
N LYS F 246 20.39 6.15 -19.46
CA LYS F 246 19.61 7.41 -19.53
C LYS F 246 18.16 7.49 -19.06
N VAL F 247 17.59 8.68 -19.19
CA VAL F 247 16.21 8.92 -18.82
C VAL F 247 15.44 10.05 -19.49
N LYS F 248 14.15 9.81 -19.57
CA LYS F 248 13.23 10.75 -20.15
C LYS F 248 12.08 10.65 -19.24
N VAL F 249 11.36 11.76 -19.27
CA VAL F 249 10.17 12.01 -18.52
C VAL F 249 9.30 10.83 -18.80
N GLY F 250 8.60 10.37 -17.78
CA GLY F 250 7.77 9.21 -18.00
C GLY F 250 8.55 7.92 -17.76
N ASP F 251 9.88 7.90 -17.76
CA ASP F 251 10.48 6.60 -17.45
C ASP F 251 10.13 6.42 -15.94
N GLU F 252 10.16 5.17 -15.50
CA GLU F 252 9.87 4.96 -14.11
C GLU F 252 11.19 4.42 -13.56
N VAL F 253 11.66 4.98 -12.44
CA VAL F 253 12.93 4.48 -11.90
C VAL F 253 12.82 4.00 -10.49
N GLU F 254 13.88 3.29 -10.14
CA GLU F 254 13.95 2.75 -8.82
C GLU F 254 14.87 3.57 -7.90
N ILE F 255 14.39 3.80 -6.68
CA ILE F 255 15.14 4.49 -5.66
C ILE F 255 15.79 3.36 -4.78
N VAL F 256 17.05 3.06 -4.99
CA VAL F 256 17.80 2.05 -4.27
C VAL F 256 18.82 2.41 -3.12
N GLY F 257 18.94 1.54 -2.13
CA GLY F 257 19.85 1.70 -0.98
C GLY F 257 19.41 2.61 0.18
N LEU F 258 20.14 2.49 1.30
CA LEU F 258 19.89 3.29 2.51
C LEU F 258 18.58 3.06 3.21
N ALA F 259 17.87 2.02 2.83
CA ALA F 259 16.59 1.79 3.46
C ALA F 259 16.18 0.36 3.19
N PRO F 260 15.24 -0.03 4.06
CA PRO F 260 14.65 -1.36 4.11
C PRO F 260 14.38 -1.76 2.71
N GLU F 261 13.27 -1.26 2.21
CA GLU F 261 12.96 -1.58 0.86
C GLU F 261 13.06 -0.47 -0.16
N THR F 262 13.56 -0.84 -1.33
CA THR F 262 13.72 0.07 -2.45
C THR F 262 12.34 0.49 -3.00
N ARG F 263 12.20 1.76 -3.40
CA ARG F 263 10.94 2.30 -3.94
C ARG F 263 10.96 2.59 -5.46
N LYS F 264 9.80 2.86 -6.09
CA LYS F 264 9.68 3.12 -7.54
C LYS F 264 8.93 4.39 -7.85
N THR F 265 9.33 5.04 -8.95
CA THR F 265 8.69 6.30 -9.37
C THR F 265 8.94 6.52 -10.84
N VAL F 266 8.16 7.48 -11.33
CA VAL F 266 8.24 7.89 -12.73
C VAL F 266 8.89 9.25 -12.80
N VAL F 267 9.91 9.36 -13.65
CA VAL F 267 10.49 10.68 -13.73
C VAL F 267 9.50 11.53 -14.53
N THR F 268 9.31 12.75 -14.06
CA THR F 268 8.34 13.63 -14.66
C THR F 268 9.00 14.99 -14.92
N GLY F 269 10.31 15.01 -14.82
CA GLY F 269 11.04 16.26 -15.04
C GLY F 269 12.50 15.89 -15.21
N VAL F 270 13.18 16.61 -16.09
CA VAL F 270 14.60 16.40 -16.37
C VAL F 270 15.15 17.79 -16.66
N GLU F 271 16.12 18.23 -15.86
CA GLU F 271 16.69 19.56 -16.08
C GLU F 271 18.21 19.47 -16.00
N MET F 272 18.87 20.50 -16.53
CA MET F 272 20.33 20.67 -16.50
C MET F 272 20.40 22.16 -16.32
N HIS F 273 20.82 22.50 -15.11
CA HIS F 273 20.98 23.84 -14.62
C HIS F 273 19.74 24.54 -14.99
N ARG F 274 18.69 24.33 -14.23
CA ARG F 274 17.41 24.95 -14.49
C ARG F 274 16.94 24.97 -15.97
N LYS F 275 17.41 24.03 -16.79
CA LYS F 275 16.98 24.05 -18.19
C LYS F 275 16.46 22.73 -18.67
N THR F 276 15.27 22.76 -19.27
CA THR F 276 14.65 21.54 -19.76
C THR F 276 15.53 20.64 -20.59
N LEU F 277 15.35 19.34 -20.41
CA LEU F 277 16.15 18.35 -21.13
C LEU F 277 15.16 17.31 -21.63
N GLN F 278 15.37 16.85 -22.84
CA GLN F 278 14.44 15.88 -23.37
C GLN F 278 14.59 14.64 -22.51
N GLU F 279 15.80 14.17 -22.67
CA GLU F 279 16.18 12.97 -22.00
C GLU F 279 17.57 13.29 -21.57
N GLY F 280 17.87 13.04 -20.29
CA GLY F 280 19.20 13.27 -19.72
C GLY F 280 20.05 12.00 -19.96
N ILE F 281 21.33 12.13 -20.27
CA ILE F 281 22.10 10.91 -20.46
C ILE F 281 23.31 10.92 -19.56
N ALA F 282 23.94 9.75 -19.57
CA ALA F 282 25.16 9.52 -18.83
C ALA F 282 26.13 10.71 -18.95
N GLY F 283 26.28 11.45 -17.85
CA GLY F 283 27.18 12.58 -17.81
C GLY F 283 26.34 13.79 -17.50
N ASP F 284 25.04 13.62 -17.52
CA ASP F 284 24.36 14.85 -17.23
C ASP F 284 24.23 15.16 -15.77
N ASN F 285 24.51 16.41 -15.45
CA ASN F 285 24.35 16.76 -14.08
C ASN F 285 22.95 17.24 -14.20
N VAL F 286 22.04 16.33 -13.91
CA VAL F 286 20.64 16.69 -14.00
C VAL F 286 19.94 16.78 -12.64
N GLY F 287 18.63 16.97 -12.72
CA GLY F 287 17.69 17.10 -11.60
C GLY F 287 16.37 16.43 -12.04
N LEU F 288 15.92 15.38 -11.33
CA LEU F 288 14.68 14.70 -11.73
C LEU F 288 13.52 14.96 -10.85
N LEU F 289 12.33 15.18 -11.46
CA LEU F 289 11.09 15.38 -10.69
C LEU F 289 10.62 13.96 -10.53
N LEU F 290 10.13 13.65 -9.35
CA LEU F 290 9.73 12.27 -9.12
C LEU F 290 8.30 12.07 -8.68
N ARG F 291 7.58 11.26 -9.45
CA ARG F 291 6.20 11.05 -9.12
C ARG F 291 5.81 10.57 -7.71
N GLY F 292 5.37 11.49 -6.86
CA GLY F 292 4.96 11.20 -5.51
C GLY F 292 5.94 10.60 -4.48
N VAL F 293 7.05 11.28 -4.22
CA VAL F 293 8.04 10.83 -3.24
C VAL F 293 8.26 12.13 -2.49
N SER F 294 8.22 12.05 -1.17
CA SER F 294 8.40 13.22 -0.34
C SER F 294 9.90 13.29 -0.12
N ARG F 295 10.33 14.37 0.55
CA ARG F 295 11.75 14.59 0.81
C ARG F 295 12.15 13.32 1.56
N GLU F 296 11.36 12.98 2.57
CA GLU F 296 11.61 11.79 3.34
C GLU F 296 11.83 10.51 2.53
N GLU F 297 11.38 10.46 1.27
CA GLU F 297 11.63 9.22 0.60
C GLU F 297 12.76 9.10 -0.35
N VAL F 298 13.49 10.21 -0.50
CA VAL F 298 14.66 10.21 -1.38
C VAL F 298 15.73 11.01 -0.68
N GLU F 299 16.92 10.46 -0.73
CA GLU F 299 18.02 11.14 -0.06
C GLU F 299 19.40 10.90 -0.64
N ARG F 300 20.28 11.80 -0.23
CA ARG F 300 21.64 11.75 -0.70
C ARG F 300 22.20 10.46 -0.30
N GLY F 301 22.85 9.81 -1.23
CA GLY F 301 23.47 8.54 -0.84
C GLY F 301 22.71 7.44 -1.52
N GLN F 302 21.42 7.70 -1.83
CA GLN F 302 20.66 6.68 -2.55
C GLN F 302 20.88 6.73 -4.05
N VAL F 303 20.38 5.76 -4.78
CA VAL F 303 20.64 5.78 -6.20
C VAL F 303 19.35 5.60 -6.99
N LEU F 304 19.28 6.11 -8.22
CA LEU F 304 18.09 5.97 -9.08
C LEU F 304 18.54 5.04 -10.16
N ALA F 305 17.66 4.10 -10.45
CA ALA F 305 18.05 3.17 -11.50
C ALA F 305 16.87 2.49 -12.17
N LYS F 306 17.32 1.70 -13.13
CA LYS F 306 16.47 0.89 -13.96
C LYS F 306 15.98 -0.11 -12.96
N PRO F 307 14.67 -0.19 -12.98
CA PRO F 307 13.93 -1.06 -12.14
C PRO F 307 14.50 -2.44 -12.28
N GLY F 308 14.69 -2.99 -11.08
CA GLY F 308 15.25 -4.31 -10.91
C GLY F 308 16.61 -4.37 -11.54
N SER F 309 17.25 -3.24 -11.79
CA SER F 309 18.58 -3.35 -12.39
C SER F 309 19.64 -3.57 -11.32
N ILE F 310 19.32 -3.22 -10.08
CA ILE F 310 20.30 -3.33 -9.02
C ILE F 310 19.97 -3.80 -7.63
N THR F 311 20.94 -4.49 -7.03
CA THR F 311 20.82 -4.94 -5.64
C THR F 311 21.61 -4.25 -4.55
N PRO F 312 20.89 -3.76 -3.57
CA PRO F 312 21.51 -3.05 -2.46
C PRO F 312 22.30 -4.08 -1.67
N HIS F 313 23.29 -3.64 -0.91
CA HIS F 313 24.08 -4.61 -0.20
C HIS F 313 24.59 -4.23 1.15
N THR F 314 25.13 -5.22 1.85
CA THR F 314 25.70 -5.00 3.18
C THR F 314 27.04 -5.59 3.46
N LYS F 315 27.36 -6.74 2.90
CA LYS F 315 28.66 -7.29 3.19
C LYS F 315 29.45 -7.44 1.96
N PHE F 316 30.77 -7.37 2.11
CA PHE F 316 31.68 -7.54 0.98
C PHE F 316 33.12 -7.58 1.40
N GLU F 317 33.88 -8.33 0.62
CA GLU F 317 35.30 -8.53 0.78
C GLU F 317 35.91 -7.34 0.06
N ALA F 318 37.00 -6.77 0.54
CA ALA F 318 37.57 -5.63 -0.17
C ALA F 318 39.07 -5.56 0.08
N SER F 319 39.81 -5.15 -0.93
CA SER F 319 41.25 -5.00 -0.76
C SER F 319 41.51 -3.60 -0.22
N VAL F 320 41.97 -3.51 1.03
CA VAL F 320 42.20 -2.21 1.61
C VAL F 320 43.61 -1.75 1.86
N TYR F 321 43.75 -0.41 1.84
CA TYR F 321 44.97 0.34 2.11
C TYR F 321 44.75 1.41 3.15
N ILE F 322 45.31 1.08 4.32
CA ILE F 322 45.24 1.92 5.49
C ILE F 322 46.34 2.94 5.44
N LEU F 323 46.01 4.21 5.67
CA LEU F 323 47.00 5.30 5.64
C LEU F 323 47.98 5.31 6.81
N LYS F 324 49.05 6.08 6.65
CA LYS F 324 50.03 6.22 7.68
C LYS F 324 49.63 7.49 8.40
N LYS F 325 50.02 7.54 9.66
CA LYS F 325 49.76 8.62 10.60
C LYS F 325 50.15 9.84 9.84
N GLU F 326 51.32 9.61 9.28
CA GLU F 326 52.09 10.52 8.47
C GLU F 326 51.23 10.96 7.28
N GLU F 327 50.46 10.01 6.73
CA GLU F 327 49.56 10.26 5.60
C GLU F 327 48.26 10.86 6.08
N GLY F 328 48.23 11.28 7.34
CA GLY F 328 47.01 11.89 7.89
C GLY F 328 46.14 10.84 8.56
N GLY F 329 46.50 9.58 8.40
CA GLY F 329 45.66 8.56 9.03
C GLY F 329 45.79 8.34 10.55
N ARG F 330 45.44 7.11 10.93
CA ARG F 330 45.49 6.58 12.30
C ARG F 330 46.93 6.35 12.71
N HIS F 331 47.18 6.22 14.00
CA HIS F 331 48.56 5.91 14.35
C HIS F 331 48.52 4.77 15.29
N THR F 332 47.50 3.95 15.13
CA THR F 332 47.34 2.81 15.98
C THR F 332 46.68 1.83 15.06
N GLY F 333 46.75 0.57 15.40
CA GLY F 333 46.12 -0.39 14.55
C GLY F 333 44.67 -0.41 14.96
N PHE F 334 43.97 -1.47 14.56
CA PHE F 334 42.57 -1.64 14.93
C PHE F 334 42.31 -3.11 14.62
N PHE F 335 41.17 -3.58 15.09
CA PHE F 335 40.84 -4.96 14.87
C PHE F 335 39.38 -5.01 14.58
N THR F 336 39.01 -6.26 14.34
CA THR F 336 37.68 -6.69 14.09
C THR F 336 36.92 -6.05 15.19
N GLY F 337 35.83 -5.41 14.79
CA GLY F 337 34.94 -4.71 15.67
C GLY F 337 35.10 -3.25 15.29
N TYR F 338 36.15 -3.00 14.51
CA TYR F 338 36.36 -1.59 14.10
C TYR F 338 35.21 -1.00 13.27
N ARG F 339 34.63 0.06 13.76
CA ARG F 339 33.59 0.46 12.87
C ARG F 339 33.42 1.91 12.49
N PRO F 340 34.16 2.17 11.42
CA PRO F 340 34.32 3.42 10.68
C PRO F 340 33.31 3.56 9.52
N GLN F 341 33.35 4.73 8.87
CA GLN F 341 32.46 5.01 7.76
C GLN F 341 32.96 4.79 6.35
N PHE F 342 32.09 4.22 5.53
CA PHE F 342 32.52 3.99 4.16
C PHE F 342 31.84 4.92 3.20
N TYR F 343 32.65 5.45 2.28
CA TYR F 343 32.22 6.36 1.22
C TYR F 343 32.31 5.76 -0.17
N PHE F 344 31.16 5.67 -0.83
CA PHE F 344 31.18 5.13 -2.17
C PHE F 344 30.40 6.19 -2.86
N ARG F 345 31.02 6.90 -3.82
CA ARG F 345 30.33 7.97 -4.53
C ARG F 345 29.72 8.92 -3.51
N THR F 346 28.45 9.27 -3.67
CA THR F 346 27.76 10.19 -2.75
C THR F 346 27.20 9.54 -1.49
N THR F 347 27.51 8.26 -1.32
CA THR F 347 27.02 7.62 -0.13
C THR F 347 28.13 7.40 0.90
N ASP F 348 27.75 7.43 2.17
CA ASP F 348 28.67 7.13 3.27
C ASP F 348 27.90 6.26 4.27
N VAL F 349 28.47 5.16 4.70
CA VAL F 349 27.69 4.42 5.64
C VAL F 349 28.63 3.72 6.58
N THR F 350 28.24 3.71 7.85
CA THR F 350 29.00 3.00 8.85
C THR F 350 29.00 1.49 8.60
N GLY F 351 30.14 0.86 8.89
CA GLY F 351 30.32 -0.57 8.68
C GLY F 351 31.33 -1.19 9.65
N VAL F 352 31.13 -2.48 9.92
CA VAL F 352 31.96 -3.24 10.83
C VAL F 352 33.01 -4.01 10.11
N VAL F 353 34.24 -3.86 10.57
CA VAL F 353 35.33 -4.59 9.96
C VAL F 353 35.48 -5.99 10.54
N ARG F 354 35.95 -6.92 9.74
CA ARG F 354 36.16 -8.30 10.23
C ARG F 354 37.44 -8.73 9.53
N LEU F 355 38.54 -8.67 10.25
CA LEU F 355 39.81 -9.02 9.66
C LEU F 355 39.86 -10.49 9.35
N PRO F 356 40.65 -10.79 8.35
CA PRO F 356 40.83 -12.17 7.89
C PRO F 356 41.53 -13.01 8.94
N GLN F 357 41.37 -14.32 8.84
CA GLN F 357 42.01 -15.23 9.78
C GLN F 357 43.53 -15.05 9.60
N GLY F 358 44.28 -15.23 10.67
CA GLY F 358 45.71 -15.05 10.52
C GLY F 358 45.98 -13.54 10.44
N VAL F 359 45.00 -12.75 10.84
CA VAL F 359 45.19 -11.31 10.83
C VAL F 359 44.45 -10.79 12.04
N GLU F 360 45.24 -10.35 13.03
CA GLU F 360 44.72 -9.86 14.30
C GLU F 360 44.54 -8.37 14.54
N MET F 361 45.40 -7.54 13.96
CA MET F 361 45.20 -6.11 14.17
C MET F 361 45.86 -5.54 12.97
N VAL F 362 45.20 -4.58 12.33
CA VAL F 362 45.73 -3.96 11.14
C VAL F 362 46.44 -2.69 11.50
N MET F 363 47.64 -2.46 10.98
CA MET F 363 48.36 -1.23 11.35
C MET F 363 48.41 -0.14 10.30
N PRO F 364 48.62 1.10 10.72
CA PRO F 364 48.72 2.22 9.78
C PRO F 364 49.74 1.90 8.72
N GLY F 365 49.36 2.01 7.46
CA GLY F 365 50.31 1.70 6.40
C GLY F 365 50.11 0.31 5.80
N ASP F 366 49.48 -0.62 6.53
CA ASP F 366 49.24 -1.94 5.93
C ASP F 366 48.12 -1.92 4.85
N ASN F 367 48.27 -2.89 3.96
CA ASN F 367 47.33 -3.11 2.89
C ASN F 367 46.68 -4.43 3.34
N VAL F 368 45.55 -4.35 4.03
CA VAL F 368 44.93 -5.57 4.48
C VAL F 368 43.96 -5.89 3.38
N THR F 369 42.95 -6.59 3.83
CA THR F 369 41.89 -7.04 3.01
C THR F 369 41.00 -7.70 4.02
N PHE F 370 39.74 -7.37 3.95
CA PHE F 370 38.95 -8.02 4.94
C PHE F 370 37.56 -7.85 4.48
N THR F 371 36.65 -8.05 5.41
CA THR F 371 35.25 -7.95 5.13
C THR F 371 34.54 -6.76 5.72
N VAL F 372 33.52 -6.26 5.04
CA VAL F 372 32.83 -5.16 5.65
C VAL F 372 31.41 -5.60 5.71
N GLU F 373 30.70 -5.15 6.75
CA GLU F 373 29.33 -5.53 6.90
C GLU F 373 28.71 -4.20 7.25
N LEU F 374 28.05 -3.59 6.26
CA LEU F 374 27.43 -2.27 6.38
C LEU F 374 26.18 -2.17 7.18
N ILE F 375 26.05 -1.00 7.82
CA ILE F 375 24.87 -0.82 8.62
C ILE F 375 23.58 -0.52 7.91
N LYS F 376 23.63 -0.40 6.60
CA LYS F 376 22.46 -0.17 5.76
C LYS F 376 22.95 -0.63 4.44
N PRO F 377 21.99 -1.06 3.66
CA PRO F 377 22.25 -1.57 2.32
C PRO F 377 22.47 -0.41 1.32
N VAL F 378 23.35 -0.68 0.34
CA VAL F 378 23.72 0.27 -0.71
C VAL F 378 24.18 -0.40 -1.99
N ALA F 379 24.11 0.35 -3.09
CA ALA F 379 24.49 -0.07 -4.44
C ALA F 379 25.95 -0.47 -4.58
N LEU F 380 26.23 -1.75 -4.49
CA LEU F 380 27.64 -2.08 -4.59
C LEU F 380 27.92 -2.77 -5.86
N GLU F 381 29.20 -2.84 -6.17
CA GLU F 381 29.60 -3.48 -7.39
C GLU F 381 31.04 -3.80 -7.20
N GLU F 382 31.48 -5.00 -7.62
CA GLU F 382 32.87 -5.41 -7.51
C GLU F 382 33.67 -4.33 -8.22
N GLY F 383 34.95 -4.18 -7.91
CA GLY F 383 35.75 -3.13 -8.56
C GLY F 383 35.39 -1.69 -8.12
N LEU F 384 34.27 -1.52 -7.44
CA LEU F 384 33.86 -0.19 -6.98
C LEU F 384 34.87 0.28 -5.92
N ARG F 385 35.23 1.56 -5.98
CA ARG F 385 36.16 2.12 -5.01
C ARG F 385 35.43 2.76 -3.87
N PHE F 386 36.16 3.01 -2.79
CA PHE F 386 35.60 3.70 -1.65
C PHE F 386 36.73 4.30 -0.84
N ALA F 387 36.32 5.02 0.18
CA ALA F 387 37.21 5.70 1.08
C ALA F 387 36.75 5.41 2.51
N ILE F 388 37.72 5.11 3.37
CA ILE F 388 37.45 4.85 4.78
C ILE F 388 37.82 6.10 5.53
N ARG F 389 36.94 6.58 6.36
CA ARG F 389 37.18 7.77 7.13
C ARG F 389 36.60 7.48 8.51
N GLU F 390 37.20 8.08 9.54
CA GLU F 390 36.72 7.86 10.89
C GLU F 390 37.17 8.94 11.83
N GLY F 391 36.30 9.33 12.74
CA GLY F 391 36.54 10.39 13.72
C GLY F 391 37.25 11.58 13.10
N GLY F 392 36.60 12.28 12.18
CA GLY F 392 37.24 13.42 11.55
C GLY F 392 38.40 13.17 10.56
N ARG F 393 38.73 11.94 10.20
CA ARG F 393 39.84 11.85 9.28
C ARG F 393 39.73 10.60 8.41
N THR F 394 40.41 10.64 7.27
CA THR F 394 40.34 9.50 6.38
C THR F 394 41.27 8.49 6.91
N VAL F 395 40.94 7.23 6.79
CA VAL F 395 41.83 6.24 7.31
C VAL F 395 42.19 5.11 6.35
N GLY F 396 41.40 4.88 5.31
CA GLY F 396 41.76 3.81 4.40
C GLY F 396 41.28 4.37 3.10
N ALA F 397 41.40 3.55 2.07
CA ALA F 397 41.02 3.83 0.68
C ALA F 397 41.19 2.43 0.13
N GLY F 398 40.13 1.85 -0.43
CA GLY F 398 40.20 0.48 -0.96
C GLY F 398 39.14 0.29 -2.02
N VAL F 399 38.88 -0.96 -2.39
CA VAL F 399 37.89 -1.27 -3.42
C VAL F 399 37.15 -2.57 -3.17
N VAL F 400 35.89 -2.60 -3.62
CA VAL F 400 35.06 -3.78 -3.47
C VAL F 400 35.59 -4.96 -4.25
N THR F 401 35.90 -5.99 -3.52
CA THR F 401 36.47 -7.12 -4.17
C THR F 401 35.51 -8.25 -4.45
N LYS F 402 34.41 -8.29 -3.71
CA LYS F 402 33.44 -9.35 -3.90
C LYS F 402 32.28 -9.02 -3.02
N ILE F 403 31.08 -9.39 -3.44
CA ILE F 403 29.97 -9.02 -2.58
C ILE F 403 29.45 -10.23 -1.84
N LEU F 404 29.33 -10.08 -0.53
CA LEU F 404 28.87 -11.17 0.30
C LEU F 404 27.36 -11.22 0.35
N GLU F 405 26.77 -10.12 0.78
CA GLU F 405 25.33 -10.03 0.85
C GLU F 405 24.94 -8.58 0.62
MG MG G . -16.72 -13.93 27.73
N PHE H . -19.61 20.72 12.27
CA PHE H . -20.15 19.44 12.22
C PHE H . -20.50 19.00 10.86
O PHE H . -21.72 19.05 10.61
CB PHE H . -21.47 19.28 12.93
CG PHE H . -21.60 17.79 13.08
CD1 PHE H . -20.73 17.11 13.92
CD2 PHE H . -22.55 17.09 12.37
CE1 PHE H . -20.84 15.74 14.06
CE2 PHE H . -22.66 15.71 12.50
CZ PHE H . -21.80 15.05 13.34
MG MG I . 16.33 -33.99 -8.38
N PHE J . -14.72 -17.71 -23.02
CA PHE J . -13.36 -18.01 -23.06
C PHE J . -12.59 -16.87 -23.84
O PHE J . -12.61 -16.96 -25.08
CB PHE J . -13.05 -19.23 -23.92
CG PHE J . -11.60 -19.59 -23.75
CD1 PHE J . -11.15 -20.13 -22.56
CD2 PHE J . -10.68 -19.36 -24.78
CE1 PHE J . -9.81 -20.44 -22.41
CE2 PHE J . -9.33 -19.67 -24.63
CZ PHE J . -8.89 -20.20 -23.46
MG MG K . 29.71 11.52 22.82
N PHE L . 21.19 20.22 -13.34
CA PHE L . 21.02 20.56 -12.00
C PHE L . 19.86 21.46 -11.66
O PHE L . 20.01 22.72 -11.80
CB PHE L . 22.29 21.32 -11.72
CG PHE L . 22.24 21.43 -10.23
CD1 PHE L . 22.50 20.33 -9.43
CD2 PHE L . 21.94 22.63 -9.64
CE1 PHE L . 22.44 20.42 -8.06
CE2 PHE L . 21.87 22.73 -8.25
CZ PHE L . 22.12 21.62 -7.47
MG MG M . -34.61 8.85 22.10
PG GNP N . -33.87 7.39 24.89
O1G GNP N . -34.10 6.09 24.19
O2G GNP N . -33.46 7.21 26.30
O3G GNP N . -33.06 8.25 23.95
N3B GNP N . -35.23 8.15 25.22
PB GNP N . -35.59 9.68 25.08
O1B GNP N . -35.51 10.44 26.33
O2B GNP N . -34.90 10.08 23.86
O3A GNP N . -37.09 9.73 24.79
PA GNP N . -38.08 9.89 23.67
O1A GNP N . -37.50 8.90 22.73
O2A GNP N . -38.32 11.31 23.32
O5' GNP N . -39.60 9.58 23.95
C5' GNP N . -39.79 8.66 24.96
C4' GNP N . -41.27 8.52 24.82
O4' GNP N . -42.10 9.43 25.61
C3' GNP N . -41.76 8.77 23.43
O3' GNP N . -42.91 7.95 23.37
C2' GNP N . -42.30 10.17 23.55
O2' GNP N . -43.20 10.48 22.50
C1' GNP N . -43.10 9.93 24.80
N9 GNP N . -43.52 11.16 25.44
C8 GNP N . -42.43 11.93 25.08
N7 GNP N . -42.53 13.17 25.50
C5 GNP N . -43.76 13.18 26.17
C6 GNP N . -44.35 14.23 26.87
O6 GNP N . -43.90 15.39 26.96
N1 GNP N . -45.56 13.81 27.42
C2 GNP N . -46.13 12.57 27.32
N2 GNP N . -47.31 12.39 27.92
N3 GNP N . -45.56 11.55 26.69
C4 GNP N . -44.38 11.96 26.15
MG MG O . -3.35 -33.46 -30.92
PG GNP P . -2.21 -35.89 -29.10
O1G GNP P . -0.89 -35.38 -29.51
O2G GNP P . -2.07 -36.82 -27.94
O3G GNP P . -3.22 -34.80 -28.80
N3B GNP P . -2.74 -36.80 -30.36
PB GNP P . -4.13 -36.69 -31.20
O1B GNP P . -5.06 -37.65 -30.60
O2B GNP P . -4.74 -35.32 -30.98
O3A GNP P . -3.95 -37.03 -32.65
PA GNP P . -3.94 -36.18 -33.91
O1A GNP P . -2.91 -35.21 -33.51
O2A GNP P . -5.25 -35.65 -34.46
O5' GNP P . -3.31 -37.04 -35.07
C5' GNP P . -2.70 -38.18 -34.55
C4' GNP P . -2.09 -38.88 -35.73
O4' GNP P . -3.07 -39.84 -36.22
C3' GNP P . -1.89 -37.93 -36.90
O3' GNP P . -0.84 -38.39 -37.71
C2' GNP P . -3.21 -38.03 -37.68
O2' GNP P . -3.18 -37.60 -39.05
C1' GNP P . -3.52 -39.51 -37.53
N9 GNP P . -4.97 -39.62 -37.59
C8 GNP P . -6.03 -38.97 -37.01
N7 GNP P . -7.20 -39.37 -37.41
C5 GNP P . -6.91 -40.37 -38.33
C6 GNP P . -7.77 -41.20 -39.08
O6 GNP P . -9.02 -41.22 -39.13
N1 GNP P . -7.04 -42.07 -39.89
C2 GNP P . -5.67 -42.11 -39.95
N2 GNP P . -5.10 -42.98 -40.79
N3 GNP P . -4.84 -41.38 -39.21
C4 GNP P . -5.54 -40.52 -38.44
MG MG Q . 35.21 29.49 -0.31
PG GNP R . 37.07 27.25 1.13
O1G GNP R . 36.11 27.81 2.19
O2G GNP R . 37.83 26.03 1.44
O3G GNP R . 36.35 27.11 -0.22
N3B GNP R . 38.27 28.26 0.72
PB GNP R . 38.65 28.71 -0.80
O1B GNP R . 39.78 27.84 -1.18
O2B GNP R . 37.26 28.89 -1.35
O3A GNP R . 39.24 30.04 -1.08
PA GNP R . 38.53 31.32 -1.28
O1A GNP R . 37.39 31.10 -0.35
O2A GNP R . 38.39 31.54 -2.77
O5' GNP R . 39.99 31.73 -0.70
C5' GNP R . 40.43 32.37 0.55
C4' GNP R . 41.07 33.78 0.48
O4' GNP R . 42.38 33.84 -0.16
C3' GNP R . 40.25 34.95 -0.05
O3' GNP R . 40.13 35.99 0.87
C2' GNP R . 40.98 35.35 -1.34
O2' GNP R . 41.08 36.69 -1.73
C1' GNP R . 42.41 34.89 -1.14
N9 GNP R . 42.62 34.38 -2.48
C8 GNP R . 42.23 33.65 -3.58
N7 GNP R . 43.07 33.71 -4.58
C5 GNP R . 44.08 34.54 -4.08
C6 GNP R . 45.28 34.95 -4.68
O6 GNP R . 45.68 34.65 -5.80
N1 GNP R . 46.05 35.75 -3.86
C2 GNP R . 45.65 36.12 -2.59
N2 GNP R . 46.46 36.92 -1.89
N3 GNP R . 44.54 35.74 -1.97
C4 GNP R . 43.81 34.96 -2.80
#